data_1SHA
# 
_entry.id   1SHA 
# 
_audit_conform.dict_name       mmcif_pdbx.dic 
_audit_conform.dict_version    5.397 
_audit_conform.dict_location   http://mmcif.pdb.org/dictionaries/ascii/mmcif_pdbx.dic 
# 
loop_
_database_2.database_id 
_database_2.database_code 
_database_2.pdbx_database_accession 
_database_2.pdbx_DOI 
PDB   1SHA         pdb_00001sha 10.2210/pdb1sha/pdb 
WWPDB D_1000176369 ?            ?                   
# 
loop_
_pdbx_audit_revision_history.ordinal 
_pdbx_audit_revision_history.data_content_type 
_pdbx_audit_revision_history.major_revision 
_pdbx_audit_revision_history.minor_revision 
_pdbx_audit_revision_history.revision_date 
1 'Structure model' 1 0 1993-10-31 
2 'Structure model' 1 1 2008-03-24 
3 'Structure model' 1 2 2011-07-13 
4 'Structure model' 1 3 2024-06-05 
5 'Structure model' 1 4 2024-10-30 
# 
_pdbx_audit_revision_details.ordinal             1 
_pdbx_audit_revision_details.revision_ordinal    1 
_pdbx_audit_revision_details.data_content_type   'Structure model' 
_pdbx_audit_revision_details.provider            repository 
_pdbx_audit_revision_details.type                'Initial release' 
_pdbx_audit_revision_details.description         ? 
_pdbx_audit_revision_details.details             ? 
# 
loop_
_pdbx_audit_revision_group.ordinal 
_pdbx_audit_revision_group.revision_ordinal 
_pdbx_audit_revision_group.data_content_type 
_pdbx_audit_revision_group.group 
1 2 'Structure model' 'Version format compliance' 
2 3 'Structure model' 'Version format compliance' 
3 4 'Structure model' 'Data collection'           
4 4 'Structure model' 'Database references'       
5 4 'Structure model' 'Derived calculations'      
6 4 'Structure model' Other                       
7 5 'Structure model' 'Structure summary'         
# 
loop_
_pdbx_audit_revision_category.ordinal 
_pdbx_audit_revision_category.revision_ordinal 
_pdbx_audit_revision_category.data_content_type 
_pdbx_audit_revision_category.category 
1 4 'Structure model' chem_comp_atom            
2 4 'Structure model' chem_comp_bond            
3 4 'Structure model' database_2                
4 4 'Structure model' pdbx_database_status      
5 4 'Structure model' struct_conn               
6 5 'Structure model' pdbx_entry_details        
7 5 'Structure model' pdbx_modification_feature 
# 
loop_
_pdbx_audit_revision_item.ordinal 
_pdbx_audit_revision_item.revision_ordinal 
_pdbx_audit_revision_item.data_content_type 
_pdbx_audit_revision_item.item 
1 4 'Structure model' '_database_2.pdbx_DOI'                
2 4 'Structure model' '_database_2.pdbx_database_accession' 
3 4 'Structure model' '_pdbx_database_status.process_site'  
4 4 'Structure model' '_struct_conn.pdbx_leaving_atom_flag' 
# 
_pdbx_database_status.status_code                     REL 
_pdbx_database_status.entry_id                        1SHA 
_pdbx_database_status.recvd_initial_deposition_date   1992-08-18 
_pdbx_database_status.deposit_site                    ? 
_pdbx_database_status.process_site                    BNL 
_pdbx_database_status.status_code_sf                  REL 
_pdbx_database_status.status_code_mr                  ? 
_pdbx_database_status.SG_entry                        ? 
_pdbx_database_status.pdb_format_compatible           Y 
_pdbx_database_status.status_code_cs                  ? 
_pdbx_database_status.status_code_nmr_data            ? 
_pdbx_database_status.methods_development_category    ? 
# 
loop_
_audit_author.name 
_audit_author.pdbx_ordinal 
'Waksman, G.' 1 
'Kuriyan, J.' 2 
# 
_citation.id                        primary 
_citation.title                     
'Crystal structure of the phosphotyrosine recognition domain SH2 of v-src complexed with tyrosine-phosphorylated peptides.' 
_citation.journal_abbrev            Nature 
_citation.journal_volume            358 
_citation.page_first                646 
_citation.page_last                 653 
_citation.year                      1992 
_citation.journal_id_ASTM           NATUAS 
_citation.country                   UK 
_citation.journal_id_ISSN           0028-0836 
_citation.journal_id_CSD            0006 
_citation.book_publisher            ? 
_citation.pdbx_database_id_PubMed   1379696 
_citation.pdbx_database_id_DOI      10.1038/358646a0 
# 
loop_
_citation_author.citation_id 
_citation_author.name 
_citation_author.ordinal 
_citation_author.identifier_ORCID 
primary 'Waksman, G.'     1  ? 
primary 'Kominos, D.'     2  ? 
primary 'Robertson, S.C.' 3  ? 
primary 'Pant, N.'        4  ? 
primary 'Baltimore, D.'   5  ? 
primary 'Birge, R.B.'     6  ? 
primary 'Cowburn, D.'     7  ? 
primary 'Hanafusa, H.'    8  ? 
primary 'Mayer, B.J.'     9  ? 
primary 'Overduin, M.'    10 ? 
primary 'Resh, M.D.'      11 ? 
primary 'Rios, C.B.'      12 ? 
primary 'Silverman, L.'   13 ? 
primary 'Kuriyan, J.'     14 ? 
# 
loop_
_entity.id 
_entity.type 
_entity.src_method 
_entity.pdbx_description 
_entity.formula_weight 
_entity.pdbx_number_of_molecules 
_entity.pdbx_ec 
_entity.pdbx_mutation 
_entity.pdbx_fragment 
_entity.details 
1 polymer man 'V-SRC SH2 DOMAIN' 11970.480 1  2.7.1.112 ? ? ? 
2 polymer man 'PHOSPHOPEPTIDE A' 701.767   1  ?         ? ? ? 
3 water   nat water              18.015    58 ?         ? ? ? 
# 
loop_
_entity_poly.entity_id 
_entity_poly.type 
_entity_poly.nstd_linkage 
_entity_poly.nstd_monomer 
_entity_poly.pdbx_seq_one_letter_code 
_entity_poly.pdbx_seq_one_letter_code_can 
_entity_poly.pdbx_strand_id 
_entity_poly.pdbx_target_identifier 
1 'polypeptide(L)' no no  
;QAEEWYFGKITRRESERLLLNPENPRGTFLVRESETTKGAYCLSVSDFDNAKGLNVKHYKIRKLDSGGFYITSRTQFSSL
QQLVAYYSKHADGLCHRLTNVCPT
;
;QAEEWYFGKITRRESERLLLNPENPRGTFLVRESETTKGAYCLSVSDFDNAKGLNVKHYKIRKLDSGGFYITSRTQFSSL
QQLVAYYSKHADGLCHRLTNVCPT
;
A ? 
2 'polypeptide(L)' no yes '(PTR)VPML' YVPML B ? 
# 
_pdbx_entity_nonpoly.entity_id   3 
_pdbx_entity_nonpoly.name        water 
_pdbx_entity_nonpoly.comp_id     HOH 
# 
loop_
_entity_poly_seq.entity_id 
_entity_poly_seq.num 
_entity_poly_seq.mon_id 
_entity_poly_seq.hetero 
1 1   GLN n 
1 2   ALA n 
1 3   GLU n 
1 4   GLU n 
1 5   TRP n 
1 6   TYR n 
1 7   PHE n 
1 8   GLY n 
1 9   LYS n 
1 10  ILE n 
1 11  THR n 
1 12  ARG n 
1 13  ARG n 
1 14  GLU n 
1 15  SER n 
1 16  GLU n 
1 17  ARG n 
1 18  LEU n 
1 19  LEU n 
1 20  LEU n 
1 21  ASN n 
1 22  PRO n 
1 23  GLU n 
1 24  ASN n 
1 25  PRO n 
1 26  ARG n 
1 27  GLY n 
1 28  THR n 
1 29  PHE n 
1 30  LEU n 
1 31  VAL n 
1 32  ARG n 
1 33  GLU n 
1 34  SER n 
1 35  GLU n 
1 36  THR n 
1 37  THR n 
1 38  LYS n 
1 39  GLY n 
1 40  ALA n 
1 41  TYR n 
1 42  CYS n 
1 43  LEU n 
1 44  SER n 
1 45  VAL n 
1 46  SER n 
1 47  ASP n 
1 48  PHE n 
1 49  ASP n 
1 50  ASN n 
1 51  ALA n 
1 52  LYS n 
1 53  GLY n 
1 54  LEU n 
1 55  ASN n 
1 56  VAL n 
1 57  LYS n 
1 58  HIS n 
1 59  TYR n 
1 60  LYS n 
1 61  ILE n 
1 62  ARG n 
1 63  LYS n 
1 64  LEU n 
1 65  ASP n 
1 66  SER n 
1 67  GLY n 
1 68  GLY n 
1 69  PHE n 
1 70  TYR n 
1 71  ILE n 
1 72  THR n 
1 73  SER n 
1 74  ARG n 
1 75  THR n 
1 76  GLN n 
1 77  PHE n 
1 78  SER n 
1 79  SER n 
1 80  LEU n 
1 81  GLN n 
1 82  GLN n 
1 83  LEU n 
1 84  VAL n 
1 85  ALA n 
1 86  TYR n 
1 87  TYR n 
1 88  SER n 
1 89  LYS n 
1 90  HIS n 
1 91  ALA n 
1 92  ASP n 
1 93  GLY n 
1 94  LEU n 
1 95  CYS n 
1 96  HIS n 
1 97  ARG n 
1 98  LEU n 
1 99  THR n 
1 100 ASN n 
1 101 VAL n 
1 102 CYS n 
1 103 PRO n 
1 104 THR n 
2 1   PTR n 
2 2   VAL n 
2 3   PRO n 
2 4   MET n 
2 5   LEU n 
# 
loop_
_entity_src_gen.entity_id 
_entity_src_gen.pdbx_src_id 
_entity_src_gen.pdbx_alt_source_flag 
_entity_src_gen.pdbx_seq_type 
_entity_src_gen.pdbx_beg_seq_num 
_entity_src_gen.pdbx_end_seq_num 
_entity_src_gen.gene_src_common_name 
_entity_src_gen.gene_src_genus 
_entity_src_gen.pdbx_gene_src_gene 
_entity_src_gen.gene_src_species 
_entity_src_gen.gene_src_strain 
_entity_src_gen.gene_src_tissue 
_entity_src_gen.gene_src_tissue_fraction 
_entity_src_gen.gene_src_details 
_entity_src_gen.pdbx_gene_src_fragment 
_entity_src_gen.pdbx_gene_src_scientific_name 
_entity_src_gen.pdbx_gene_src_ncbi_taxonomy_id 
_entity_src_gen.pdbx_gene_src_variant 
_entity_src_gen.pdbx_gene_src_cell_line 
_entity_src_gen.pdbx_gene_src_atcc 
_entity_src_gen.pdbx_gene_src_organ 
_entity_src_gen.pdbx_gene_src_organelle 
_entity_src_gen.pdbx_gene_src_cell 
_entity_src_gen.pdbx_gene_src_cellular_location 
_entity_src_gen.host_org_common_name 
_entity_src_gen.pdbx_host_org_scientific_name 
_entity_src_gen.pdbx_host_org_ncbi_taxonomy_id 
_entity_src_gen.host_org_genus 
_entity_src_gen.pdbx_host_org_gene 
_entity_src_gen.pdbx_host_org_organ 
_entity_src_gen.host_org_species 
_entity_src_gen.pdbx_host_org_tissue 
_entity_src_gen.pdbx_host_org_tissue_fraction 
_entity_src_gen.pdbx_host_org_strain 
_entity_src_gen.pdbx_host_org_variant 
_entity_src_gen.pdbx_host_org_cell_line 
_entity_src_gen.pdbx_host_org_atcc 
_entity_src_gen.pdbx_host_org_culture_collection 
_entity_src_gen.pdbx_host_org_cell 
_entity_src_gen.pdbx_host_org_organelle 
_entity_src_gen.pdbx_host_org_cellular_location 
_entity_src_gen.pdbx_host_org_vector_type 
_entity_src_gen.pdbx_host_org_vector 
_entity_src_gen.host_org_details 
_entity_src_gen.expression_system_id 
_entity_src_gen.plasmid_name 
_entity_src_gen.plasmid_details 
_entity_src_gen.pdbx_description 
1 1 sample ? ? ? ? Alpharetrovirus ? ? ? ? ? ? ? 'Rous sarcoma virus' 11886 ? ? ? ? ? ? ? ? ? ? ? ? ? ? ? ? ? ? ? ? ? ? ? ? ? ? ? 
? ? ? ? 
2 1 sample ? ? ? ? Alpharetrovirus ? ? ? ? ? ? ? 'Rous sarcoma virus' 11886 ? ? ? ? ? ? ? ? ? ? ? ? ? ? ? ? ? ? ? ? ? ? ? ? ? ? ? 
? ? ? ? 
# 
loop_
_chem_comp.id 
_chem_comp.type 
_chem_comp.mon_nstd_flag 
_chem_comp.name 
_chem_comp.pdbx_synonyms 
_chem_comp.formula 
_chem_comp.formula_weight 
ALA 'L-peptide linking' y ALANINE           ?                 'C3 H7 N O2'     89.093  
ARG 'L-peptide linking' y ARGININE          ?                 'C6 H15 N4 O2 1' 175.209 
ASN 'L-peptide linking' y ASPARAGINE        ?                 'C4 H8 N2 O3'    132.118 
ASP 'L-peptide linking' y 'ASPARTIC ACID'   ?                 'C4 H7 N O4'     133.103 
CYS 'L-peptide linking' y CYSTEINE          ?                 'C3 H7 N O2 S'   121.158 
GLN 'L-peptide linking' y GLUTAMINE         ?                 'C5 H10 N2 O3'   146.144 
GLU 'L-peptide linking' y 'GLUTAMIC ACID'   ?                 'C5 H9 N O4'     147.129 
GLY 'peptide linking'   y GLYCINE           ?                 'C2 H5 N O2'     75.067  
HIS 'L-peptide linking' y HISTIDINE         ?                 'C6 H10 N3 O2 1' 156.162 
HOH non-polymer         . WATER             ?                 'H2 O'           18.015  
ILE 'L-peptide linking' y ISOLEUCINE        ?                 'C6 H13 N O2'    131.173 
LEU 'L-peptide linking' y LEUCINE           ?                 'C6 H13 N O2'    131.173 
LYS 'L-peptide linking' y LYSINE            ?                 'C6 H15 N2 O2 1' 147.195 
MET 'L-peptide linking' y METHIONINE        ?                 'C5 H11 N O2 S'  149.211 
PHE 'L-peptide linking' y PHENYLALANINE     ?                 'C9 H11 N O2'    165.189 
PRO 'L-peptide linking' y PROLINE           ?                 'C5 H9 N O2'     115.130 
PTR 'L-peptide linking' n O-PHOSPHOTYROSINE PHOSPHONOTYROSINE 'C9 H12 N O6 P'  261.168 
SER 'L-peptide linking' y SERINE            ?                 'C3 H7 N O3'     105.093 
THR 'L-peptide linking' y THREONINE         ?                 'C4 H9 N O3'     119.119 
TRP 'L-peptide linking' y TRYPTOPHAN        ?                 'C11 H12 N2 O2'  204.225 
TYR 'L-peptide linking' y TYROSINE          ?                 'C9 H11 N O3'    181.189 
VAL 'L-peptide linking' y VALINE            ?                 'C5 H11 N O2'    117.146 
# 
loop_
_pdbx_poly_seq_scheme.asym_id 
_pdbx_poly_seq_scheme.entity_id 
_pdbx_poly_seq_scheme.seq_id 
_pdbx_poly_seq_scheme.mon_id 
_pdbx_poly_seq_scheme.ndb_seq_num 
_pdbx_poly_seq_scheme.pdb_seq_num 
_pdbx_poly_seq_scheme.auth_seq_num 
_pdbx_poly_seq_scheme.pdb_mon_id 
_pdbx_poly_seq_scheme.auth_mon_id 
_pdbx_poly_seq_scheme.pdb_strand_id 
_pdbx_poly_seq_scheme.pdb_ins_code 
_pdbx_poly_seq_scheme.hetero 
A 1 1   GLN 1   1   ?   ?   ?   A . n 
A 1 2   ALA 2   2   2   ALA ALA A . n 
A 1 3   GLU 3   3   3   GLU GLU A . n 
A 1 4   GLU 4   4   4   GLU GLU A . n 
A 1 5   TRP 5   5   5   TRP TRP A . n 
A 1 6   TYR 6   6   6   TYR TYR A . n 
A 1 7   PHE 7   7   7   PHE PHE A . n 
A 1 8   GLY 8   8   8   GLY GLY A . n 
A 1 9   LYS 9   9   9   LYS LYS A . n 
A 1 10  ILE 10  10  10  ILE ILE A . n 
A 1 11  THR 11  11  11  THR THR A . n 
A 1 12  ARG 12  12  12  ARG ARG A . n 
A 1 13  ARG 13  13  13  ARG ARG A . n 
A 1 14  GLU 14  14  14  GLU GLU A . n 
A 1 15  SER 15  15  15  SER SER A . n 
A 1 16  GLU 16  16  16  GLU GLU A . n 
A 1 17  ARG 17  17  17  ARG ARG A . n 
A 1 18  LEU 18  18  18  LEU LEU A . n 
A 1 19  LEU 19  19  19  LEU LEU A . n 
A 1 20  LEU 20  20  20  LEU LEU A . n 
A 1 21  ASN 21  21  21  ASN ASN A . n 
A 1 22  PRO 22  22  22  PRO PRO A . n 
A 1 23  GLU 23  23  23  GLU GLU A . n 
A 1 24  ASN 24  24  24  ASN ASN A . n 
A 1 25  PRO 25  25  25  PRO PRO A . n 
A 1 26  ARG 26  26  26  ARG ARG A . n 
A 1 27  GLY 27  27  27  GLY GLY A . n 
A 1 28  THR 28  28  28  THR THR A . n 
A 1 29  PHE 29  29  29  PHE PHE A . n 
A 1 30  LEU 30  30  30  LEU LEU A . n 
A 1 31  VAL 31  31  31  VAL VAL A . n 
A 1 32  ARG 32  32  32  ARG ARG A . n 
A 1 33  GLU 33  33  33  GLU GLU A . n 
A 1 34  SER 34  34  34  SER SER A . n 
A 1 35  GLU 35  35  35  GLU GLU A . n 
A 1 36  THR 36  36  36  THR THR A . n 
A 1 37  THR 37  37  37  THR THR A . n 
A 1 38  LYS 38  38  38  LYS LYS A . n 
A 1 39  GLY 39  39  39  GLY GLY A . n 
A 1 40  ALA 40  40  40  ALA ALA A . n 
A 1 41  TYR 41  41  41  TYR TYR A . n 
A 1 42  CYS 42  42  42  CYS CYS A . n 
A 1 43  LEU 43  43  43  LEU LEU A . n 
A 1 44  SER 44  44  44  SER SER A . n 
A 1 45  VAL 45  45  45  VAL VAL A . n 
A 1 46  SER 46  46  46  SER SER A . n 
A 1 47  ASP 47  47  47  ASP ASP A . n 
A 1 48  PHE 48  48  48  PHE PHE A . n 
A 1 49  ASP 49  49  49  ASP ASP A . n 
A 1 50  ASN 50  50  50  ASN ASN A . n 
A 1 51  ALA 51  51  51  ALA ALA A . n 
A 1 52  LYS 52  52  52  LYS LYS A . n 
A 1 53  GLY 53  53  53  GLY GLY A . n 
A 1 54  LEU 54  54  54  LEU LEU A . n 
A 1 55  ASN 55  55  55  ASN ASN A . n 
A 1 56  VAL 56  56  56  VAL VAL A . n 
A 1 57  LYS 57  57  57  LYS LYS A . n 
A 1 58  HIS 58  58  58  HIS HIS A . n 
A 1 59  TYR 59  59  59  TYR TYR A . n 
A 1 60  LYS 60  60  60  LYS LYS A . n 
A 1 61  ILE 61  61  61  ILE ILE A . n 
A 1 62  ARG 62  62  62  ARG ARG A . n 
A 1 63  LYS 63  63  63  LYS LYS A . n 
A 1 64  LEU 64  64  64  LEU LEU A . n 
A 1 65  ASP 65  65  65  ASP ASP A . n 
A 1 66  SER 66  66  66  SER SER A . n 
A 1 67  GLY 67  67  67  GLY GLY A . n 
A 1 68  GLY 68  68  68  GLY GLY A . n 
A 1 69  PHE 69  69  69  PHE PHE A . n 
A 1 70  TYR 70  70  70  TYR TYR A . n 
A 1 71  ILE 71  71  71  ILE ILE A . n 
A 1 72  THR 72  72  72  THR THR A . n 
A 1 73  SER 73  73  73  SER SER A . n 
A 1 74  ARG 74  74  74  ARG ARG A . n 
A 1 75  THR 75  75  75  THR THR A . n 
A 1 76  GLN 76  76  76  GLN GLN A . n 
A 1 77  PHE 77  77  77  PHE PHE A . n 
A 1 78  SER 78  78  78  SER SER A . n 
A 1 79  SER 79  79  79  SER SER A . n 
A 1 80  LEU 80  80  80  LEU LEU A . n 
A 1 81  GLN 81  81  81  GLN GLN A . n 
A 1 82  GLN 82  82  82  GLN GLN A . n 
A 1 83  LEU 83  83  83  LEU LEU A . n 
A 1 84  VAL 84  84  84  VAL VAL A . n 
A 1 85  ALA 85  85  85  ALA ALA A . n 
A 1 86  TYR 86  86  86  TYR TYR A . n 
A 1 87  TYR 87  87  87  TYR TYR A . n 
A 1 88  SER 88  88  88  SER SER A . n 
A 1 89  LYS 89  89  89  LYS LYS A . n 
A 1 90  HIS 90  90  90  HIS HIS A . n 
A 1 91  ALA 91  91  91  ALA ALA A . n 
A 1 92  ASP 92  92  92  ASP ASP A . n 
A 1 93  GLY 93  93  93  GLY GLY A . n 
A 1 94  LEU 94  94  94  LEU LEU A . n 
A 1 95  CYS 95  95  95  CYS CYS A . n 
A 1 96  HIS 96  96  96  HIS HIS A . n 
A 1 97  ARG 97  97  97  ARG ARG A . n 
A 1 98  LEU 98  98  98  LEU LEU A . n 
A 1 99  THR 99  99  99  THR THR A . n 
A 1 100 ASN 100 100 100 ASN ASN A . n 
A 1 101 VAL 101 101 101 VAL VAL A . n 
A 1 102 CYS 102 102 102 CYS CYS A . n 
A 1 103 PRO 103 103 103 PRO PRO A . n 
A 1 104 THR 104 104 104 THR THR A . n 
B 2 1   PTR 1   201 201 PTR TYR B . n 
B 2 2   VAL 2   202 202 VAL VAL B . n 
B 2 3   PRO 3   203 203 PRO PRO B . n 
B 2 4   MET 4   204 204 MET MET B . n 
B 2 5   LEU 5   205 205 LEU LEU B . n 
# 
loop_
_pdbx_nonpoly_scheme.asym_id 
_pdbx_nonpoly_scheme.entity_id 
_pdbx_nonpoly_scheme.mon_id 
_pdbx_nonpoly_scheme.ndb_seq_num 
_pdbx_nonpoly_scheme.pdb_seq_num 
_pdbx_nonpoly_scheme.auth_seq_num 
_pdbx_nonpoly_scheme.pdb_mon_id 
_pdbx_nonpoly_scheme.auth_mon_id 
_pdbx_nonpoly_scheme.pdb_strand_id 
_pdbx_nonpoly_scheme.pdb_ins_code 
C 3 HOH 1  301 301 HOH HOH A . 
C 3 HOH 2  302 302 HOH HOH A . 
C 3 HOH 3  303 303 HOH HOH A . 
C 3 HOH 4  304 304 HOH HOH A . 
C 3 HOH 5  305 305 HOH HOH A . 
C 3 HOH 6  306 306 HOH HOH A . 
C 3 HOH 7  307 307 HOH HOH A . 
C 3 HOH 8  308 308 HOH HOH A . 
C 3 HOH 9  310 310 HOH HOH A . 
C 3 HOH 10 312 312 HOH HOH A . 
C 3 HOH 11 313 313 HOH HOH A . 
C 3 HOH 12 314 314 HOH HOH A . 
C 3 HOH 13 315 315 HOH HOH A . 
C 3 HOH 14 316 316 HOH HOH A . 
C 3 HOH 15 317 317 HOH HOH A . 
C 3 HOH 16 318 318 HOH HOH A . 
C 3 HOH 17 319 319 HOH HOH A . 
C 3 HOH 18 320 320 HOH HOH A . 
C 3 HOH 19 321 321 HOH HOH A . 
C 3 HOH 20 323 323 HOH HOH A . 
C 3 HOH 21 324 324 HOH HOH A . 
C 3 HOH 22 325 325 HOH HOH A . 
C 3 HOH 23 326 326 HOH HOH A . 
C 3 HOH 24 327 327 HOH HOH A . 
C 3 HOH 25 328 328 HOH HOH A . 
C 3 HOH 26 329 329 HOH HOH A . 
C 3 HOH 27 330 330 HOH HOH A . 
C 3 HOH 28 331 331 HOH HOH A . 
C 3 HOH 29 332 332 HOH HOH A . 
C 3 HOH 30 333 333 HOH HOH A . 
C 3 HOH 31 334 334 HOH HOH A . 
C 3 HOH 32 335 335 HOH HOH A . 
C 3 HOH 33 336 336 HOH HOH A . 
C 3 HOH 34 337 337 HOH HOH A . 
C 3 HOH 35 338 338 HOH HOH A . 
C 3 HOH 36 339 339 HOH HOH A . 
C 3 HOH 37 340 340 HOH HOH A . 
C 3 HOH 38 342 342 HOH HOH A . 
C 3 HOH 39 343 343 HOH HOH A . 
C 3 HOH 40 344 344 HOH HOH A . 
C 3 HOH 41 345 345 HOH HOH A . 
C 3 HOH 42 346 346 HOH HOH A . 
C 3 HOH 43 347 347 HOH HOH A . 
C 3 HOH 44 348 348 HOH HOH A . 
C 3 HOH 45 349 349 HOH HOH A . 
C 3 HOH 46 350 350 HOH HOH A . 
C 3 HOH 47 351 351 HOH HOH A . 
C 3 HOH 48 352 352 HOH HOH A . 
C 3 HOH 49 353 353 HOH HOH A . 
C 3 HOH 50 354 354 HOH HOH A . 
C 3 HOH 51 355 355 HOH HOH A . 
C 3 HOH 52 356 356 HOH HOH A . 
C 3 HOH 53 358 358 HOH HOH A . 
D 3 HOH 1  309 309 HOH HOH B . 
D 3 HOH 2  311 311 HOH HOH B . 
D 3 HOH 3  322 322 HOH HOH B . 
D 3 HOH 4  341 341 HOH HOH B . 
D 3 HOH 5  357 357 HOH HOH B . 
# 
loop_
_software.name 
_software.classification 
_software.version 
_software.citation_id 
_software.pdbx_ordinal 
X-PLOR 'model building' . ? 1 
X-PLOR refinement       . ? 2 
X-PLOR phasing          . ? 3 
# 
_cell.entry_id           1SHA 
_cell.length_a           46.300 
_cell.length_b           57.500 
_cell.length_c           39.300 
_cell.angle_alpha        90.00 
_cell.angle_beta         90.00 
_cell.angle_gamma        90.00 
_cell.Z_PDB              4 
_cell.pdbx_unique_axis   ? 
# 
_symmetry.entry_id                         1SHA 
_symmetry.space_group_name_H-M             'P 21 21 21' 
_symmetry.pdbx_full_space_group_name_H-M   ? 
_symmetry.cell_setting                     ? 
_symmetry.Int_Tables_number                19 
# 
_exptl.entry_id          1SHA 
_exptl.method            'X-RAY DIFFRACTION' 
_exptl.crystals_number   ? 
# 
_exptl_crystal.id                    1 
_exptl_crystal.density_meas          ? 
_exptl_crystal.density_Matthews      2.08 
_exptl_crystal.density_percent_sol   40.77 
_exptl_crystal.description           ? 
# 
_refine.entry_id                                 1SHA 
_refine.ls_number_reflns_obs                     ? 
_refine.ls_number_reflns_all                     ? 
_refine.pdbx_ls_sigma_I                          ? 
_refine.pdbx_ls_sigma_F                          2.0 
_refine.pdbx_data_cutoff_high_absF               ? 
_refine.pdbx_data_cutoff_low_absF                ? 
_refine.pdbx_data_cutoff_high_rms_absF           ? 
_refine.ls_d_res_low                             6.0 
_refine.ls_d_res_high                            1.5 
_refine.ls_percent_reflns_obs                    ? 
_refine.ls_R_factor_obs                          0.208 
_refine.ls_R_factor_all                          ? 
_refine.ls_R_factor_R_work                       0.208 
_refine.ls_R_factor_R_free                       ? 
_refine.ls_R_factor_R_free_error                 ? 
_refine.ls_R_factor_R_free_error_details         ? 
_refine.ls_percent_reflns_R_free                 ? 
_refine.ls_number_reflns_R_free                  ? 
_refine.ls_number_parameters                     ? 
_refine.ls_number_restraints                     ? 
_refine.occupancy_min                            ? 
_refine.occupancy_max                            ? 
_refine.B_iso_mean                               ? 
_refine.aniso_B[1][1]                            ? 
_refine.aniso_B[2][2]                            ? 
_refine.aniso_B[3][3]                            ? 
_refine.aniso_B[1][2]                            ? 
_refine.aniso_B[1][3]                            ? 
_refine.aniso_B[2][3]                            ? 
_refine.solvent_model_details                    ? 
_refine.solvent_model_param_ksol                 ? 
_refine.solvent_model_param_bsol                 ? 
_refine.pdbx_ls_cross_valid_method               ? 
_refine.details                                  
;THE LOOP FROM RESIDUE 49 TO 53 IS DISORDERED AND IS NOT
CLEARLY VISIBLE IN THE ELECTRON DENSITY.
;
_refine.pdbx_starting_model                      ? 
_refine.pdbx_method_to_determine_struct          ? 
_refine.pdbx_isotropic_thermal_model             ? 
_refine.pdbx_stereochemistry_target_values       ? 
_refine.pdbx_stereochem_target_val_spec_case     ? 
_refine.pdbx_R_Free_selection_details            ? 
_refine.pdbx_overall_ESU_R                       ? 
_refine.pdbx_overall_ESU_R_Free                  ? 
_refine.overall_SU_ML                            ? 
_refine.overall_SU_B                             ? 
_refine.pdbx_refine_id                           'X-RAY DIFFRACTION' 
_refine.pdbx_diffrn_id                           1 
_refine.pdbx_TLS_residual_ADP_flag               ? 
_refine.correlation_coeff_Fo_to_Fc               ? 
_refine.correlation_coeff_Fo_to_Fc_free          ? 
_refine.pdbx_solvent_vdw_probe_radii             ? 
_refine.pdbx_solvent_ion_probe_radii             ? 
_refine.pdbx_solvent_shrinkage_radii             ? 
_refine.pdbx_overall_phase_error                 ? 
_refine.overall_SU_R_Cruickshank_DPI             ? 
_refine.pdbx_overall_SU_R_free_Cruickshank_DPI   ? 
_refine.pdbx_overall_SU_R_Blow_DPI               ? 
_refine.pdbx_overall_SU_R_free_Blow_DPI          ? 
# 
_refine_hist.pdbx_refine_id                   'X-RAY DIFFRACTION' 
_refine_hist.cycle_id                         LAST 
_refine_hist.pdbx_number_atoms_protein        877 
_refine_hist.pdbx_number_atoms_nucleic_acid   0 
_refine_hist.pdbx_number_atoms_ligand         4 
_refine_hist.number_atoms_solvent             58 
_refine_hist.number_atoms_total               939 
_refine_hist.d_res_high                       1.5 
_refine_hist.d_res_low                        6.0 
# 
loop_
_refine_ls_restr.type 
_refine_ls_restr.dev_ideal 
_refine_ls_restr.dev_ideal_target 
_refine_ls_restr.weight 
_refine_ls_restr.number 
_refine_ls_restr.pdbx_refine_id 
_refine_ls_restr.pdbx_restraint_function 
x_bond_d                0.015 ? ? ? 'X-RAY DIFFRACTION' ? 
x_bond_d_na             ?     ? ? ? 'X-RAY DIFFRACTION' ? 
x_bond_d_prot           ?     ? ? ? 'X-RAY DIFFRACTION' ? 
x_angle_d               ?     ? ? ? 'X-RAY DIFFRACTION' ? 
x_angle_d_na            ?     ? ? ? 'X-RAY DIFFRACTION' ? 
x_angle_d_prot          ?     ? ? ? 'X-RAY DIFFRACTION' ? 
x_angle_deg             2.9   ? ? ? 'X-RAY DIFFRACTION' ? 
x_angle_deg_na          ?     ? ? ? 'X-RAY DIFFRACTION' ? 
x_angle_deg_prot        ?     ? ? ? 'X-RAY DIFFRACTION' ? 
x_dihedral_angle_d      ?     ? ? ? 'X-RAY DIFFRACTION' ? 
x_dihedral_angle_d_na   ?     ? ? ? 'X-RAY DIFFRACTION' ? 
x_dihedral_angle_d_prot ?     ? ? ? 'X-RAY DIFFRACTION' ? 
x_improper_angle_d      ?     ? ? ? 'X-RAY DIFFRACTION' ? 
x_improper_angle_d_na   ?     ? ? ? 'X-RAY DIFFRACTION' ? 
x_improper_angle_d_prot ?     ? ? ? 'X-RAY DIFFRACTION' ? 
x_mcbond_it             ?     ? ? ? 'X-RAY DIFFRACTION' ? 
x_mcangle_it            ?     ? ? ? 'X-RAY DIFFRACTION' ? 
x_scbond_it             ?     ? ? ? 'X-RAY DIFFRACTION' ? 
x_scangle_it            ?     ? ? ? 'X-RAY DIFFRACTION' ? 
# 
_struct.entry_id                  1SHA 
_struct.title                     
'CRYSTAL STRUCTURE OF THE PHOSPHOTYROSINE RECOGNITION DOMAIN SH2 OF V-SRC COMPLEXED WITH TYROSINE-PHOSPHORYLATED PEPTIDES' 
_struct.pdbx_model_details        ? 
_struct.pdbx_CASP_flag            ? 
_struct.pdbx_model_type_details   ? 
# 
_struct_keywords.entry_id        1SHA 
_struct_keywords.pdbx_keywords   PHOSPHOTRANSFERASE 
_struct_keywords.text            PHOSPHOTRANSFERASE 
# 
loop_
_struct_asym.id 
_struct_asym.pdbx_blank_PDB_chainid_flag 
_struct_asym.pdbx_modified 
_struct_asym.entity_id 
_struct_asym.details 
A N N 1 ? 
B N N 2 ? 
C N N 3 ? 
D N N 3 ? 
# 
loop_
_struct_ref.id 
_struct_ref.db_name 
_struct_ref.db_code 
_struct_ref.pdbx_db_accession 
_struct_ref.entity_id 
_struct_ref.pdbx_align_begin 
_struct_ref.pdbx_db_isoform 
_struct_ref.pdbx_seq_one_letter_code 
1 UNP SRC_RSVSA P00524 1 143 ? ? 
2 PDB 1SHA      1SHA   2 ?   ? ? 
# 
loop_
_struct_ref_seq.align_id 
_struct_ref_seq.ref_id 
_struct_ref_seq.pdbx_PDB_id_code 
_struct_ref_seq.pdbx_strand_id 
_struct_ref_seq.seq_align_beg 
_struct_ref_seq.pdbx_seq_align_beg_ins_code 
_struct_ref_seq.seq_align_end 
_struct_ref_seq.pdbx_seq_align_end_ins_code 
_struct_ref_seq.pdbx_db_accession 
_struct_ref_seq.db_align_beg 
_struct_ref_seq.pdbx_db_align_beg_ins_code 
_struct_ref_seq.db_align_end 
_struct_ref_seq.pdbx_db_align_end_ins_code 
_struct_ref_seq.pdbx_auth_seq_align_beg 
_struct_ref_seq.pdbx_auth_seq_align_end 
1 1 1SHA A 1 ? 104 ? P00524 143 ? 246 ? 1   104 
2 2 1SHA B 1 ? 5   ? 1SHA   201 ? 205 ? 201 205 
# 
_pdbx_struct_assembly.id                   1 
_pdbx_struct_assembly.details              author_and_software_defined_assembly 
_pdbx_struct_assembly.method_details       PISA 
_pdbx_struct_assembly.oligomeric_details   dimeric 
_pdbx_struct_assembly.oligomeric_count     2 
# 
loop_
_pdbx_struct_assembly_prop.biol_id 
_pdbx_struct_assembly_prop.type 
_pdbx_struct_assembly_prop.value 
_pdbx_struct_assembly_prop.details 
1 'ABSA (A^2)' 820  ? 
1 MORE         -7   ? 
1 'SSA (A^2)'  6280 ? 
# 
_pdbx_struct_assembly_gen.assembly_id       1 
_pdbx_struct_assembly_gen.oper_expression   1 
_pdbx_struct_assembly_gen.asym_id_list      A,B,C,D 
# 
_pdbx_struct_oper_list.id                   1 
_pdbx_struct_oper_list.type                 'identity operation' 
_pdbx_struct_oper_list.name                 1_555 
_pdbx_struct_oper_list.symmetry_operation   x,y,z 
_pdbx_struct_oper_list.matrix[1][1]         1.0000000000 
_pdbx_struct_oper_list.matrix[1][2]         0.0000000000 
_pdbx_struct_oper_list.matrix[1][3]         0.0000000000 
_pdbx_struct_oper_list.vector[1]            0.0000000000 
_pdbx_struct_oper_list.matrix[2][1]         0.0000000000 
_pdbx_struct_oper_list.matrix[2][2]         1.0000000000 
_pdbx_struct_oper_list.matrix[2][3]         0.0000000000 
_pdbx_struct_oper_list.vector[2]            0.0000000000 
_pdbx_struct_oper_list.matrix[3][1]         0.0000000000 
_pdbx_struct_oper_list.matrix[3][2]         0.0000000000 
_pdbx_struct_oper_list.matrix[3][3]         1.0000000000 
_pdbx_struct_oper_list.vector[3]            0.0000000000 
# 
_struct_biol.id   1 
# 
loop_
_struct_conf.conf_type_id 
_struct_conf.id 
_struct_conf.pdbx_PDB_helix_id 
_struct_conf.beg_label_comp_id 
_struct_conf.beg_label_asym_id 
_struct_conf.beg_label_seq_id 
_struct_conf.pdbx_beg_PDB_ins_code 
_struct_conf.end_label_comp_id 
_struct_conf.end_label_asym_id 
_struct_conf.end_label_seq_id 
_struct_conf.pdbx_end_PDB_ins_code 
_struct_conf.beg_auth_comp_id 
_struct_conf.beg_auth_asym_id 
_struct_conf.beg_auth_seq_id 
_struct_conf.end_auth_comp_id 
_struct_conf.end_auth_asym_id 
_struct_conf.end_auth_seq_id 
_struct_conf.pdbx_PDB_helix_class 
_struct_conf.details 
_struct_conf.pdbx_PDB_helix_length 
HELX_P HELX_P1 1 THR A 11 ? LEU A 20 ? THR A 11 LEU A 20 1 ? 10 
HELX_P HELX_P2 2 SER A 79 ? SER A 88 ? SER A 79 SER A 88 1 ? 10 
# 
_struct_conf_type.id          HELX_P 
_struct_conf_type.criteria    ? 
_struct_conf_type.reference   ? 
# 
_struct_conn.id                            covale1 
_struct_conn.conn_type_id                  covale 
_struct_conn.pdbx_leaving_atom_flag        both 
_struct_conn.pdbx_PDB_id                   ? 
_struct_conn.ptnr1_label_asym_id           B 
_struct_conn.ptnr1_label_comp_id           PTR 
_struct_conn.ptnr1_label_seq_id            1 
_struct_conn.ptnr1_label_atom_id           C 
_struct_conn.pdbx_ptnr1_label_alt_id       ? 
_struct_conn.pdbx_ptnr1_PDB_ins_code       ? 
_struct_conn.pdbx_ptnr1_standard_comp_id   ? 
_struct_conn.ptnr1_symmetry                1_555 
_struct_conn.ptnr2_label_asym_id           B 
_struct_conn.ptnr2_label_comp_id           VAL 
_struct_conn.ptnr2_label_seq_id            2 
_struct_conn.ptnr2_label_atom_id           N 
_struct_conn.pdbx_ptnr2_label_alt_id       ? 
_struct_conn.pdbx_ptnr2_PDB_ins_code       ? 
_struct_conn.ptnr1_auth_asym_id            B 
_struct_conn.ptnr1_auth_comp_id            PTR 
_struct_conn.ptnr1_auth_seq_id             201 
_struct_conn.ptnr2_auth_asym_id            B 
_struct_conn.ptnr2_auth_comp_id            VAL 
_struct_conn.ptnr2_auth_seq_id             202 
_struct_conn.ptnr2_symmetry                1_555 
_struct_conn.pdbx_ptnr3_label_atom_id      ? 
_struct_conn.pdbx_ptnr3_label_seq_id       ? 
_struct_conn.pdbx_ptnr3_label_comp_id      ? 
_struct_conn.pdbx_ptnr3_label_asym_id      ? 
_struct_conn.pdbx_ptnr3_label_alt_id       ? 
_struct_conn.pdbx_ptnr3_PDB_ins_code       ? 
_struct_conn.details                       ? 
_struct_conn.pdbx_dist_value               1.353 
_struct_conn.pdbx_value_order              ? 
_struct_conn.pdbx_role                     ? 
# 
_struct_conn_type.id          covale 
_struct_conn_type.criteria    ? 
_struct_conn_type.reference   ? 
# 
_pdbx_modification_feature.ordinal                            1 
_pdbx_modification_feature.label_comp_id                      PTR 
_pdbx_modification_feature.label_asym_id                      B 
_pdbx_modification_feature.label_seq_id                       1 
_pdbx_modification_feature.label_alt_id                       ? 
_pdbx_modification_feature.modified_residue_label_comp_id     . 
_pdbx_modification_feature.modified_residue_label_asym_id     . 
_pdbx_modification_feature.modified_residue_label_seq_id      . 
_pdbx_modification_feature.modified_residue_label_alt_id      . 
_pdbx_modification_feature.auth_comp_id                       PTR 
_pdbx_modification_feature.auth_asym_id                       B 
_pdbx_modification_feature.auth_seq_id                        201 
_pdbx_modification_feature.PDB_ins_code                       ? 
_pdbx_modification_feature.symmetry                           1_555 
_pdbx_modification_feature.modified_residue_auth_comp_id      . 
_pdbx_modification_feature.modified_residue_auth_asym_id      . 
_pdbx_modification_feature.modified_residue_auth_seq_id       . 
_pdbx_modification_feature.modified_residue_PDB_ins_code      . 
_pdbx_modification_feature.modified_residue_symmetry          . 
_pdbx_modification_feature.comp_id_linking_atom               . 
_pdbx_modification_feature.modified_residue_id_linking_atom   . 
_pdbx_modification_feature.modified_residue_id                TYR 
_pdbx_modification_feature.ref_pcm_id                         1 
_pdbx_modification_feature.ref_comp_id                        PTR 
_pdbx_modification_feature.type                               Phosphorylation 
_pdbx_modification_feature.category                           'Named protein modification' 
# 
_struct_sheet.id               A 
_struct_sheet.type             ? 
_struct_sheet.number_strands   6 
_struct_sheet.details          ? 
# 
loop_
_struct_sheet_order.sheet_id 
_struct_sheet_order.range_id_1 
_struct_sheet_order.range_id_2 
_struct_sheet_order.offset 
_struct_sheet_order.sense 
A 1 2 ? parallel      
A 2 3 ? anti-parallel 
A 3 4 ? anti-parallel 
A 4 5 ? anti-parallel 
A 5 6 ? anti-parallel 
# 
loop_
_struct_sheet_range.sheet_id 
_struct_sheet_range.id 
_struct_sheet_range.beg_label_comp_id 
_struct_sheet_range.beg_label_asym_id 
_struct_sheet_range.beg_label_seq_id 
_struct_sheet_range.pdbx_beg_PDB_ins_code 
_struct_sheet_range.end_label_comp_id 
_struct_sheet_range.end_label_asym_id 
_struct_sheet_range.end_label_seq_id 
_struct_sheet_range.pdbx_end_PDB_ins_code 
_struct_sheet_range.beg_auth_comp_id 
_struct_sheet_range.beg_auth_asym_id 
_struct_sheet_range.beg_auth_seq_id 
_struct_sheet_range.end_auth_comp_id 
_struct_sheet_range.end_auth_asym_id 
_struct_sheet_range.end_auth_seq_id 
A 1 TYR A 6  ? GLY A 8  ? TYR A 6  GLY A 8  
A 2 PHE A 29 ? GLU A 33 ? PHE A 29 GLU A 33 
A 3 TYR A 41 ? ASP A 49 ? TYR A 41 ASP A 49 
A 4 GLY A 53 ? LYS A 63 ? GLY A 53 LYS A 63 
A 5 PHE A 69 ? TYR A 70 ? PHE A 69 TYR A 70 
A 6 GLN A 76 ? PHE A 77 ? GLN A 76 PHE A 77 
# 
loop_
_pdbx_struct_sheet_hbond.sheet_id 
_pdbx_struct_sheet_hbond.range_id_1 
_pdbx_struct_sheet_hbond.range_id_2 
_pdbx_struct_sheet_hbond.range_1_label_atom_id 
_pdbx_struct_sheet_hbond.range_1_label_comp_id 
_pdbx_struct_sheet_hbond.range_1_label_asym_id 
_pdbx_struct_sheet_hbond.range_1_label_seq_id 
_pdbx_struct_sheet_hbond.range_1_PDB_ins_code 
_pdbx_struct_sheet_hbond.range_1_auth_atom_id 
_pdbx_struct_sheet_hbond.range_1_auth_comp_id 
_pdbx_struct_sheet_hbond.range_1_auth_asym_id 
_pdbx_struct_sheet_hbond.range_1_auth_seq_id 
_pdbx_struct_sheet_hbond.range_2_label_atom_id 
_pdbx_struct_sheet_hbond.range_2_label_comp_id 
_pdbx_struct_sheet_hbond.range_2_label_asym_id 
_pdbx_struct_sheet_hbond.range_2_label_seq_id 
_pdbx_struct_sheet_hbond.range_2_PDB_ins_code 
_pdbx_struct_sheet_hbond.range_2_auth_atom_id 
_pdbx_struct_sheet_hbond.range_2_auth_comp_id 
_pdbx_struct_sheet_hbond.range_2_auth_asym_id 
_pdbx_struct_sheet_hbond.range_2_auth_seq_id 
A 1 2 N PHE A 7  ? N PHE A 7  O VAL A 31 ? O VAL A 31 
A 2 3 O ARG A 32 ? O ARG A 32 N CYS A 42 ? N CYS A 42 
A 3 4 O ASP A 49 ? O ASP A 49 N GLY A 53 ? N GLY A 53 
A 4 5 N ARG A 62 ? N ARG A 62 O TYR A 70 ? O TYR A 70 
A 5 6 O PHE A 69 ? O PHE A 69 N PHE A 77 ? N PHE A 77 
# 
_pdbx_entry_details.entry_id                   1SHA 
_pdbx_entry_details.compound_details           ? 
_pdbx_entry_details.source_details             ? 
_pdbx_entry_details.nonpolymer_details         ? 
_pdbx_entry_details.sequence_details           ? 
_pdbx_entry_details.has_ligand_of_interest     ? 
_pdbx_entry_details.has_protein_modification   Y 
# 
loop_
_pdbx_validate_rmsd_bond.id 
_pdbx_validate_rmsd_bond.PDB_model_num 
_pdbx_validate_rmsd_bond.auth_atom_id_1 
_pdbx_validate_rmsd_bond.auth_asym_id_1 
_pdbx_validate_rmsd_bond.auth_comp_id_1 
_pdbx_validate_rmsd_bond.auth_seq_id_1 
_pdbx_validate_rmsd_bond.PDB_ins_code_1 
_pdbx_validate_rmsd_bond.label_alt_id_1 
_pdbx_validate_rmsd_bond.auth_atom_id_2 
_pdbx_validate_rmsd_bond.auth_asym_id_2 
_pdbx_validate_rmsd_bond.auth_comp_id_2 
_pdbx_validate_rmsd_bond.auth_seq_id_2 
_pdbx_validate_rmsd_bond.PDB_ins_code_2 
_pdbx_validate_rmsd_bond.label_alt_id_2 
_pdbx_validate_rmsd_bond.bond_value 
_pdbx_validate_rmsd_bond.bond_target_value 
_pdbx_validate_rmsd_bond.bond_deviation 
_pdbx_validate_rmsd_bond.bond_standard_deviation 
_pdbx_validate_rmsd_bond.linker_flag 
1 1 NE2 A HIS 58 ? ? CD2 A HIS 58 ? ? 1.301 1.373 -0.072 0.011 N 
2 1 NE2 A HIS 90 ? ? CD2 A HIS 90 ? ? 1.303 1.373 -0.070 0.011 N 
3 1 NE2 A HIS 96 ? ? CD2 A HIS 96 ? ? 1.305 1.373 -0.068 0.011 N 
# 
loop_
_pdbx_validate_rmsd_angle.id 
_pdbx_validate_rmsd_angle.PDB_model_num 
_pdbx_validate_rmsd_angle.auth_atom_id_1 
_pdbx_validate_rmsd_angle.auth_asym_id_1 
_pdbx_validate_rmsd_angle.auth_comp_id_1 
_pdbx_validate_rmsd_angle.auth_seq_id_1 
_pdbx_validate_rmsd_angle.PDB_ins_code_1 
_pdbx_validate_rmsd_angle.label_alt_id_1 
_pdbx_validate_rmsd_angle.auth_atom_id_2 
_pdbx_validate_rmsd_angle.auth_asym_id_2 
_pdbx_validate_rmsd_angle.auth_comp_id_2 
_pdbx_validate_rmsd_angle.auth_seq_id_2 
_pdbx_validate_rmsd_angle.PDB_ins_code_2 
_pdbx_validate_rmsd_angle.label_alt_id_2 
_pdbx_validate_rmsd_angle.auth_atom_id_3 
_pdbx_validate_rmsd_angle.auth_asym_id_3 
_pdbx_validate_rmsd_angle.auth_comp_id_3 
_pdbx_validate_rmsd_angle.auth_seq_id_3 
_pdbx_validate_rmsd_angle.PDB_ins_code_3 
_pdbx_validate_rmsd_angle.label_alt_id_3 
_pdbx_validate_rmsd_angle.angle_value 
_pdbx_validate_rmsd_angle.angle_target_value 
_pdbx_validate_rmsd_angle.angle_deviation 
_pdbx_validate_rmsd_angle.angle_standard_deviation 
_pdbx_validate_rmsd_angle.linker_flag 
1 1 CE2 A TRP 5   ? ? CD2 A TRP 5   ? ? CG  A TRP 5   ? ? 102.43 107.30 -4.87 0.80 N 
2 1 CG  A TRP 5   ? ? CD2 A TRP 5   ? ? CE3 A TRP 5   ? ? 139.58 133.90 5.68  0.90 N 
3 1 NE  A ARG 12  ? ? CZ  A ARG 12  ? ? NH1 A ARG 12  ? ? 125.18 120.30 4.88  0.50 N 
4 1 NE  A ARG 13  ? ? CZ  A ARG 13  ? ? NH1 A ARG 13  ? ? 126.46 120.30 6.16  0.50 N 
5 1 NE  A ARG 13  ? ? CZ  A ARG 13  ? ? NH2 A ARG 13  ? ? 114.72 120.30 -5.58 0.50 N 
6 1 NE  A ARG 26  ? ? CZ  A ARG 26  ? ? NH2 A ARG 26  ? ? 116.85 120.30 -3.45 0.50 N 
7 1 O   A PRO 103 ? ? C   A PRO 103 ? ? N   A THR 104 ? ? 132.44 122.70 9.74  1.60 Y 
# 
loop_
_pdbx_validate_torsion.id 
_pdbx_validate_torsion.PDB_model_num 
_pdbx_validate_torsion.auth_comp_id 
_pdbx_validate_torsion.auth_asym_id 
_pdbx_validate_torsion.auth_seq_id 
_pdbx_validate_torsion.PDB_ins_code 
_pdbx_validate_torsion.label_alt_id 
_pdbx_validate_torsion.phi 
_pdbx_validate_torsion.psi 
1 1 GLU A 3  ? ? 44.90   -48.32  
2 1 ALA A 51 ? ? 175.91  -54.24  
3 1 SER A 66 ? ? -59.79  -0.37   
4 1 THR A 99 ? ? -117.34 -100.89 
# 
_pdbx_struct_mod_residue.id               1 
_pdbx_struct_mod_residue.label_asym_id    B 
_pdbx_struct_mod_residue.label_comp_id    PTR 
_pdbx_struct_mod_residue.label_seq_id     1 
_pdbx_struct_mod_residue.auth_asym_id     B 
_pdbx_struct_mod_residue.auth_comp_id     PTR 
_pdbx_struct_mod_residue.auth_seq_id      201 
_pdbx_struct_mod_residue.PDB_ins_code     ? 
_pdbx_struct_mod_residue.parent_comp_id   TYR 
_pdbx_struct_mod_residue.details          O-PHOSPHOTYROSINE 
# 
_pdbx_unobs_or_zero_occ_residues.id               1 
_pdbx_unobs_or_zero_occ_residues.PDB_model_num    1 
_pdbx_unobs_or_zero_occ_residues.polymer_flag     Y 
_pdbx_unobs_or_zero_occ_residues.occupancy_flag   1 
_pdbx_unobs_or_zero_occ_residues.auth_asym_id     A 
_pdbx_unobs_or_zero_occ_residues.auth_comp_id     GLN 
_pdbx_unobs_or_zero_occ_residues.auth_seq_id      1 
_pdbx_unobs_or_zero_occ_residues.PDB_ins_code     ? 
_pdbx_unobs_or_zero_occ_residues.label_asym_id    A 
_pdbx_unobs_or_zero_occ_residues.label_comp_id    GLN 
_pdbx_unobs_or_zero_occ_residues.label_seq_id     1 
# 
loop_
_chem_comp_atom.comp_id 
_chem_comp_atom.atom_id 
_chem_comp_atom.type_symbol 
_chem_comp_atom.pdbx_aromatic_flag 
_chem_comp_atom.pdbx_stereo_config 
_chem_comp_atom.pdbx_ordinal 
ALA N    N N N 1   
ALA CA   C N S 2   
ALA C    C N N 3   
ALA O    O N N 4   
ALA CB   C N N 5   
ALA OXT  O N N 6   
ALA H    H N N 7   
ALA H2   H N N 8   
ALA HA   H N N 9   
ALA HB1  H N N 10  
ALA HB2  H N N 11  
ALA HB3  H N N 12  
ALA HXT  H N N 13  
ARG N    N N N 14  
ARG CA   C N S 15  
ARG C    C N N 16  
ARG O    O N N 17  
ARG CB   C N N 18  
ARG CG   C N N 19  
ARG CD   C N N 20  
ARG NE   N N N 21  
ARG CZ   C N N 22  
ARG NH1  N N N 23  
ARG NH2  N N N 24  
ARG OXT  O N N 25  
ARG H    H N N 26  
ARG H2   H N N 27  
ARG HA   H N N 28  
ARG HB2  H N N 29  
ARG HB3  H N N 30  
ARG HG2  H N N 31  
ARG HG3  H N N 32  
ARG HD2  H N N 33  
ARG HD3  H N N 34  
ARG HE   H N N 35  
ARG HH11 H N N 36  
ARG HH12 H N N 37  
ARG HH21 H N N 38  
ARG HH22 H N N 39  
ARG HXT  H N N 40  
ASN N    N N N 41  
ASN CA   C N S 42  
ASN C    C N N 43  
ASN O    O N N 44  
ASN CB   C N N 45  
ASN CG   C N N 46  
ASN OD1  O N N 47  
ASN ND2  N N N 48  
ASN OXT  O N N 49  
ASN H    H N N 50  
ASN H2   H N N 51  
ASN HA   H N N 52  
ASN HB2  H N N 53  
ASN HB3  H N N 54  
ASN HD21 H N N 55  
ASN HD22 H N N 56  
ASN HXT  H N N 57  
ASP N    N N N 58  
ASP CA   C N S 59  
ASP C    C N N 60  
ASP O    O N N 61  
ASP CB   C N N 62  
ASP CG   C N N 63  
ASP OD1  O N N 64  
ASP OD2  O N N 65  
ASP OXT  O N N 66  
ASP H    H N N 67  
ASP H2   H N N 68  
ASP HA   H N N 69  
ASP HB2  H N N 70  
ASP HB3  H N N 71  
ASP HD2  H N N 72  
ASP HXT  H N N 73  
CYS N    N N N 74  
CYS CA   C N R 75  
CYS C    C N N 76  
CYS O    O N N 77  
CYS CB   C N N 78  
CYS SG   S N N 79  
CYS OXT  O N N 80  
CYS H    H N N 81  
CYS H2   H N N 82  
CYS HA   H N N 83  
CYS HB2  H N N 84  
CYS HB3  H N N 85  
CYS HG   H N N 86  
CYS HXT  H N N 87  
GLN N    N N N 88  
GLN CA   C N S 89  
GLN C    C N N 90  
GLN O    O N N 91  
GLN CB   C N N 92  
GLN CG   C N N 93  
GLN CD   C N N 94  
GLN OE1  O N N 95  
GLN NE2  N N N 96  
GLN OXT  O N N 97  
GLN H    H N N 98  
GLN H2   H N N 99  
GLN HA   H N N 100 
GLN HB2  H N N 101 
GLN HB3  H N N 102 
GLN HG2  H N N 103 
GLN HG3  H N N 104 
GLN HE21 H N N 105 
GLN HE22 H N N 106 
GLN HXT  H N N 107 
GLU N    N N N 108 
GLU CA   C N S 109 
GLU C    C N N 110 
GLU O    O N N 111 
GLU CB   C N N 112 
GLU CG   C N N 113 
GLU CD   C N N 114 
GLU OE1  O N N 115 
GLU OE2  O N N 116 
GLU OXT  O N N 117 
GLU H    H N N 118 
GLU H2   H N N 119 
GLU HA   H N N 120 
GLU HB2  H N N 121 
GLU HB3  H N N 122 
GLU HG2  H N N 123 
GLU HG3  H N N 124 
GLU HE2  H N N 125 
GLU HXT  H N N 126 
GLY N    N N N 127 
GLY CA   C N N 128 
GLY C    C N N 129 
GLY O    O N N 130 
GLY OXT  O N N 131 
GLY H    H N N 132 
GLY H2   H N N 133 
GLY HA2  H N N 134 
GLY HA3  H N N 135 
GLY HXT  H N N 136 
HIS N    N N N 137 
HIS CA   C N S 138 
HIS C    C N N 139 
HIS O    O N N 140 
HIS CB   C N N 141 
HIS CG   C Y N 142 
HIS ND1  N Y N 143 
HIS CD2  C Y N 144 
HIS CE1  C Y N 145 
HIS NE2  N Y N 146 
HIS OXT  O N N 147 
HIS H    H N N 148 
HIS H2   H N N 149 
HIS HA   H N N 150 
HIS HB2  H N N 151 
HIS HB3  H N N 152 
HIS HD1  H N N 153 
HIS HD2  H N N 154 
HIS HE1  H N N 155 
HIS HE2  H N N 156 
HIS HXT  H N N 157 
HOH O    O N N 158 
HOH H1   H N N 159 
HOH H2   H N N 160 
ILE N    N N N 161 
ILE CA   C N S 162 
ILE C    C N N 163 
ILE O    O N N 164 
ILE CB   C N S 165 
ILE CG1  C N N 166 
ILE CG2  C N N 167 
ILE CD1  C N N 168 
ILE OXT  O N N 169 
ILE H    H N N 170 
ILE H2   H N N 171 
ILE HA   H N N 172 
ILE HB   H N N 173 
ILE HG12 H N N 174 
ILE HG13 H N N 175 
ILE HG21 H N N 176 
ILE HG22 H N N 177 
ILE HG23 H N N 178 
ILE HD11 H N N 179 
ILE HD12 H N N 180 
ILE HD13 H N N 181 
ILE HXT  H N N 182 
LEU N    N N N 183 
LEU CA   C N S 184 
LEU C    C N N 185 
LEU O    O N N 186 
LEU CB   C N N 187 
LEU CG   C N N 188 
LEU CD1  C N N 189 
LEU CD2  C N N 190 
LEU OXT  O N N 191 
LEU H    H N N 192 
LEU H2   H N N 193 
LEU HA   H N N 194 
LEU HB2  H N N 195 
LEU HB3  H N N 196 
LEU HG   H N N 197 
LEU HD11 H N N 198 
LEU HD12 H N N 199 
LEU HD13 H N N 200 
LEU HD21 H N N 201 
LEU HD22 H N N 202 
LEU HD23 H N N 203 
LEU HXT  H N N 204 
LYS N    N N N 205 
LYS CA   C N S 206 
LYS C    C N N 207 
LYS O    O N N 208 
LYS CB   C N N 209 
LYS CG   C N N 210 
LYS CD   C N N 211 
LYS CE   C N N 212 
LYS NZ   N N N 213 
LYS OXT  O N N 214 
LYS H    H N N 215 
LYS H2   H N N 216 
LYS HA   H N N 217 
LYS HB2  H N N 218 
LYS HB3  H N N 219 
LYS HG2  H N N 220 
LYS HG3  H N N 221 
LYS HD2  H N N 222 
LYS HD3  H N N 223 
LYS HE2  H N N 224 
LYS HE3  H N N 225 
LYS HZ1  H N N 226 
LYS HZ2  H N N 227 
LYS HZ3  H N N 228 
LYS HXT  H N N 229 
MET N    N N N 230 
MET CA   C N S 231 
MET C    C N N 232 
MET O    O N N 233 
MET CB   C N N 234 
MET CG   C N N 235 
MET SD   S N N 236 
MET CE   C N N 237 
MET OXT  O N N 238 
MET H    H N N 239 
MET H2   H N N 240 
MET HA   H N N 241 
MET HB2  H N N 242 
MET HB3  H N N 243 
MET HG2  H N N 244 
MET HG3  H N N 245 
MET HE1  H N N 246 
MET HE2  H N N 247 
MET HE3  H N N 248 
MET HXT  H N N 249 
PHE N    N N N 250 
PHE CA   C N S 251 
PHE C    C N N 252 
PHE O    O N N 253 
PHE CB   C N N 254 
PHE CG   C Y N 255 
PHE CD1  C Y N 256 
PHE CD2  C Y N 257 
PHE CE1  C Y N 258 
PHE CE2  C Y N 259 
PHE CZ   C Y N 260 
PHE OXT  O N N 261 
PHE H    H N N 262 
PHE H2   H N N 263 
PHE HA   H N N 264 
PHE HB2  H N N 265 
PHE HB3  H N N 266 
PHE HD1  H N N 267 
PHE HD2  H N N 268 
PHE HE1  H N N 269 
PHE HE2  H N N 270 
PHE HZ   H N N 271 
PHE HXT  H N N 272 
PRO N    N N N 273 
PRO CA   C N S 274 
PRO C    C N N 275 
PRO O    O N N 276 
PRO CB   C N N 277 
PRO CG   C N N 278 
PRO CD   C N N 279 
PRO OXT  O N N 280 
PRO H    H N N 281 
PRO HA   H N N 282 
PRO HB2  H N N 283 
PRO HB3  H N N 284 
PRO HG2  H N N 285 
PRO HG3  H N N 286 
PRO HD2  H N N 287 
PRO HD3  H N N 288 
PRO HXT  H N N 289 
PTR N    N N N 290 
PTR CA   C N S 291 
PTR C    C N N 292 
PTR O    O N N 293 
PTR OXT  O N N 294 
PTR CB   C N N 295 
PTR CG   C Y N 296 
PTR CD1  C Y N 297 
PTR CD2  C Y N 298 
PTR CE1  C Y N 299 
PTR CE2  C Y N 300 
PTR CZ   C Y N 301 
PTR OH   O N N 302 
PTR P    P N N 303 
PTR O1P  O N N 304 
PTR O2P  O N N 305 
PTR O3P  O N N 306 
PTR H    H N N 307 
PTR H2   H N N 308 
PTR HA   H N N 309 
PTR HXT  H N N 310 
PTR HB2  H N N 311 
PTR HB3  H N N 312 
PTR HD1  H N N 313 
PTR HD2  H N N 314 
PTR HE1  H N N 315 
PTR HE2  H N N 316 
PTR HO2P H N N 317 
PTR HO3P H N N 318 
SER N    N N N 319 
SER CA   C N S 320 
SER C    C N N 321 
SER O    O N N 322 
SER CB   C N N 323 
SER OG   O N N 324 
SER OXT  O N N 325 
SER H    H N N 326 
SER H2   H N N 327 
SER HA   H N N 328 
SER HB2  H N N 329 
SER HB3  H N N 330 
SER HG   H N N 331 
SER HXT  H N N 332 
THR N    N N N 333 
THR CA   C N S 334 
THR C    C N N 335 
THR O    O N N 336 
THR CB   C N R 337 
THR OG1  O N N 338 
THR CG2  C N N 339 
THR OXT  O N N 340 
THR H    H N N 341 
THR H2   H N N 342 
THR HA   H N N 343 
THR HB   H N N 344 
THR HG1  H N N 345 
THR HG21 H N N 346 
THR HG22 H N N 347 
THR HG23 H N N 348 
THR HXT  H N N 349 
TRP N    N N N 350 
TRP CA   C N S 351 
TRP C    C N N 352 
TRP O    O N N 353 
TRP CB   C N N 354 
TRP CG   C Y N 355 
TRP CD1  C Y N 356 
TRP CD2  C Y N 357 
TRP NE1  N Y N 358 
TRP CE2  C Y N 359 
TRP CE3  C Y N 360 
TRP CZ2  C Y N 361 
TRP CZ3  C Y N 362 
TRP CH2  C Y N 363 
TRP OXT  O N N 364 
TRP H    H N N 365 
TRP H2   H N N 366 
TRP HA   H N N 367 
TRP HB2  H N N 368 
TRP HB3  H N N 369 
TRP HD1  H N N 370 
TRP HE1  H N N 371 
TRP HE3  H N N 372 
TRP HZ2  H N N 373 
TRP HZ3  H N N 374 
TRP HH2  H N N 375 
TRP HXT  H N N 376 
TYR N    N N N 377 
TYR CA   C N S 378 
TYR C    C N N 379 
TYR O    O N N 380 
TYR CB   C N N 381 
TYR CG   C Y N 382 
TYR CD1  C Y N 383 
TYR CD2  C Y N 384 
TYR CE1  C Y N 385 
TYR CE2  C Y N 386 
TYR CZ   C Y N 387 
TYR OH   O N N 388 
TYR OXT  O N N 389 
TYR H    H N N 390 
TYR H2   H N N 391 
TYR HA   H N N 392 
TYR HB2  H N N 393 
TYR HB3  H N N 394 
TYR HD1  H N N 395 
TYR HD2  H N N 396 
TYR HE1  H N N 397 
TYR HE2  H N N 398 
TYR HH   H N N 399 
TYR HXT  H N N 400 
VAL N    N N N 401 
VAL CA   C N S 402 
VAL C    C N N 403 
VAL O    O N N 404 
VAL CB   C N N 405 
VAL CG1  C N N 406 
VAL CG2  C N N 407 
VAL OXT  O N N 408 
VAL H    H N N 409 
VAL H2   H N N 410 
VAL HA   H N N 411 
VAL HB   H N N 412 
VAL HG11 H N N 413 
VAL HG12 H N N 414 
VAL HG13 H N N 415 
VAL HG21 H N N 416 
VAL HG22 H N N 417 
VAL HG23 H N N 418 
VAL HXT  H N N 419 
# 
loop_
_chem_comp_bond.comp_id 
_chem_comp_bond.atom_id_1 
_chem_comp_bond.atom_id_2 
_chem_comp_bond.value_order 
_chem_comp_bond.pdbx_aromatic_flag 
_chem_comp_bond.pdbx_stereo_config 
_chem_comp_bond.pdbx_ordinal 
ALA N   CA   sing N N 1   
ALA N   H    sing N N 2   
ALA N   H2   sing N N 3   
ALA CA  C    sing N N 4   
ALA CA  CB   sing N N 5   
ALA CA  HA   sing N N 6   
ALA C   O    doub N N 7   
ALA C   OXT  sing N N 8   
ALA CB  HB1  sing N N 9   
ALA CB  HB2  sing N N 10  
ALA CB  HB3  sing N N 11  
ALA OXT HXT  sing N N 12  
ARG N   CA   sing N N 13  
ARG N   H    sing N N 14  
ARG N   H2   sing N N 15  
ARG CA  C    sing N N 16  
ARG CA  CB   sing N N 17  
ARG CA  HA   sing N N 18  
ARG C   O    doub N N 19  
ARG C   OXT  sing N N 20  
ARG CB  CG   sing N N 21  
ARG CB  HB2  sing N N 22  
ARG CB  HB3  sing N N 23  
ARG CG  CD   sing N N 24  
ARG CG  HG2  sing N N 25  
ARG CG  HG3  sing N N 26  
ARG CD  NE   sing N N 27  
ARG CD  HD2  sing N N 28  
ARG CD  HD3  sing N N 29  
ARG NE  CZ   sing N N 30  
ARG NE  HE   sing N N 31  
ARG CZ  NH1  sing N N 32  
ARG CZ  NH2  doub N N 33  
ARG NH1 HH11 sing N N 34  
ARG NH1 HH12 sing N N 35  
ARG NH2 HH21 sing N N 36  
ARG NH2 HH22 sing N N 37  
ARG OXT HXT  sing N N 38  
ASN N   CA   sing N N 39  
ASN N   H    sing N N 40  
ASN N   H2   sing N N 41  
ASN CA  C    sing N N 42  
ASN CA  CB   sing N N 43  
ASN CA  HA   sing N N 44  
ASN C   O    doub N N 45  
ASN C   OXT  sing N N 46  
ASN CB  CG   sing N N 47  
ASN CB  HB2  sing N N 48  
ASN CB  HB3  sing N N 49  
ASN CG  OD1  doub N N 50  
ASN CG  ND2  sing N N 51  
ASN ND2 HD21 sing N N 52  
ASN ND2 HD22 sing N N 53  
ASN OXT HXT  sing N N 54  
ASP N   CA   sing N N 55  
ASP N   H    sing N N 56  
ASP N   H2   sing N N 57  
ASP CA  C    sing N N 58  
ASP CA  CB   sing N N 59  
ASP CA  HA   sing N N 60  
ASP C   O    doub N N 61  
ASP C   OXT  sing N N 62  
ASP CB  CG   sing N N 63  
ASP CB  HB2  sing N N 64  
ASP CB  HB3  sing N N 65  
ASP CG  OD1  doub N N 66  
ASP CG  OD2  sing N N 67  
ASP OD2 HD2  sing N N 68  
ASP OXT HXT  sing N N 69  
CYS N   CA   sing N N 70  
CYS N   H    sing N N 71  
CYS N   H2   sing N N 72  
CYS CA  C    sing N N 73  
CYS CA  CB   sing N N 74  
CYS CA  HA   sing N N 75  
CYS C   O    doub N N 76  
CYS C   OXT  sing N N 77  
CYS CB  SG   sing N N 78  
CYS CB  HB2  sing N N 79  
CYS CB  HB3  sing N N 80  
CYS SG  HG   sing N N 81  
CYS OXT HXT  sing N N 82  
GLN N   CA   sing N N 83  
GLN N   H    sing N N 84  
GLN N   H2   sing N N 85  
GLN CA  C    sing N N 86  
GLN CA  CB   sing N N 87  
GLN CA  HA   sing N N 88  
GLN C   O    doub N N 89  
GLN C   OXT  sing N N 90  
GLN CB  CG   sing N N 91  
GLN CB  HB2  sing N N 92  
GLN CB  HB3  sing N N 93  
GLN CG  CD   sing N N 94  
GLN CG  HG2  sing N N 95  
GLN CG  HG3  sing N N 96  
GLN CD  OE1  doub N N 97  
GLN CD  NE2  sing N N 98  
GLN NE2 HE21 sing N N 99  
GLN NE2 HE22 sing N N 100 
GLN OXT HXT  sing N N 101 
GLU N   CA   sing N N 102 
GLU N   H    sing N N 103 
GLU N   H2   sing N N 104 
GLU CA  C    sing N N 105 
GLU CA  CB   sing N N 106 
GLU CA  HA   sing N N 107 
GLU C   O    doub N N 108 
GLU C   OXT  sing N N 109 
GLU CB  CG   sing N N 110 
GLU CB  HB2  sing N N 111 
GLU CB  HB3  sing N N 112 
GLU CG  CD   sing N N 113 
GLU CG  HG2  sing N N 114 
GLU CG  HG3  sing N N 115 
GLU CD  OE1  doub N N 116 
GLU CD  OE2  sing N N 117 
GLU OE2 HE2  sing N N 118 
GLU OXT HXT  sing N N 119 
GLY N   CA   sing N N 120 
GLY N   H    sing N N 121 
GLY N   H2   sing N N 122 
GLY CA  C    sing N N 123 
GLY CA  HA2  sing N N 124 
GLY CA  HA3  sing N N 125 
GLY C   O    doub N N 126 
GLY C   OXT  sing N N 127 
GLY OXT HXT  sing N N 128 
HIS N   CA   sing N N 129 
HIS N   H    sing N N 130 
HIS N   H2   sing N N 131 
HIS CA  C    sing N N 132 
HIS CA  CB   sing N N 133 
HIS CA  HA   sing N N 134 
HIS C   O    doub N N 135 
HIS C   OXT  sing N N 136 
HIS CB  CG   sing N N 137 
HIS CB  HB2  sing N N 138 
HIS CB  HB3  sing N N 139 
HIS CG  ND1  sing Y N 140 
HIS CG  CD2  doub Y N 141 
HIS ND1 CE1  doub Y N 142 
HIS ND1 HD1  sing N N 143 
HIS CD2 NE2  sing Y N 144 
HIS CD2 HD2  sing N N 145 
HIS CE1 NE2  sing Y N 146 
HIS CE1 HE1  sing N N 147 
HIS NE2 HE2  sing N N 148 
HIS OXT HXT  sing N N 149 
HOH O   H1   sing N N 150 
HOH O   H2   sing N N 151 
ILE N   CA   sing N N 152 
ILE N   H    sing N N 153 
ILE N   H2   sing N N 154 
ILE CA  C    sing N N 155 
ILE CA  CB   sing N N 156 
ILE CA  HA   sing N N 157 
ILE C   O    doub N N 158 
ILE C   OXT  sing N N 159 
ILE CB  CG1  sing N N 160 
ILE CB  CG2  sing N N 161 
ILE CB  HB   sing N N 162 
ILE CG1 CD1  sing N N 163 
ILE CG1 HG12 sing N N 164 
ILE CG1 HG13 sing N N 165 
ILE CG2 HG21 sing N N 166 
ILE CG2 HG22 sing N N 167 
ILE CG2 HG23 sing N N 168 
ILE CD1 HD11 sing N N 169 
ILE CD1 HD12 sing N N 170 
ILE CD1 HD13 sing N N 171 
ILE OXT HXT  sing N N 172 
LEU N   CA   sing N N 173 
LEU N   H    sing N N 174 
LEU N   H2   sing N N 175 
LEU CA  C    sing N N 176 
LEU CA  CB   sing N N 177 
LEU CA  HA   sing N N 178 
LEU C   O    doub N N 179 
LEU C   OXT  sing N N 180 
LEU CB  CG   sing N N 181 
LEU CB  HB2  sing N N 182 
LEU CB  HB3  sing N N 183 
LEU CG  CD1  sing N N 184 
LEU CG  CD2  sing N N 185 
LEU CG  HG   sing N N 186 
LEU CD1 HD11 sing N N 187 
LEU CD1 HD12 sing N N 188 
LEU CD1 HD13 sing N N 189 
LEU CD2 HD21 sing N N 190 
LEU CD2 HD22 sing N N 191 
LEU CD2 HD23 sing N N 192 
LEU OXT HXT  sing N N 193 
LYS N   CA   sing N N 194 
LYS N   H    sing N N 195 
LYS N   H2   sing N N 196 
LYS CA  C    sing N N 197 
LYS CA  CB   sing N N 198 
LYS CA  HA   sing N N 199 
LYS C   O    doub N N 200 
LYS C   OXT  sing N N 201 
LYS CB  CG   sing N N 202 
LYS CB  HB2  sing N N 203 
LYS CB  HB3  sing N N 204 
LYS CG  CD   sing N N 205 
LYS CG  HG2  sing N N 206 
LYS CG  HG3  sing N N 207 
LYS CD  CE   sing N N 208 
LYS CD  HD2  sing N N 209 
LYS CD  HD3  sing N N 210 
LYS CE  NZ   sing N N 211 
LYS CE  HE2  sing N N 212 
LYS CE  HE3  sing N N 213 
LYS NZ  HZ1  sing N N 214 
LYS NZ  HZ2  sing N N 215 
LYS NZ  HZ3  sing N N 216 
LYS OXT HXT  sing N N 217 
MET N   CA   sing N N 218 
MET N   H    sing N N 219 
MET N   H2   sing N N 220 
MET CA  C    sing N N 221 
MET CA  CB   sing N N 222 
MET CA  HA   sing N N 223 
MET C   O    doub N N 224 
MET C   OXT  sing N N 225 
MET CB  CG   sing N N 226 
MET CB  HB2  sing N N 227 
MET CB  HB3  sing N N 228 
MET CG  SD   sing N N 229 
MET CG  HG2  sing N N 230 
MET CG  HG3  sing N N 231 
MET SD  CE   sing N N 232 
MET CE  HE1  sing N N 233 
MET CE  HE2  sing N N 234 
MET CE  HE3  sing N N 235 
MET OXT HXT  sing N N 236 
PHE N   CA   sing N N 237 
PHE N   H    sing N N 238 
PHE N   H2   sing N N 239 
PHE CA  C    sing N N 240 
PHE CA  CB   sing N N 241 
PHE CA  HA   sing N N 242 
PHE C   O    doub N N 243 
PHE C   OXT  sing N N 244 
PHE CB  CG   sing N N 245 
PHE CB  HB2  sing N N 246 
PHE CB  HB3  sing N N 247 
PHE CG  CD1  doub Y N 248 
PHE CG  CD2  sing Y N 249 
PHE CD1 CE1  sing Y N 250 
PHE CD1 HD1  sing N N 251 
PHE CD2 CE2  doub Y N 252 
PHE CD2 HD2  sing N N 253 
PHE CE1 CZ   doub Y N 254 
PHE CE1 HE1  sing N N 255 
PHE CE2 CZ   sing Y N 256 
PHE CE2 HE2  sing N N 257 
PHE CZ  HZ   sing N N 258 
PHE OXT HXT  sing N N 259 
PRO N   CA   sing N N 260 
PRO N   CD   sing N N 261 
PRO N   H    sing N N 262 
PRO CA  C    sing N N 263 
PRO CA  CB   sing N N 264 
PRO CA  HA   sing N N 265 
PRO C   O    doub N N 266 
PRO C   OXT  sing N N 267 
PRO CB  CG   sing N N 268 
PRO CB  HB2  sing N N 269 
PRO CB  HB3  sing N N 270 
PRO CG  CD   sing N N 271 
PRO CG  HG2  sing N N 272 
PRO CG  HG3  sing N N 273 
PRO CD  HD2  sing N N 274 
PRO CD  HD3  sing N N 275 
PRO OXT HXT  sing N N 276 
PTR N   CA   sing N N 277 
PTR N   H    sing N N 278 
PTR N   H2   sing N N 279 
PTR CA  C    sing N N 280 
PTR CA  CB   sing N N 281 
PTR CA  HA   sing N N 282 
PTR C   O    doub N N 283 
PTR C   OXT  sing N N 284 
PTR OXT HXT  sing N N 285 
PTR CB  CG   sing N N 286 
PTR CB  HB2  sing N N 287 
PTR CB  HB3  sing N N 288 
PTR CG  CD1  doub Y N 289 
PTR CG  CD2  sing Y N 290 
PTR CD1 CE1  sing Y N 291 
PTR CD1 HD1  sing N N 292 
PTR CD2 CE2  doub Y N 293 
PTR CD2 HD2  sing N N 294 
PTR CE1 CZ   doub Y N 295 
PTR CE1 HE1  sing N N 296 
PTR CE2 CZ   sing Y N 297 
PTR CE2 HE2  sing N N 298 
PTR CZ  OH   sing N N 299 
PTR OH  P    sing N N 300 
PTR P   O1P  doub N N 301 
PTR P   O2P  sing N N 302 
PTR P   O3P  sing N N 303 
PTR O2P HO2P sing N N 304 
PTR O3P HO3P sing N N 305 
SER N   CA   sing N N 306 
SER N   H    sing N N 307 
SER N   H2   sing N N 308 
SER CA  C    sing N N 309 
SER CA  CB   sing N N 310 
SER CA  HA   sing N N 311 
SER C   O    doub N N 312 
SER C   OXT  sing N N 313 
SER CB  OG   sing N N 314 
SER CB  HB2  sing N N 315 
SER CB  HB3  sing N N 316 
SER OG  HG   sing N N 317 
SER OXT HXT  sing N N 318 
THR N   CA   sing N N 319 
THR N   H    sing N N 320 
THR N   H2   sing N N 321 
THR CA  C    sing N N 322 
THR CA  CB   sing N N 323 
THR CA  HA   sing N N 324 
THR C   O    doub N N 325 
THR C   OXT  sing N N 326 
THR CB  OG1  sing N N 327 
THR CB  CG2  sing N N 328 
THR CB  HB   sing N N 329 
THR OG1 HG1  sing N N 330 
THR CG2 HG21 sing N N 331 
THR CG2 HG22 sing N N 332 
THR CG2 HG23 sing N N 333 
THR OXT HXT  sing N N 334 
TRP N   CA   sing N N 335 
TRP N   H    sing N N 336 
TRP N   H2   sing N N 337 
TRP CA  C    sing N N 338 
TRP CA  CB   sing N N 339 
TRP CA  HA   sing N N 340 
TRP C   O    doub N N 341 
TRP C   OXT  sing N N 342 
TRP CB  CG   sing N N 343 
TRP CB  HB2  sing N N 344 
TRP CB  HB3  sing N N 345 
TRP CG  CD1  doub Y N 346 
TRP CG  CD2  sing Y N 347 
TRP CD1 NE1  sing Y N 348 
TRP CD1 HD1  sing N N 349 
TRP CD2 CE2  doub Y N 350 
TRP CD2 CE3  sing Y N 351 
TRP NE1 CE2  sing Y N 352 
TRP NE1 HE1  sing N N 353 
TRP CE2 CZ2  sing Y N 354 
TRP CE3 CZ3  doub Y N 355 
TRP CE3 HE3  sing N N 356 
TRP CZ2 CH2  doub Y N 357 
TRP CZ2 HZ2  sing N N 358 
TRP CZ3 CH2  sing Y N 359 
TRP CZ3 HZ3  sing N N 360 
TRP CH2 HH2  sing N N 361 
TRP OXT HXT  sing N N 362 
TYR N   CA   sing N N 363 
TYR N   H    sing N N 364 
TYR N   H2   sing N N 365 
TYR CA  C    sing N N 366 
TYR CA  CB   sing N N 367 
TYR CA  HA   sing N N 368 
TYR C   O    doub N N 369 
TYR C   OXT  sing N N 370 
TYR CB  CG   sing N N 371 
TYR CB  HB2  sing N N 372 
TYR CB  HB3  sing N N 373 
TYR CG  CD1  doub Y N 374 
TYR CG  CD2  sing Y N 375 
TYR CD1 CE1  sing Y N 376 
TYR CD1 HD1  sing N N 377 
TYR CD2 CE2  doub Y N 378 
TYR CD2 HD2  sing N N 379 
TYR CE1 CZ   doub Y N 380 
TYR CE1 HE1  sing N N 381 
TYR CE2 CZ   sing Y N 382 
TYR CE2 HE2  sing N N 383 
TYR CZ  OH   sing N N 384 
TYR OH  HH   sing N N 385 
TYR OXT HXT  sing N N 386 
VAL N   CA   sing N N 387 
VAL N   H    sing N N 388 
VAL N   H2   sing N N 389 
VAL CA  C    sing N N 390 
VAL CA  CB   sing N N 391 
VAL CA  HA   sing N N 392 
VAL C   O    doub N N 393 
VAL C   OXT  sing N N 394 
VAL CB  CG1  sing N N 395 
VAL CB  CG2  sing N N 396 
VAL CB  HB   sing N N 397 
VAL CG1 HG11 sing N N 398 
VAL CG1 HG12 sing N N 399 
VAL CG1 HG13 sing N N 400 
VAL CG2 HG21 sing N N 401 
VAL CG2 HG22 sing N N 402 
VAL CG2 HG23 sing N N 403 
VAL OXT HXT  sing N N 404 
# 
_atom_sites.entry_id                    1SHA 
_atom_sites.fract_transf_matrix[1][1]   0.00487323 
_atom_sites.fract_transf_matrix[1][2]   0.01375586 
_atom_sites.fract_transf_matrix[1][3]   -0.01592173 
_atom_sites.fract_transf_matrix[2][1]   -0.00629905 
_atom_sites.fract_transf_matrix[2][2]   -0.01126265 
_atom_sites.fract_transf_matrix[2][3]   -0.01165854 
_atom_sites.fract_transf_matrix[3][1]   -0.02301190 
_atom_sites.fract_transf_matrix[3][2]   0.01064287 
_atom_sites.fract_transf_matrix[3][3]   0.00215174 
_atom_sites.fract_transf_vector[1]      1.025413 
_atom_sites.fract_transf_vector[2]      0.530806 
_atom_sites.fract_transf_vector[3]      0.088721 
# 
loop_
_atom_type.symbol 
C 
N 
O 
P 
S 
# 
loop_
_atom_site.group_PDB 
_atom_site.id 
_atom_site.type_symbol 
_atom_site.label_atom_id 
_atom_site.label_alt_id 
_atom_site.label_comp_id 
_atom_site.label_asym_id 
_atom_site.label_entity_id 
_atom_site.label_seq_id 
_atom_site.pdbx_PDB_ins_code 
_atom_site.Cartn_x 
_atom_site.Cartn_y 
_atom_site.Cartn_z 
_atom_site.occupancy 
_atom_site.B_iso_or_equiv 
_atom_site.pdbx_formal_charge 
_atom_site.auth_seq_id 
_atom_site.auth_comp_id 
_atom_site.auth_asym_id 
_atom_site.auth_atom_id 
_atom_site.pdbx_PDB_model_num 
ATOM   1   N N   . ALA A 1 2   ? -6.434  4.282   10.846  1.00 61.89  ? 2   ALA A N   1 
ATOM   2   C CA  . ALA A 1 2   ? -7.320  3.259   11.359  1.00 59.98  ? 2   ALA A CA  1 
ATOM   3   C C   . ALA A 1 2   ? -6.623  1.985   11.848  1.00 56.31  ? 2   ALA A C   1 
ATOM   4   O O   . ALA A 1 2   ? -7.227  0.905   11.959  1.00 64.00  ? 2   ALA A O   1 
ATOM   5   C CB  . ALA A 1 2   ? -8.363  2.921   10.267  1.00 56.35  ? 2   ALA A CB  1 
ATOM   6   N N   . GLU A 1 3   ? -5.329  2.163   12.152  1.00 40.05  ? 3   GLU A N   1 
ATOM   7   C CA  . GLU A 1 3   ? -4.438  1.225   12.829  1.00 30.25  ? 3   GLU A CA  1 
ATOM   8   C C   . GLU A 1 3   ? -4.365  -0.251  12.490  1.00 22.80  ? 3   GLU A C   1 
ATOM   9   O O   . GLU A 1 3   ? -3.226  -0.702  12.388  1.00 19.87  ? 3   GLU A O   1 
ATOM   10  C CB  . GLU A 1 3   ? -4.656  1.303   14.338  1.00 34.04  ? 3   GLU A CB  1 
ATOM   11  C CG  . GLU A 1 3   ? -3.890  0.356   15.259  1.00 23.16  ? 3   GLU A CG  1 
ATOM   12  C CD  . GLU A 1 3   ? -2.812  1.037   16.079  1.00 55.00  ? 3   GLU A CD  1 
ATOM   13  O OE1 . GLU A 1 3   ? -1.803  1.450   15.491  1.00 60.37  ? 3   GLU A OE1 1 
ATOM   14  O OE2 . GLU A 1 3   ? -2.990  1.151   17.300  1.00 58.44  ? 3   GLU A OE2 1 
ATOM   15  N N   . GLU A 1 4   ? -5.454  -1.027  12.368  1.00 20.42  ? 4   GLU A N   1 
ATOM   16  C CA  . GLU A 1 4   ? -5.419  -2.434  11.976  1.00 22.38  ? 4   GLU A CA  1 
ATOM   17  C C   . GLU A 1 4   ? -4.599  -2.693  10.698  1.00 19.95  ? 4   GLU A C   1 
ATOM   18  O O   . GLU A 1 4   ? -3.869  -3.683  10.606  1.00 19.50  ? 4   GLU A O   1 
ATOM   19  C CB  . GLU A 1 4   ? -6.860  -2.884  11.789  1.00 34.23  ? 4   GLU A CB  1 
ATOM   20  C CG  . GLU A 1 4   ? -7.227  -4.364  11.848  1.00 40.00  ? 4   GLU A CG  1 
ATOM   21  C CD  . GLU A 1 4   ? -7.114  -5.025  13.216  1.00 47.61  ? 4   GLU A CD  1 
ATOM   22  O OE1 . GLU A 1 4   ? -6.522  -4.456  14.123  1.00 51.57  ? 4   GLU A OE1 1 
ATOM   23  O OE2 . GLU A 1 4   ? -7.602  -6.142  13.386  1.00 53.53  ? 4   GLU A OE2 1 
ATOM   24  N N   . TRP A 1 5   ? -4.659  -1.802  9.700   1.00 17.20  ? 5   TRP A N   1 
ATOM   25  C CA  . TRP A 1 5   ? -3.863  -1.964  8.489   1.00 17.87  ? 5   TRP A CA  1 
ATOM   26  C C   . TRP A 1 5   ? -2.404  -1.524  8.641   1.00 22.25  ? 5   TRP A C   1 
ATOM   27  O O   . TRP A 1 5   ? -1.637  -1.629  7.676   1.00 18.39  ? 5   TRP A O   1 
ATOM   28  C CB  . TRP A 1 5   ? -4.554  -1.188  7.369   1.00 15.10  ? 5   TRP A CB  1 
ATOM   29  C CG  . TRP A 1 5   ? -4.950  0.246   7.716   1.00 15.08  ? 5   TRP A CG  1 
ATOM   30  C CD1 . TRP A 1 5   ? -6.273  0.560   7.891   1.00 26.74  ? 5   TRP A CD1 1 
ATOM   31  C CD2 . TRP A 1 5   ? -4.154  1.348   7.902   1.00 16.43  ? 5   TRP A CD2 1 
ATOM   32  N NE1 . TRP A 1 5   ? -6.322  1.851   8.191   1.00 20.48  ? 5   TRP A NE1 1 
ATOM   33  C CE2 . TRP A 1 5   ? -5.077  2.334   8.210   1.00 20.78  ? 5   TRP A CE2 1 
ATOM   34  C CE3 . TRP A 1 5   ? -2.838  1.691   7.879   1.00 17.78  ? 5   TRP A CE3 1 
ATOM   35  C CZ2 . TRP A 1 5   ? -4.734  3.644   8.490   1.00 19.68  ? 5   TRP A CZ2 1 
ATOM   36  C CZ3 . TRP A 1 5   ? -2.482  3.006   8.157   1.00 20.16  ? 5   TRP A CZ3 1 
ATOM   37  C CH2 . TRP A 1 5   ? -3.416  3.979   8.467   1.00 18.92  ? 5   TRP A CH2 1 
ATOM   38  N N   . TYR A 1 6   ? -1.975  -0.989  9.822   1.00 18.58  ? 6   TYR A N   1 
ATOM   39  C CA  . TYR A 1 6   ? -0.583  -0.544  9.983   1.00 20.41  ? 6   TYR A CA  1 
ATOM   40  C C   . TYR A 1 6   ? 0.233   -1.689  10.540  1.00 19.13  ? 6   TYR A C   1 
ATOM   41  O O   . TYR A 1 6   ? 0.062   -2.056  11.705  1.00 22.31  ? 6   TYR A O   1 
ATOM   42  C CB  . TYR A 1 6   ? -0.461  0.677   10.955  1.00 20.64  ? 6   TYR A CB  1 
ATOM   43  C CG  . TYR A 1 6   ? 0.956   1.242   10.917  1.00 25.75  ? 6   TYR A CG  1 
ATOM   44  C CD1 . TYR A 1 6   ? 1.400   1.845   9.745   1.00 30.50  ? 6   TYR A CD1 1 
ATOM   45  C CD2 . TYR A 1 6   ? 1.824   1.106   12.002  1.00 22.59  ? 6   TYR A CD2 1 
ATOM   46  C CE1 . TYR A 1 6   ? 2.702   2.314   9.646   1.00 27.70  ? 6   TYR A CE1 1 
ATOM   47  C CE2 . TYR A 1 6   ? 3.126   1.576   11.895  1.00 28.00  ? 6   TYR A CE2 1 
ATOM   48  C CZ  . TYR A 1 6   ? 3.559   2.176   10.713  1.00 27.85  ? 6   TYR A CZ  1 
ATOM   49  O OH  . TYR A 1 6   ? 4.850   2.672   10.581  1.00 27.95  ? 6   TYR A OH  1 
ATOM   50  N N   . PHE A 1 7   ? 1.135   -2.238  9.718   1.00 14.64  ? 7   PHE A N   1 
ATOM   51  C CA  . PHE A 1 7   ? 1.879   -3.403  10.137  1.00 15.81  ? 7   PHE A CA  1 
ATOM   52  C C   . PHE A 1 7   ? 3.308   -3.111  10.620  1.00 21.89  ? 7   PHE A C   1 
ATOM   53  O O   . PHE A 1 7   ? 4.064   -4.013  11.033  1.00 25.61  ? 7   PHE A O   1 
ATOM   54  C CB  . PHE A 1 7   ? 1.872   -4.403  8.973   1.00 16.88  ? 7   PHE A CB  1 
ATOM   55  C CG  . PHE A 1 7   ? 0.657   -5.347  8.908   1.00 18.70  ? 7   PHE A CG  1 
ATOM   56  C CD1 . PHE A 1 7   ? -0.617  -4.873  8.633   1.00 18.66  ? 7   PHE A CD1 1 
ATOM   57  C CD2 . PHE A 1 7   ? 0.822   -6.720  9.079   1.00 19.73  ? 7   PHE A CD2 1 
ATOM   58  C CE1 . PHE A 1 7   ? -1.691  -5.748  8.528   1.00 20.77  ? 7   PHE A CE1 1 
ATOM   59  C CE2 . PHE A 1 7   ? -0.260  -7.588  8.969   1.00 17.78  ? 7   PHE A CE2 1 
ATOM   60  C CZ  . PHE A 1 7   ? -1.520  -7.109  8.690   1.00 16.88  ? 7   PHE A CZ  1 
ATOM   61  N N   . GLY A 1 8   ? 3.662   -1.816  10.586  1.00 19.12  ? 8   GLY A N   1 
ATOM   62  C CA  . GLY A 1 8   ? 4.959   -1.354  11.058  1.00 18.30  ? 8   GLY A CA  1 
ATOM   63  C C   . GLY A 1 8   ? 6.133   -1.897  10.304  1.00 19.42  ? 8   GLY A C   1 
ATOM   64  O O   . GLY A 1 8   ? 6.183   -1.852  9.076   1.00 20.57  ? 8   GLY A O   1 
ATOM   65  N N   . LYS A 1 9   ? 7.079   -2.449  11.068  1.00 21.08  ? 9   LYS A N   1 
ATOM   66  C CA  . LYS A 1 9   ? 8.300   -2.976  10.496  1.00 24.77  ? 9   LYS A CA  1 
ATOM   67  C C   . LYS A 1 9   ? 8.176   -4.427  10.068  1.00 33.84  ? 9   LYS A C   1 
ATOM   68  O O   . LYS A 1 9   ? 8.531   -5.362  10.791  1.00 42.35  ? 9   LYS A O   1 
ATOM   69  C CB  . LYS A 1 9   ? 9.462   -2.880  11.470  1.00 36.35  ? 9   LYS A CB  1 
ATOM   70  C CG  . LYS A 1 9   ? 9.730   -1.487  11.996  1.00 44.91  ? 9   LYS A CG  1 
ATOM   71  C CD  . LYS A 1 9   ? 10.839  -1.504  13.037  1.00 52.39  ? 9   LYS A CD  1 
ATOM   72  C CE  . LYS A 1 9   ? 10.744  -0.200  13.830  1.00 58.13  ? 9   LYS A CE  1 
ATOM   73  N NZ  . LYS A 1 9   ? 11.028  0.960   13.000  1.00 57.06  ? 9   LYS A NZ  1 
ATOM   74  N N   . ILE A 1 10  ? 7.585   -4.655  8.891   1.00 26.07  ? 10  ILE A N   1 
ATOM   75  C CA  . ILE A 1 10  ? 7.619   -5.992  8.344   1.00 20.88  ? 10  ILE A CA  1 
ATOM   76  C C   . ILE A 1 10  ? 8.323   -5.839  7.000   1.00 21.99  ? 10  ILE A C   1 
ATOM   77  O O   . ILE A 1 10  ? 8.299   -4.786  6.342   1.00 19.99  ? 10  ILE A O   1 
ATOM   78  C CB  . ILE A 1 10  ? 6.191   -6.624  8.141   1.00 25.06  ? 10  ILE A CB  1 
ATOM   79  C CG1 . ILE A 1 10  ? 5.316   -5.821  7.212   1.00 22.82  ? 10  ILE A CG1 1 
ATOM   80  C CG2 . ILE A 1 10  ? 5.538   -6.756  9.519   1.00 30.80  ? 10  ILE A CG2 1 
ATOM   81  C CD1 . ILE A 1 10  ? 4.034   -6.592  6.819   1.00 26.44  ? 10  ILE A CD1 1 
ATOM   82  N N   . THR A 1 11  ? 9.004   -6.937  6.634   1.00 20.55  ? 11  THR A N   1 
ATOM   83  C CA  . THR A 1 11  ? 9.765   -7.010  5.388   1.00 20.38  ? 11  THR A CA  1 
ATOM   84  C C   . THR A 1 11  ? 8.819   -7.108  4.199   1.00 17.16  ? 11  THR A C   1 
ATOM   85  O O   . THR A 1 11  ? 7.651   -7.489  4.355   1.00 15.68  ? 11  THR A O   1 
ATOM   86  C CB  . THR A 1 11  ? 10.678  -8.241  5.343   1.00 18.38  ? 11  THR A CB  1 
ATOM   87  O OG1 . THR A 1 11  ? 9.862   -9.372  5.559   1.00 18.73  ? 11  THR A OG1 1 
ATOM   88  C CG2 . THR A 1 11  ? 11.765  -8.186  6.376   1.00 25.26  ? 11  THR A CG2 1 
ATOM   89  N N   . ARG A 1 12  ? 9.361   -6.723  3.031   1.00 17.88  ? 12  ARG A N   1 
ATOM   90  C CA  . ARG A 1 12  ? 8.643   -6.944  1.775   1.00 17.68  ? 12  ARG A CA  1 
ATOM   91  C C   . ARG A 1 12  ? 8.240   -8.409  1.656   1.00 16.38  ? 12  ARG A C   1 
ATOM   92  O O   . ARG A 1 12  ? 7.081   -8.679  1.350   1.00 16.94  ? 12  ARG A O   1 
ATOM   93  C CB  . ARG A 1 12  ? 9.504   -6.610  0.573   1.00 16.03  ? 12  ARG A CB  1 
ATOM   94  C CG  . ARG A 1 12  ? 8.733   -6.801  -0.714  1.00 14.35  ? 12  ARG A CG  1 
ATOM   95  C CD  . ARG A 1 12  ? 9.628   -6.435  -1.866  1.00 19.65  ? 12  ARG A CD  1 
ATOM   96  N NE  . ARG A 1 12  ? 9.589   -5.009  -2.064  1.00 19.36  ? 12  ARG A NE  1 
ATOM   97  C CZ  . ARG A 1 12  ? 9.429   -4.453  -3.278  1.00 17.48  ? 12  ARG A CZ  1 
ATOM   98  N NH1 . ARG A 1 12  ? 9.299   -5.130  -4.425  1.00 26.81  ? 12  ARG A NH1 1 
ATOM   99  N NH2 . ARG A 1 12  ? 9.355   -3.148  -3.352  1.00 19.90  ? 12  ARG A NH2 1 
ATOM   100 N N   . ARG A 1 13  ? 9.153   -9.349  1.995   1.00 16.50  ? 13  ARG A N   1 
ATOM   101 C CA  . ARG A 1 13  ? 8.936   -10.783 1.862   1.00 19.05  ? 13  ARG A CA  1 
ATOM   102 C C   . ARG A 1 13  ? 7.745   -11.232 2.682   1.00 17.78  ? 13  ARG A C   1 
ATOM   103 O O   . ARG A 1 13  ? 6.867   -11.951 2.184   1.00 19.12  ? 13  ARG A O   1 
ATOM   104 C CB  . ARG A 1 13  ? 10.181  -11.473 2.328   1.00 26.97  ? 13  ARG A CB  1 
ATOM   105 C CG  . ARG A 1 13  ? 10.311  -12.904 1.879   1.00 35.42  ? 13  ARG A CG  1 
ATOM   106 C CD  . ARG A 1 13  ? 10.452  -13.870 3.044   1.00 52.84  ? 13  ARG A CD  1 
ATOM   107 N NE  . ARG A 1 13  ? 9.450   -14.905 2.838   1.00 64.55  ? 13  ARG A NE  1 
ATOM   108 C CZ  . ARG A 1 13  ? 8.521   -15.288 3.719   1.00 63.17  ? 13  ARG A CZ  1 
ATOM   109 N NH1 . ARG A 1 13  ? 8.353   -14.809 4.957   1.00 50.55  ? 13  ARG A NH1 1 
ATOM   110 N NH2 . ARG A 1 13  ? 7.641   -16.148 3.253   1.00 74.73  ? 13  ARG A NH2 1 
ATOM   111 N N   . GLU A 1 14  ? 7.731   -10.814 3.960   1.00 15.10  ? 14  GLU A N   1 
ATOM   112 C CA  . GLU A 1 14  ? 6.608   -11.174 4.791   1.00 17.54  ? 14  GLU A CA  1 
ATOM   113 C C   . GLU A 1 14  ? 5.284   -10.533 4.347   1.00 19.94  ? 14  GLU A C   1 
ATOM   114 O O   . GLU A 1 14  ? 4.247   -11.183 4.395   1.00 18.21  ? 14  GLU A O   1 
ATOM   115 C CB  . GLU A 1 14  ? 6.896   -10.786 6.221   1.00 24.06  ? 14  GLU A CB  1 
ATOM   116 C CG  . GLU A 1 14  ? 5.849   -11.349 7.216   1.00 28.92  ? 14  GLU A CG  1 
ATOM   117 C CD  . GLU A 1 14  ? 5.743   -12.894 7.323   1.00 29.83  ? 14  GLU A CD  1 
ATOM   118 O OE1 . GLU A 1 14  ? 6.596   -13.655 6.841   1.00 27.54  ? 14  GLU A OE1 1 
ATOM   119 O OE2 . GLU A 1 14  ? 4.790   -13.347 7.955   1.00 36.99  ? 14  GLU A OE2 1 
ATOM   120 N N   . SER A 1 15  ? 5.261   -9.275  3.881   1.00 16.78  ? 15  SER A N   1 
ATOM   121 C CA  . SER A 1 15  ? 4.014   -8.652  3.438   1.00 19.11  ? 15  SER A CA  1 
ATOM   122 C C   . SER A 1 15  ? 3.406   -9.415  2.263   1.00 13.43  ? 15  SER A C   1 
ATOM   123 O O   . SER A 1 15  ? 2.180   -9.568  2.226   1.00 15.60  ? 15  SER A O   1 
ATOM   124 C CB  . SER A 1 15  ? 4.246   -7.156  3.036   1.00 16.02  ? 15  SER A CB  1 
ATOM   125 O OG  . SER A 1 15  ? 4.980   -6.934  1.852   1.00 19.85  ? 15  SER A OG  1 
ATOM   126 N N   . GLU A 1 16  ? 4.306   -9.891  1.366   1.00 12.90  ? 16  GLU A N   1 
ATOM   127 C CA  . GLU A 1 16  ? 3.915   -10.691 0.196   1.00 17.12  ? 16  GLU A CA  1 
ATOM   128 C C   . GLU A 1 16  ? 3.349   -12.050 0.627   1.00 18.16  ? 16  GLU A C   1 
ATOM   129 O O   . GLU A 1 16  ? 2.307   -12.471 0.133   1.00 17.88  ? 16  GLU A O   1 
ATOM   130 C CB  . GLU A 1 16  ? 5.125   -10.907 -0.727  1.00 15.66  ? 16  GLU A CB  1 
ATOM   131 C CG  . GLU A 1 16  ? 5.517   -9.581  -1.323  1.00 18.31  ? 16  GLU A CG  1 
ATOM   132 C CD  . GLU A 1 16  ? 6.408   -9.639  -2.541  1.00 24.14  ? 16  GLU A CD  1 
ATOM   133 O OE1 . GLU A 1 16  ? 6.883   -10.710 -2.909  1.00 33.00  ? 16  GLU A OE1 1 
ATOM   134 O OE2 . GLU A 1 16  ? 6.625   -8.595  -3.146  1.00 23.73  ? 16  GLU A OE2 1 
ATOM   135 N N   . ARG A 1 17  ? 3.973   -12.704 1.630   1.00 16.00  ? 17  ARG A N   1 
ATOM   136 C CA  . ARG A 1 17  ? 3.491   -13.953 2.184   1.00 19.52  ? 17  ARG A CA  1 
ATOM   137 C C   . ARG A 1 17  ? 2.063   -13.792 2.740   1.00 21.19  ? 17  ARG A C   1 
ATOM   138 O O   . ARG A 1 17  ? 1.167   -14.621 2.486   1.00 20.74  ? 17  ARG A O   1 
ATOM   139 C CB  . ARG A 1 17  ? 4.440   -14.427 3.304   1.00 18.30  ? 17  ARG A CB  1 
ATOM   140 C CG  . ARG A 1 17  ? 4.091   -15.868 3.658   1.00 22.43  ? 17  ARG A CG  1 
ATOM   141 C CD  . ARG A 1 17  ? 4.929   -16.472 4.770   1.00 23.13  ? 17  ARG A CD  1 
ATOM   142 N NE  . ARG A 1 17  ? 4.605   -15.853 6.030   1.00 23.54  ? 17  ARG A NE  1 
ATOM   143 C CZ  . ARG A 1 17  ? 3.515   -16.177 6.701   1.00 25.54  ? 17  ARG A CZ  1 
ATOM   144 N NH1 . ARG A 1 17  ? 2.685   -17.106 6.267   1.00 34.42  ? 17  ARG A NH1 1 
ATOM   145 N NH2 . ARG A 1 17  ? 3.181   -15.473 7.754   1.00 27.56  ? 17  ARG A NH2 1 
ATOM   146 N N   . LEU A 1 18  ? 1.830   -12.696 3.473   1.00 16.30  ? 18  LEU A N   1 
ATOM   147 C CA  . LEU A 1 18  ? 0.533   -12.418 4.027   1.00 14.63  ? 18  LEU A CA  1 
ATOM   148 C C   . LEU A 1 18  ? -0.503  -12.076 2.968   1.00 19.99  ? 18  LEU A C   1 
ATOM   149 O O   . LEU A 1 18  ? -1.649  -12.518 3.031   1.00 18.85  ? 18  LEU A O   1 
ATOM   150 C CB  . LEU A 1 18  ? 0.614   -11.252 4.983   1.00 18.83  ? 18  LEU A CB  1 
ATOM   151 C CG  . LEU A 1 18  ? 1.466   -11.424 6.246   1.00 32.27  ? 18  LEU A CG  1 
ATOM   152 C CD1 . LEU A 1 18  ? 1.500   -10.101 7.041   1.00 27.81  ? 18  LEU A CD1 1 
ATOM   153 C CD2 . LEU A 1 18  ? 0.912   -12.622 7.055   1.00 31.29  ? 18  LEU A CD2 1 
ATOM   154 N N   . LEU A 1 19  ? -0.101  -11.247 1.999   1.00 16.63  ? 19  LEU A N   1 
ATOM   155 C CA  . LEU A 1 19  ? -1.068  -10.739 1.060   1.00 18.20  ? 19  LEU A CA  1 
ATOM   156 C C   . LEU A 1 19  ? -1.413  -11.749 0.005   1.00 19.35  ? 19  LEU A C   1 
ATOM   157 O O   . LEU A 1 19  ? -2.554  -11.725 -0.427  1.00 19.78  ? 19  LEU A O   1 
ATOM   158 C CB  . LEU A 1 19  ? -0.552  -9.440  0.397   1.00 14.92  ? 19  LEU A CB  1 
ATOM   159 C CG  . LEU A 1 19  ? -0.501  -8.190  1.309   1.00 15.69  ? 19  LEU A CG  1 
ATOM   160 C CD1 . LEU A 1 19  ? 0.334   -7.167  0.635   1.00 14.07  ? 19  LEU A CD1 1 
ATOM   161 C CD2 . LEU A 1 19  ? -1.875  -7.606  1.581   1.00 18.91  ? 19  LEU A CD2 1 
ATOM   162 N N   . LEU A 1 20  ? -0.472  -12.618 -0.363  1.00 18.45  ? 20  LEU A N   1 
ATOM   163 C CA  . LEU A 1 20  ? -0.729  -13.598 -1.405  1.00 21.16  ? 20  LEU A CA  1 
ATOM   164 C C   . LEU A 1 20  ? -1.537  -14.799 -0.976  1.00 26.37  ? 20  LEU A C   1 
ATOM   165 O O   . LEU A 1 20  ? -1.709  -15.761 -1.738  1.00 35.64  ? 20  LEU A O   1 
ATOM   166 C CB  . LEU A 1 20  ? 0.592   -14.035 -2.009  1.00 25.70  ? 20  LEU A CB  1 
ATOM   167 C CG  . LEU A 1 20  ? 1.037   -13.532 -3.389  1.00 28.31  ? 20  LEU A CG  1 
ATOM   168 C CD1 . LEU A 1 20  ? 0.161   -12.439 -3.933  1.00 26.93  ? 20  LEU A CD1 1 
ATOM   169 C CD2 . LEU A 1 20  ? 2.474   -13.142 -3.243  1.00 28.48  ? 20  LEU A CD2 1 
ATOM   170 N N   . ASN A 1 21  ? -2.127  -14.712 0.225   1.00 24.51  ? 21  ASN A N   1 
ATOM   171 C CA  . ASN A 1 21  ? -3.113  -15.680 0.653   1.00 26.26  ? 21  ASN A CA  1 
ATOM   172 C C   . ASN A 1 21  ? -4.282  -15.640 -0.350  1.00 28.91  ? 21  ASN A C   1 
ATOM   173 O O   . ASN A 1 21  ? -4.909  -14.600 -0.525  1.00 24.37  ? 21  ASN A O   1 
ATOM   174 C CB  . ASN A 1 21  ? -3.599  -15.312 2.010   1.00 22.58  ? 21  ASN A CB  1 
ATOM   175 C CG  . ASN A 1 21  ? -4.464  -16.390 2.649   1.00 34.84  ? 21  ASN A CG  1 
ATOM   176 O OD1 . ASN A 1 21  ? -5.145  -17.199 2.011   1.00 29.45  ? 21  ASN A OD1 1 
ATOM   177 N ND2 . ASN A 1 21  ? -4.438  -16.386 3.983   1.00 34.71  ? 21  ASN A ND2 1 
ATOM   178 N N   . PRO A 1 22  ? -4.603  -16.732 -1.056  1.00 32.32  ? 22  PRO A N   1 
ATOM   179 C CA  . PRO A 1 22  ? -5.700  -16.837 -2.026  1.00 32.19  ? 22  PRO A CA  1 
ATOM   180 C C   . PRO A 1 22  ? -7.067  -16.386 -1.572  1.00 26.08  ? 22  PRO A C   1 
ATOM   181 O O   . PRO A 1 22  ? -7.872  -15.884 -2.348  1.00 33.78  ? 22  PRO A O   1 
ATOM   182 C CB  . PRO A 1 22  ? -5.674  -18.294 -2.436  1.00 33.76  ? 22  PRO A CB  1 
ATOM   183 C CG  . PRO A 1 22  ? -5.061  -18.991 -1.248  1.00 40.19  ? 22  PRO A CG  1 
ATOM   184 C CD  . PRO A 1 22  ? -3.938  -18.019 -0.918  1.00 33.63  ? 22  PRO A CD  1 
ATOM   185 N N   . GLU A 1 23  ? -7.294  -16.502 -0.273  1.00 24.91  ? 23  GLU A N   1 
ATOM   186 C CA  . GLU A 1 23  ? -8.545  -16.112 0.327   1.00 29.30  ? 23  GLU A CA  1 
ATOM   187 C C   . GLU A 1 23  ? -8.707  -14.606 0.447   1.00 28.36  ? 23  GLU A C   1 
ATOM   188 O O   . GLU A 1 23  ? -9.816  -14.143 0.717   1.00 29.93  ? 23  GLU A O   1 
ATOM   189 C CB  . GLU A 1 23  ? -8.654  -16.763 1.698   1.00 42.53  ? 23  GLU A CB  1 
ATOM   190 C CG  . GLU A 1 23  ? -9.639  -17.936 1.733   1.00 53.17  ? 23  GLU A CG  1 
ATOM   191 C CD  . GLU A 1 23  ? -10.949 -17.647 2.478   1.00 61.28  ? 23  GLU A CD  1 
ATOM   192 O OE1 . GLU A 1 23  ? -11.710 -16.769 2.065   1.00 63.84  ? 23  GLU A OE1 1 
ATOM   193 O OE2 . GLU A 1 23  ? -11.216 -18.314 3.483   1.00 69.12  ? 23  GLU A OE2 1 
ATOM   194 N N   . ASN A 1 24  ? -7.660  -13.792 0.230   1.00 25.85  ? 24  ASN A N   1 
ATOM   195 C CA  . ASN A 1 24  ? -7.815  -12.337 0.351   1.00 20.57  ? 24  ASN A CA  1 
ATOM   196 C C   . ASN A 1 24  ? -8.443  -11.830 -0.938  1.00 18.49  ? 24  ASN A C   1 
ATOM   197 O O   . ASN A 1 24  ? -7.945  -12.125 -2.029  1.00 22.82  ? 24  ASN A O   1 
ATOM   198 C CB  . ASN A 1 24  ? -6.481  -11.626 0.509   1.00 16.94  ? 24  ASN A CB  1 
ATOM   199 C CG  . ASN A 1 24  ? -5.776  -11.925 1.799   1.00 18.12  ? 24  ASN A CG  1 
ATOM   200 O OD1 . ASN A 1 24  ? -6.419  -12.137 2.825   1.00 24.04  ? 24  ASN A OD1 1 
ATOM   201 N ND2 . ASN A 1 24  ? -4.449  -11.916 1.744   1.00 19.51  ? 24  ASN A ND2 1 
ATOM   202 N N   . PRO A 1 25  ? -9.492  -11.014 -0.896  1.00 18.12  ? 25  PRO A N   1 
ATOM   203 C CA  . PRO A 1 25  ? -9.951  -10.331 -2.079  1.00 16.03  ? 25  PRO A CA  1 
ATOM   204 C C   . PRO A 1 25  ? -8.917  -9.405  -2.663  1.00 14.88  ? 25  PRO A C   1 
ATOM   205 O O   . PRO A 1 25  ? -7.966  -8.934  -2.057  1.00 15.44  ? 25  PRO A O   1 
ATOM   206 C CB  . PRO A 1 25  ? -11.203 -9.639  -1.626  1.00 19.19  ? 25  PRO A CB  1 
ATOM   207 C CG  . PRO A 1 25  ? -11.030 -9.454  -0.139  1.00 27.78  ? 25  PRO A CG  1 
ATOM   208 C CD  . PRO A 1 25  ? -10.276 -10.692 0.291   1.00 21.57  ? 25  PRO A CD  1 
ATOM   209 N N   . ARG A 1 26  ? -9.082  -9.194  -3.951  1.00 17.75  ? 26  ARG A N   1 
ATOM   210 C CA  . ARG A 1 26  ? -8.245  -8.293  -4.711  1.00 18.13  ? 26  ARG A CA  1 
ATOM   211 C C   . ARG A 1 26  ? -8.333  -6.934  -4.032  1.00 18.45  ? 26  ARG A C   1 
ATOM   212 O O   . ARG A 1 26  ? -9.436  -6.538  -3.640  1.00 18.94  ? 26  ARG A O   1 
ATOM   213 C CB  . ARG A 1 26  ? -8.789  -8.222  -6.095  1.00 21.83  ? 26  ARG A CB  1 
ATOM   214 C CG  . ARG A 1 26  ? -7.879  -7.461  -6.976  1.00 18.66  ? 26  ARG A CG  1 
ATOM   215 C CD  . ARG A 1 26  ? -8.481  -7.548  -8.356  1.00 16.69  ? 26  ARG A CD  1 
ATOM   216 N NE  . ARG A 1 26  ? -7.523  -6.840  -9.151  1.00 20.82  ? 26  ARG A NE  1 
ATOM   217 C CZ  . ARG A 1 26  ? -7.754  -6.378  -10.364 1.00 26.90  ? 26  ARG A CZ  1 
ATOM   218 N NH1 . ARG A 1 26  ? -8.946  -6.571  -10.945 1.00 30.02  ? 26  ARG A NH1 1 
ATOM   219 N NH2 . ARG A 1 26  ? -6.781  -5.642  -10.930 1.00 27.38  ? 26  ARG A NH2 1 
ATOM   220 N N   . GLY A 1 27  ? -7.199  -6.257  -3.828  1.00 16.54  ? 27  GLY A N   1 
ATOM   221 C CA  . GLY A 1 27  ? -7.206  -4.941  -3.190  1.00 13.29  ? 27  GLY A CA  1 
ATOM   222 C C   . GLY A 1 27  ? -6.995  -5.071  -1.689  1.00 15.84  ? 27  GLY A C   1 
ATOM   223 O O   . GLY A 1 27  ? -7.092  -4.054  -0.991  1.00 16.36  ? 27  GLY A O   1 
ATOM   224 N N   . THR A 1 28  ? -6.755  -6.297  -1.166  1.00 12.52  ? 28  THR A N   1 
ATOM   225 C CA  . THR A 1 28  ? -6.391  -6.420  0.243   1.00 14.19  ? 28  THR A CA  1 
ATOM   226 C C   . THR A 1 28  ? -5.029  -5.721  0.416   1.00 12.51  ? 28  THR A C   1 
ATOM   227 O O   . THR A 1 28  ? -4.102  -5.822  -0.394  1.00 13.88  ? 28  THR A O   1 
ATOM   228 C CB  . THR A 1 28  ? -6.296  -7.922  0.680   1.00 17.06  ? 28  THR A CB  1 
ATOM   229 O OG1 . THR A 1 28  ? -7.613  -8.475  0.592   1.00 16.62  ? 28  THR A OG1 1 
ATOM   230 C CG2 . THR A 1 28  ? -5.832  -8.101  2.120   1.00 12.78  ? 28  THR A CG2 1 
ATOM   231 N N   . PHE A 1 29  ? -4.906  -4.981  1.511   1.00 12.12  ? 29  PHE A N   1 
ATOM   232 C CA  . PHE A 1 29  ? -3.700  -4.155  1.682   1.00 14.37  ? 29  PHE A CA  1 
ATOM   233 C C   . PHE A 1 29  ? -3.158  -4.099  3.101   1.00 11.44  ? 29  PHE A C   1 
ATOM   234 O O   . PHE A 1 29  ? -3.779  -4.505  4.073   1.00 11.88  ? 29  PHE A O   1 
ATOM   235 C CB  . PHE A 1 29  ? -3.969  -2.685  1.229   1.00 11.34  ? 29  PHE A CB  1 
ATOM   236 C CG  . PHE A 1 29  ? -4.913  -1.972  2.216   1.00 11.61  ? 29  PHE A CG  1 
ATOM   237 C CD1 . PHE A 1 29  ? -6.270  -2.272  2.284   1.00 15.34  ? 29  PHE A CD1 1 
ATOM   238 C CD2 . PHE A 1 29  ? -4.415  -1.035  3.101   1.00 14.18  ? 29  PHE A CD2 1 
ATOM   239 C CE1 . PHE A 1 29  ? -7.111  -1.671  3.213   1.00 16.79  ? 29  PHE A CE1 1 
ATOM   240 C CE2 . PHE A 1 29  ? -5.268  -0.445  4.026   1.00 12.41  ? 29  PHE A CE2 1 
ATOM   241 C CZ  . PHE A 1 29  ? -6.600  -0.746  4.093   1.00 13.71  ? 29  PHE A CZ  1 
ATOM   242 N N   . LEU A 1 30  ? -1.967  -3.540  3.147   1.00 13.62  ? 30  LEU A N   1 
ATOM   243 C CA  . LEU A 1 30  ? -1.357  -3.185  4.427   1.00 13.86  ? 30  LEU A CA  1 
ATOM   244 C C   . LEU A 1 30  ? -0.407  -2.027  4.168   1.00 15.47  ? 30  LEU A C   1 
ATOM   245 O O   . LEU A 1 30  ? 0.050   -1.797  3.052   1.00 13.00  ? 30  LEU A O   1 
ATOM   246 C CB  . LEU A 1 30  ? -0.575  -4.347  5.027   1.00 12.60  ? 30  LEU A CB  1 
ATOM   247 C CG  . LEU A 1 30  ? 0.584   -4.989  4.237   1.00 13.96  ? 30  LEU A CG  1 
ATOM   248 C CD1 . LEU A 1 30  ? 1.895   -4.319  4.525   1.00 15.97  ? 30  LEU A CD1 1 
ATOM   249 C CD2 . LEU A 1 30  ? 0.698   -6.459  4.656   1.00 16.64  ? 30  LEU A CD2 1 
ATOM   250 N N   . VAL A 1 31  ? -0.157  -1.265  5.247   1.00 15.37  ? 31  VAL A N   1 
ATOM   251 C CA  . VAL A 1 31  ? 0.851   -0.222  5.206   1.00 14.43  ? 31  VAL A CA  1 
ATOM   252 C C   . VAL A 1 31  ? 1.918   -0.678  6.173   1.00 11.82  ? 31  VAL A C   1 
ATOM   253 O O   . VAL A 1 31  ? 1.667   -1.141  7.285   1.00 14.49  ? 31  VAL A O   1 
ATOM   254 C CB  . VAL A 1 31  ? 0.285   1.158   5.650   1.00 16.32  ? 31  VAL A CB  1 
ATOM   255 C CG1 . VAL A 1 31  ? 1.372   2.223   5.546   1.00 16.56  ? 31  VAL A CG1 1 
ATOM   256 C CG2 . VAL A 1 31  ? -0.880  1.559   4.746   1.00 19.93  ? 31  VAL A CG2 1 
ATOM   257 N N   . ARG A 1 32  ? 3.149   -0.553  5.687   1.00 13.78  ? 32  ARG A N   1 
ATOM   258 C CA  . ARG A 1 32  ? 4.327   -0.909  6.481   1.00 16.05  ? 32  ARG A CA  1 
ATOM   259 C C   . ARG A 1 32  ? 5.435   0.134   6.271   1.00 17.27  ? 32  ARG A C   1 
ATOM   260 O O   . ARG A 1 32  ? 5.347   1.017   5.408   1.00 16.42  ? 32  ARG A O   1 
ATOM   261 C CB  . ARG A 1 32  ? 4.810   -2.313  6.052   1.00 17.00  ? 32  ARG A CB  1 
ATOM   262 C CG  . ARG A 1 32  ? 5.182   -2.369  4.546   1.00 13.78  ? 32  ARG A CG  1 
ATOM   263 C CD  . ARG A 1 32  ? 5.629   -3.752  4.169   1.00 13.12  ? 32  ARG A CD  1 
ATOM   264 N NE  . ARG A 1 32  ? 5.888   -3.821  2.739   1.00 17.21  ? 32  ARG A NE  1 
ATOM   265 C CZ  . ARG A 1 32  ? 7.063   -3.531  2.159   1.00 17.33  ? 32  ARG A CZ  1 
ATOM   266 N NH1 . ARG A 1 32  ? 8.071   -3.113  2.924   1.00 19.80  ? 32  ARG A NH1 1 
ATOM   267 N NH2 . ARG A 1 32  ? 7.223   -3.641  0.822   1.00 13.50  ? 32  ARG A NH2 1 
ATOM   268 N N   . GLU A 1 33  ? 6.493   0.084   7.100   1.00 20.74  ? 33  GLU A N   1 
ATOM   269 C CA  . GLU A 1 33  ? 7.668   0.909   6.857   1.00 15.65  ? 33  GLU A CA  1 
ATOM   270 C C   . GLU A 1 33  ? 8.419   0.373   5.657   1.00 16.35  ? 33  GLU A C   1 
ATOM   271 O O   . GLU A 1 33  ? 8.407   -0.832  5.406   1.00 18.89  ? 33  GLU A O   1 
ATOM   272 C CB  . GLU A 1 33  ? 8.557   0.856   8.050   1.00 22.80  ? 33  GLU A CB  1 
ATOM   273 C CG  . GLU A 1 33  ? 7.937   1.618   9.197   1.00 24.05  ? 33  GLU A CG  1 
ATOM   274 C CD  . GLU A 1 33  ? 8.844   1.675   10.400  1.00 40.74  ? 33  GLU A CD  1 
ATOM   275 O OE1 . GLU A 1 33  ? 10.062  1.831   10.248  1.00 46.45  ? 33  GLU A OE1 1 
ATOM   276 O OE2 . GLU A 1 33  ? 8.306   1.547   11.494  1.00 49.61  ? 33  GLU A OE2 1 
ATOM   277 N N   . SER A 1 34  ? 9.041   1.237   4.875   1.00 17.67  ? 34  SER A N   1 
ATOM   278 C CA  . SER A 1 34  ? 9.913   0.764   3.814   1.00 19.15  ? 34  SER A CA  1 
ATOM   279 C C   . SER A 1 34  ? 11.222  0.170   4.375   1.00 22.99  ? 34  SER A C   1 
ATOM   280 O O   . SER A 1 34  ? 11.905  0.786   5.198   1.00 22.62  ? 34  SER A O   1 
ATOM   281 C CB  . SER A 1 34  ? 10.265  1.916   2.886   1.00 19.14  ? 34  SER A CB  1 
ATOM   282 O OG  . SER A 1 34  ? 11.209  1.523   1.893   1.00 21.55  ? 34  SER A OG  1 
ATOM   283 N N   . GLU A 1 35  ? 11.592  -1.036  3.931   1.00 23.97  ? 35  GLU A N   1 
ATOM   284 C CA  . GLU A 1 35  ? 12.893  -1.615  4.230   1.00 25.52  ? 35  GLU A CA  1 
ATOM   285 C C   . GLU A 1 35  ? 14.024  -0.793  3.643   1.00 30.02  ? 35  GLU A C   1 
ATOM   286 O O   . GLU A 1 35  ? 14.948  -0.412  4.365   1.00 31.55  ? 35  GLU A O   1 
ATOM   287 C CB  . GLU A 1 35  ? 13.091  -2.970  3.652   1.00 23.29  ? 35  GLU A CB  1 
ATOM   288 C CG  . GLU A 1 35  ? 12.152  -3.980  4.174   1.00 29.79  ? 35  GLU A CG  1 
ATOM   289 C CD  . GLU A 1 35  ? 12.599  -5.382  3.808   1.00 33.17  ? 35  GLU A CD  1 
ATOM   290 O OE1 . GLU A 1 35  ? 13.378  -5.933  4.586   1.00 39.84  ? 35  GLU A OE1 1 
ATOM   291 O OE2 . GLU A 1 35  ? 12.160  -5.931  2.789   1.00 21.15  ? 35  GLU A OE2 1 
ATOM   292 N N   . THR A 1 36  ? 13.939  -0.500  2.337   1.00 26.98  ? 36  THR A N   1 
ATOM   293 C CA  . THR A 1 36  ? 15.035  0.182   1.625   1.00 31.67  ? 36  THR A CA  1 
ATOM   294 C C   . THR A 1 36  ? 15.157  1.707   1.624   1.00 34.54  ? 36  THR A C   1 
ATOM   295 O O   . THR A 1 36  ? 16.260  2.224   1.372   1.00 34.85  ? 36  THR A O   1 
ATOM   296 C CB  . THR A 1 36  ? 15.038  -0.300  0.180   1.00 26.17  ? 36  THR A CB  1 
ATOM   297 O OG1 . THR A 1 36  ? 13.721  -0.146  -0.291  1.00 28.58  ? 36  THR A OG1 1 
ATOM   298 C CG2 . THR A 1 36  ? 15.471  -1.739  0.049   1.00 35.55  ? 36  THR A CG2 1 
ATOM   299 N N   . THR A 1 37  ? 14.054  2.427   1.886   1.00 27.03  ? 37  THR A N   1 
ATOM   300 C CA  . THR A 1 37  ? 14.075  3.871   1.936   1.00 25.08  ? 37  THR A CA  1 
ATOM   301 C C   . THR A 1 37  ? 13.664  4.290   3.327   1.00 30.09  ? 37  THR A C   1 
ATOM   302 O O   . THR A 1 37  ? 12.493  4.313   3.705   1.00 30.04  ? 37  THR A O   1 
ATOM   303 C CB  . THR A 1 37  ? 13.114  4.436   0.903   1.00 29.37  ? 37  THR A CB  1 
ATOM   304 O OG1 . THR A 1 37  ? 13.570  3.983   -0.360  1.00 38.10  ? 37  THR A OG1 1 
ATOM   305 C CG2 . THR A 1 37  ? 13.078  5.941   0.893   1.00 40.88  ? 37  THR A CG2 1 
ATOM   306 N N   . LYS A 1 38  ? 14.670  4.623   4.119   1.00 32.42  ? 38  LYS A N   1 
ATOM   307 C CA  . LYS A 1 38  ? 14.451  5.025   5.501   1.00 38.97  ? 38  LYS A CA  1 
ATOM   308 C C   . LYS A 1 38  ? 13.542  6.254   5.551   1.00 35.28  ? 38  LYS A C   1 
ATOM   309 O O   . LYS A 1 38  ? 13.621  7.154   4.704   1.00 34.92  ? 38  LYS A O   1 
ATOM   310 C CB  . LYS A 1 38  ? 15.824  5.307   6.136   1.00 51.02  ? 38  LYS A CB  1 
ATOM   311 C CG  . LYS A 1 38  ? 16.792  4.113   6.000   1.00 72.35  ? 38  LYS A CG  1 
ATOM   312 C CD  . LYS A 1 38  ? 18.217  4.408   6.516   1.00 84.05  ? 38  LYS A CD  1 
ATOM   313 C CE  . LYS A 1 38  ? 19.112  3.163   6.395   1.00 88.20  ? 38  LYS A CE  1 
ATOM   314 N NZ  . LYS A 1 38  ? 20.497  3.444   6.740   1.00 87.98  ? 38  LYS A NZ  1 
ATOM   315 N N   . GLY A 1 39  ? 12.583  6.248   6.488   1.00 38.03  ? 39  GLY A N   1 
ATOM   316 C CA  . GLY A 1 39  ? 11.640  7.360   6.622   1.00 30.70  ? 39  GLY A CA  1 
ATOM   317 C C   . GLY A 1 39  ? 10.446  7.249   5.680   1.00 29.58  ? 39  GLY A C   1 
ATOM   318 O O   . GLY A 1 39  ? 9.493   8.019   5.830   1.00 31.67  ? 39  GLY A O   1 
ATOM   319 N N   . ALA A 1 40  ? 10.474  6.344   4.680   1.00 26.41  ? 40  ALA A N   1 
ATOM   320 C CA  . ALA A 1 40  ? 9.287   6.182   3.854   1.00 25.11  ? 40  ALA A CA  1 
ATOM   321 C C   . ALA A 1 40  ? 8.457   4.965   4.316   1.00 20.64  ? 40  ALA A C   1 
ATOM   322 O O   . ALA A 1 40  ? 8.860   4.092   5.080   1.00 19.88  ? 40  ALA A O   1 
ATOM   323 C CB  . ALA A 1 40  ? 9.674   6.015   2.356   1.00 22.22  ? 40  ALA A CB  1 
ATOM   324 N N   . TYR A 1 41  ? 7.201   4.952   3.899   1.00 17.04  ? 41  TYR A N   1 
ATOM   325 C CA  . TYR A 1 41  ? 6.314   3.854   4.204   1.00 15.17  ? 41  TYR A CA  1 
ATOM   326 C C   . TYR A 1 41  ? 6.015   3.199   2.868   1.00 15.25  ? 41  TYR A C   1 
ATOM   327 O O   . TYR A 1 41  ? 6.443   3.644   1.783   1.00 16.16  ? 41  TYR A O   1 
ATOM   328 C CB  . TYR A 1 41  ? 5.041   4.390   4.854   1.00 17.81  ? 41  TYR A CB  1 
ATOM   329 C CG  . TYR A 1 41  ? 5.315   5.060   6.194   1.00 23.55  ? 41  TYR A CG  1 
ATOM   330 C CD1 . TYR A 1 41  ? 5.652   6.420   6.247   1.00 22.80  ? 41  TYR A CD1 1 
ATOM   331 C CD2 . TYR A 1 41  ? 5.214   4.291   7.345   1.00 26.12  ? 41  TYR A CD2 1 
ATOM   332 C CE1 . TYR A 1 41  ? 5.881   6.988   7.487   1.00 30.03  ? 41  TYR A CE1 1 
ATOM   333 C CE2 . TYR A 1 41  ? 5.440   4.859   8.586   1.00 25.91  ? 41  TYR A CE2 1 
ATOM   334 C CZ  . TYR A 1 41  ? 5.772   6.211   8.653   1.00 42.17  ? 41  TYR A CZ  1 
ATOM   335 O OH  . TYR A 1 41  ? 5.975   6.788   9.920   1.00 42.79  ? 41  TYR A OH  1 
ATOM   336 N N   . CYS A 1 42  ? 5.298   2.084   2.980   1.00 15.60  ? 42  CYS A N   1 
ATOM   337 C CA  . CYS A 1 42  ? 4.919   1.359   1.793   1.00 15.26  ? 42  CYS A CA  1 
ATOM   338 C C   . CYS A 1 42  ? 3.474   0.891   1.915   1.00 17.03  ? 42  CYS A C   1 
ATOM   339 O O   . CYS A 1 42  ? 3.029   0.437   2.979   1.00 15.35  ? 42  CYS A O   1 
ATOM   340 C CB  . CYS A 1 42  ? 5.860   0.172   1.620   1.00 18.34  ? 42  CYS A CB  1 
ATOM   341 S SG  . CYS A 1 42  ? 5.390   -0.817  0.168   1.00 22.40  ? 42  CYS A SG  1 
ATOM   342 N N   . LEU A 1 43  ? 2.732   1.071   0.807   1.00 14.29  ? 43  LEU A N   1 
ATOM   343 C CA  . LEU A 1 43  ? 1.362   0.547   0.706   1.00 17.17  ? 43  LEU A CA  1 
ATOM   344 C C   . LEU A 1 43  ? 1.461   -0.719  -0.171  1.00 13.38  ? 43  LEU A C   1 
ATOM   345 O O   . LEU A 1 43  ? 1.838   -0.646  -1.342  1.00 13.06  ? 43  LEU A O   1 
ATOM   346 C CB  . LEU A 1 43  ? 0.446   1.564   0.049   1.00 13.18  ? 43  LEU A CB  1 
ATOM   347 C CG  . LEU A 1 43  ? -0.985  1.067   -0.329  1.00 20.37  ? 43  LEU A CG  1 
ATOM   348 C CD1 . LEU A 1 43  ? -1.791  0.605   0.875   1.00 15.11  ? 43  LEU A CD1 1 
ATOM   349 C CD2 . LEU A 1 43  ? -1.733  2.236   -0.942  1.00 18.79  ? 43  LEU A CD2 1 
ATOM   350 N N   . SER A 1 44  ? 1.194   -1.871  0.427   1.00 12.35  ? 44  SER A N   1 
ATOM   351 C CA  . SER A 1 44  ? 1.320   -3.142  -0.294  1.00 15.53  ? 44  SER A CA  1 
ATOM   352 C C   . SER A 1 44  ? -0.072  -3.686  -0.560  1.00 13.18  ? 44  SER A C   1 
ATOM   353 O O   . SER A 1 44  ? -0.876  -3.734  0.352   1.00 12.23  ? 44  SER A O   1 
ATOM   354 C CB  . SER A 1 44  ? 2.135   -4.126  0.536   1.00 14.43  ? 44  SER A CB  1 
ATOM   355 O OG  . SER A 1 44  ? 3.482   -3.691  0.597   1.00 15.81  ? 44  SER A OG  1 
ATOM   356 N N   . VAL A 1 45  ? -0.376  -4.070  -1.815  1.00 13.74  ? 45  VAL A N   1 
ATOM   357 C CA  . VAL A 1 45  ? -1.747  -4.374  -2.212  1.00 10.94  ? 45  VAL A CA  1 
ATOM   358 C C   . VAL A 1 45  ? -1.791  -5.683  -3.008  1.00 14.49  ? 45  VAL A C   1 
ATOM   359 O O   . VAL A 1 45  ? -0.932  -5.870  -3.885  1.00 15.75  ? 45  VAL A O   1 
ATOM   360 C CB  . VAL A 1 45  ? -2.293  -3.199  -3.104  1.00 17.32  ? 45  VAL A CB  1 
ATOM   361 C CG1 . VAL A 1 45  ? -3.810  -3.341  -3.310  1.00 17.15  ? 45  VAL A CG1 1 
ATOM   362 C CG2 . VAL A 1 45  ? -2.043  -1.853  -2.452  1.00 18.68  ? 45  VAL A CG2 1 
ATOM   363 N N   . SER A 1 46  ? -2.751  -6.573  -2.745  1.00 11.01  ? 46  SER A N   1 
ATOM   364 C CA  . SER A 1 46  ? -2.853  -7.755  -3.563  1.00 13.60  ? 46  SER A CA  1 
ATOM   365 C C   . SER A 1 46  ? -3.635  -7.407  -4.850  1.00 18.54  ? 46  SER A C   1 
ATOM   366 O O   . SER A 1 46  ? -4.559  -6.583  -4.927  1.00 18.89  ? 46  SER A O   1 
ATOM   367 C CB  . SER A 1 46  ? -3.548  -8.848  -2.800  1.00 16.72  ? 46  SER A CB  1 
ATOM   368 O OG  . SER A 1 46  ? -4.919  -8.529  -2.675  1.00 17.57  ? 46  SER A OG  1 
ATOM   369 N N   . ASP A 1 47  ? -3.200  -8.052  -5.930  1.00 18.08  ? 47  ASP A N   1 
ATOM   370 C CA  . ASP A 1 47  ? -3.709  -7.724  -7.233  1.00 18.35  ? 47  ASP A CA  1 
ATOM   371 C C   . ASP A 1 47  ? -3.844  -9.039  -8.032  1.00 24.89  ? 47  ASP A C   1 
ATOM   372 O O   . ASP A 1 47  ? -3.241  -10.068 -7.711  1.00 19.97  ? 47  ASP A O   1 
ATOM   373 C CB  . ASP A 1 47  ? -2.714  -6.720  -7.909  1.00 13.33  ? 47  ASP A CB  1 
ATOM   374 C CG  . ASP A 1 47  ? -3.227  -5.991  -9.163  1.00 15.71  ? 47  ASP A CG  1 
ATOM   375 O OD1 . ASP A 1 47  ? -4.420  -5.700  -9.247  1.00 21.29  ? 47  ASP A OD1 1 
ATOM   376 O OD2 . ASP A 1 47  ? -2.439  -5.682  -10.051 1.00 18.18  ? 47  ASP A OD2 1 
ATOM   377 N N   . PHE A 1 48  ? -4.663  -8.981  -9.089  1.00 27.13  ? 48  PHE A N   1 
ATOM   378 C CA  . PHE A 1 48  ? -4.809  -10.110 -9.960  1.00 27.41  ? 48  PHE A CA  1 
ATOM   379 C C   . PHE A 1 48  ? -4.615  -9.651  -11.379 1.00 30.10  ? 48  PHE A C   1 
ATOM   380 O O   . PHE A 1 48  ? -5.105  -8.617  -11.821 1.00 28.24  ? 48  PHE A O   1 
ATOM   381 C CB  . PHE A 1 48  ? -6.186  -10.718 -9.783  1.00 31.05  ? 48  PHE A CB  1 
ATOM   382 C CG  . PHE A 1 48  ? -6.306  -12.120 -10.422 1.00 44.96  ? 48  PHE A CG  1 
ATOM   383 C CD1 . PHE A 1 48  ? -6.672  -12.267 -11.768 1.00 42.76  ? 48  PHE A CD1 1 
ATOM   384 C CD2 . PHE A 1 48  ? -6.042  -13.247 -9.652  1.00 39.73  ? 48  PHE A CD2 1 
ATOM   385 C CE1 . PHE A 1 48  ? -6.771  -13.531 -12.336 1.00 45.44  ? 48  PHE A CE1 1 
ATOM   386 C CE2 . PHE A 1 48  ? -6.143  -14.502 -10.222 1.00 51.70  ? 48  PHE A CE2 1 
ATOM   387 C CZ  . PHE A 1 48  ? -6.507  -14.646 -11.559 1.00 50.99  ? 48  PHE A CZ  1 
ATOM   388 N N   . ASP A 1 49  ? -3.843  -10.469 -12.085 1.00 43.98  ? 49  ASP A N   1 
ATOM   389 C CA  . ASP A 1 49  ? -3.635  -10.331 -13.520 1.00 55.50  ? 49  ASP A CA  1 
ATOM   390 C C   . ASP A 1 49  ? -3.981  -11.702 -14.069 1.00 58.64  ? 49  ASP A C   1 
ATOM   391 O O   . ASP A 1 49  ? -3.613  -12.731 -13.499 1.00 49.53  ? 49  ASP A O   1 
ATOM   392 C CB  . ASP A 1 49  ? -2.168  -9.996  -13.879 1.00 59.73  ? 49  ASP A CB  1 
ATOM   393 C CG  . ASP A 1 49  ? -1.610  -8.643  -13.387 1.00 74.66  ? 49  ASP A CG  1 
ATOM   394 O OD1 . ASP A 1 49  ? -2.000  -8.139  -12.321 1.00 76.79  ? 49  ASP A OD1 1 
ATOM   395 O OD2 . ASP A 1 49  ? -0.748  -8.086  -14.078 1.00 76.75  ? 49  ASP A OD2 1 
ATOM   396 N N   . ASN A 1 50  ? -4.752  -11.775 -15.156 1.00 69.97  ? 50  ASN A N   1 
ATOM   397 C CA  . ASN A 1 50  ? -5.053  -13.066 -15.761 1.00 78.87  ? 50  ASN A CA  1 
ATOM   398 C C   . ASN A 1 50  ? -3.877  -13.409 -16.677 1.00 78.81  ? 50  ASN A C   1 
ATOM   399 O O   . ASN A 1 50  ? -3.972  -13.379 -17.902 1.00 86.60  ? 50  ASN A O   1 
ATOM   400 C CB  . ASN A 1 50  ? -6.382  -12.961 -16.540 1.00 86.83  ? 50  ASN A CB  1 
ATOM   401 C CG  . ASN A 1 50  ? -6.858  -14.289 -17.135 1.00 95.96  ? 50  ASN A CG  1 
ATOM   402 O OD1 . ASN A 1 50  ? -6.545  -15.385 -16.652 1.00 101.67 ? 50  ASN A OD1 1 
ATOM   403 N ND2 . ASN A 1 50  ? -7.627  -14.207 -18.222 1.00 98.35  ? 50  ASN A ND2 1 
ATOM   404 N N   . ALA A 1 51  ? -2.749  -13.736 -16.037 1.00 76.11  ? 51  ALA A N   1 
ATOM   405 C CA  . ALA A 1 51  ? -1.460  -14.009 -16.662 1.00 72.91  ? 51  ALA A CA  1 
ATOM   406 C C   . ALA A 1 51  ? -0.463  -14.232 -15.543 1.00 69.93  ? 51  ALA A C   1 
ATOM   407 O O   . ALA A 1 51  ? 0.248   -15.236 -15.548 1.00 71.01  ? 51  ALA A O   1 
ATOM   408 C CB  . ALA A 1 51  ? -0.912  -12.831 -17.474 1.00 79.00  ? 51  ALA A CB  1 
ATOM   409 N N   . LYS A 1 52  ? -0.373  -13.250 -14.616 1.00 65.47  ? 52  LYS A N   1 
ATOM   410 C CA  . LYS A 1 52  ? 0.469   -13.349 -13.428 1.00 54.71  ? 52  LYS A CA  1 
ATOM   411 C C   . LYS A 1 52  ? -0.274  -14.042 -12.318 1.00 52.80  ? 52  LYS A C   1 
ATOM   412 O O   . LYS A 1 52  ? 0.304   -14.800 -11.533 1.00 56.87  ? 52  LYS A O   1 
ATOM   413 C CB  . LYS A 1 52  ? 0.881   -12.002 -12.892 1.00 46.94  ? 52  LYS A CB  1 
ATOM   414 C CG  . LYS A 1 52  ? 2.333   -11.654 -13.122 1.00 49.23  ? 52  LYS A CG  1 
ATOM   415 C CD  . LYS A 1 52  ? 2.679   -11.265 -14.569 1.00 53.96  ? 52  LYS A CD  1 
ATOM   416 C CE  . LYS A 1 52  ? 2.983   -12.417 -15.541 1.00 50.32  ? 52  LYS A CE  1 
ATOM   417 N NZ  . LYS A 1 52  ? 3.489   -11.896 -16.792 1.00 43.82  ? 52  LYS A NZ  1 
ATOM   418 N N   . GLY A 1 53  ? -1.592  -13.813 -12.331 1.00 45.53  ? 53  GLY A N   1 
ATOM   419 C CA  . GLY A 1 53  ? -2.457  -14.292 -11.268 1.00 44.85  ? 53  GLY A CA  1 
ATOM   420 C C   . GLY A 1 53  ? -2.226  -13.384 -10.066 1.00 32.82  ? 53  GLY A C   1 
ATOM   421 O O   . GLY A 1 53  ? -1.984  -12.169 -10.180 1.00 32.72  ? 53  GLY A O   1 
ATOM   422 N N   . LEU A 1 54  ? -2.271  -14.043 -8.921  1.00 27.69  ? 54  LEU A N   1 
ATOM   423 C CA  . LEU A 1 54  ? -1.978  -13.350 -7.685  1.00 32.48  ? 54  LEU A CA  1 
ATOM   424 C C   . LEU A 1 54  ? -0.576  -12.781 -7.684  1.00 32.71  ? 54  LEU A C   1 
ATOM   425 O O   . LEU A 1 54  ? 0.415   -13.415 -8.055  1.00 27.68  ? 54  LEU A O   1 
ATOM   426 C CB  . LEU A 1 54  ? -2.120  -14.285 -6.507  1.00 37.12  ? 54  LEU A CB  1 
ATOM   427 C CG  . LEU A 1 54  ? -3.340  -14.148 -5.599  1.00 46.40  ? 54  LEU A CG  1 
ATOM   428 C CD1 . LEU A 1 54  ? -4.631  -13.974 -6.400  1.00 43.14  ? 54  LEU A CD1 1 
ATOM   429 C CD2 . LEU A 1 54  ? -3.392  -15.401 -4.716  1.00 51.37  ? 54  LEU A CD2 1 
ATOM   430 N N   . ASN A 1 55  ? -0.557  -11.489 -7.371  1.00 24.18  ? 55  ASN A N   1 
ATOM   431 C CA  . ASN A 1 55  ? 0.703   -10.815 -7.232  1.00 20.49  ? 55  ASN A CA  1 
ATOM   432 C C   . ASN A 1 55  ? 0.451   -9.605  -6.352  1.00 16.31  ? 55  ASN A C   1 
ATOM   433 O O   . ASN A 1 55  ? -0.701  -9.280  -6.072  1.00 18.44  ? 55  ASN A O   1 
ATOM   434 C CB  . ASN A 1 55  ? 1.239   -10.403 -8.598  1.00 27.00  ? 55  ASN A CB  1 
ATOM   435 C CG  . ASN A 1 55  ? 0.563   -9.213  -9.260  1.00 33.15  ? 55  ASN A CG  1 
ATOM   436 O OD1 . ASN A 1 55  ? 1.130   -8.108  -9.296  1.00 29.01  ? 55  ASN A OD1 1 
ATOM   437 N ND2 . ASN A 1 55  ? -0.648  -9.505  -9.760  1.00 35.79  ? 55  ASN A ND2 1 
ATOM   438 N N   . VAL A 1 56  ? 1.530   -8.982  -5.901  1.00 18.94  ? 56  VAL A N   1 
ATOM   439 C CA  . VAL A 1 56  ? 1.453   -7.875  -4.923  1.00 17.71  ? 56  VAL A CA  1 
ATOM   440 C C   . VAL A 1 56  ? 2.144   -6.704  -5.537  1.00 15.57  ? 56  VAL A C   1 
ATOM   441 O O   . VAL A 1 56  ? 3.232   -6.850  -6.091  1.00 17.20  ? 56  VAL A O   1 
ATOM   442 C CB  . VAL A 1 56  ? 2.160   -8.252  -3.567  1.00 17.98  ? 56  VAL A CB  1 
ATOM   443 C CG1 . VAL A 1 56  ? 2.205   -7.067  -2.600  1.00 19.49  ? 56  VAL A CG1 1 
ATOM   444 C CG2 . VAL A 1 56  ? 1.362   -9.339  -2.842  1.00 17.96  ? 56  VAL A CG2 1 
ATOM   445 N N   . LYS A 1 57  ? 1.489   -5.550  -5.462  1.00 14.58  ? 57  LYS A N   1 
ATOM   446 C CA  . LYS A 1 57  ? 2.137   -4.323  -5.923  1.00 17.04  ? 57  LYS A CA  1 
ATOM   447 C C   . LYS A 1 57  ? 2.569   -3.536  -4.676  1.00 14.19  ? 57  LYS A C   1 
ATOM   448 O O   . LYS A 1 57  ? 1.856   -3.542  -3.665  1.00 16.57  ? 57  LYS A O   1 
ATOM   449 C CB  . LYS A 1 57  ? 1.185   -3.444  -6.721  1.00 19.21  ? 57  LYS A CB  1 
ATOM   450 C CG  . LYS A 1 57  ? 0.562   -4.069  -7.968  1.00 27.53  ? 57  LYS A CG  1 
ATOM   451 C CD  . LYS A 1 57  ? 1.414   -3.871  -9.212  1.00 34.75  ? 57  LYS A CD  1 
ATOM   452 C CE  . LYS A 1 57  ? 0.613   -4.218  -10.486 1.00 34.37  ? 57  LYS A CE  1 
ATOM   453 N NZ  . LYS A 1 57  ? 0.217   -5.624  -10.619 1.00 31.48  ? 57  LYS A NZ  1 
ATOM   454 N N   . HIS A 1 58  ? 3.712   -2.874  -4.728  1.00 12.31  ? 58  HIS A N   1 
ATOM   455 C CA  . HIS A 1 58  ? 4.186   -2.071  -3.616  1.00 12.22  ? 58  HIS A CA  1 
ATOM   456 C C   . HIS A 1 58  ? 4.280   -0.642  -4.052  1.00 12.84  ? 58  HIS A C   1 
ATOM   457 O O   . HIS A 1 58  ? 4.838   -0.331  -5.083  1.00 14.62  ? 58  HIS A O   1 
ATOM   458 C CB  . HIS A 1 58  ? 5.540   -2.574  -3.156  1.00 13.75  ? 58  HIS A CB  1 
ATOM   459 C CG  . HIS A 1 58  ? 5.487   -4.002  -2.581  1.00 17.16  ? 58  HIS A CG  1 
ATOM   460 N ND1 . HIS A 1 58  ? 5.065   -4.383  -1.374  1.00 15.18  ? 58  HIS A ND1 1 
ATOM   461 C CD2 . HIS A 1 58  ? 5.876   -5.137  -3.287  1.00 15.29  ? 58  HIS A CD2 1 
ATOM   462 C CE1 . HIS A 1 58  ? 5.191   -5.688  -1.342  1.00 16.12  ? 58  HIS A CE1 1 
ATOM   463 N NE2 . HIS A 1 58  ? 5.678   -6.145  -2.490  1.00 15.84  ? 58  HIS A NE2 1 
ATOM   464 N N   . TYR A 1 59  ? 3.705   0.272   -3.273  1.00 13.51  ? 59  TYR A N   1 
ATOM   465 C CA  . TYR A 1 59  ? 3.675   1.698   -3.574  1.00 12.90  ? 59  TYR A CA  1 
ATOM   466 C C   . TYR A 1 59  ? 4.400   2.406   -2.432  1.00 16.96  ? 59  TYR A C   1 
ATOM   467 O O   . TYR A 1 59  ? 3.938   2.386   -1.276  1.00 14.92  ? 59  TYR A O   1 
ATOM   468 C CB  . TYR A 1 59  ? 2.238   2.230   -3.634  1.00 10.69  ? 59  TYR A CB  1 
ATOM   469 C CG  . TYR A 1 59  ? 1.479   1.563   -4.762  1.00 17.00  ? 59  TYR A CG  1 
ATOM   470 C CD1 . TYR A 1 59  ? 1.620   2.060   -6.058  1.00 16.68  ? 59  TYR A CD1 1 
ATOM   471 C CD2 . TYR A 1 59  ? 0.684   0.447   -4.487  1.00 15.22  ? 59  TYR A CD2 1 
ATOM   472 C CE1 . TYR A 1 59  ? 0.944   1.443   -7.093  1.00 22.09  ? 59  TYR A CE1 1 
ATOM   473 C CE2 . TYR A 1 59  ? 0.014   -0.176  -5.521  1.00 16.76  ? 59  TYR A CE2 1 
ATOM   474 C CZ  . TYR A 1 59  ? 0.148   0.325   -6.801  1.00 23.09  ? 59  TYR A CZ  1 
ATOM   475 O OH  . TYR A 1 59  ? -0.568  -0.267  -7.813  1.00 21.69  ? 59  TYR A OH  1 
ATOM   476 N N   . LYS A 1 60  ? 5.531   3.043   -2.775  1.00 13.78  ? 60  LYS A N   1 
ATOM   477 C CA  . LYS A 1 60  ? 6.255   3.798   -1.760  1.00 15.67  ? 60  LYS A CA  1 
ATOM   478 C C   . LYS A 1 60  ? 5.484   5.077   -1.394  1.00 11.94  ? 60  LYS A C   1 
ATOM   479 O O   . LYS A 1 60  ? 4.999   5.854   -2.215  1.00 14.46  ? 60  LYS A O   1 
ATOM   480 C CB  . LYS A 1 60  ? 7.629   4.111   -2.324  1.00 15.66  ? 60  LYS A CB  1 
ATOM   481 C CG  . LYS A 1 60  ? 8.574   4.720   -1.325  1.00 18.94  ? 60  LYS A CG  1 
ATOM   482 C CD  . LYS A 1 60  ? 9.967   4.760   -1.990  1.00 28.04  ? 60  LYS A CD  1 
ATOM   483 C CE  . LYS A 1 60  ? 10.642  3.368   -2.075  1.00 25.28  ? 60  LYS A CE  1 
ATOM   484 N NZ  . LYS A 1 60  ? 11.956  3.476   -2.709  1.00 26.17  ? 60  LYS A NZ  1 
ATOM   485 N N   . ILE A 1 61  ? 5.270   5.232   -0.115  1.00 13.90  ? 61  ILE A N   1 
ATOM   486 C CA  . ILE A 1 61  ? 4.677   6.445   0.425   1.00 15.26  ? 61  ILE A CA  1 
ATOM   487 C C   . ILE A 1 61  ? 5.795   7.371   0.945   1.00 15.69  ? 61  ILE A C   1 
ATOM   488 O O   . ILE A 1 61  ? 6.547   7.019   1.861   1.00 15.50  ? 61  ILE A O   1 
ATOM   489 C CB  . ILE A 1 61  ? 3.728   6.098   1.558   1.00 13.34  ? 61  ILE A CB  1 
ATOM   490 C CG1 . ILE A 1 61  ? 2.621   5.200   1.029   1.00 15.31  ? 61  ILE A CG1 1 
ATOM   491 C CG2 . ILE A 1 61  ? 3.113   7.396   2.132   1.00 13.51  ? 61  ILE A CG2 1 
ATOM   492 C CD1 . ILE A 1 61  ? 1.750   4.588   2.165   1.00 15.65  ? 61  ILE A CD1 1 
ATOM   493 N N   . ARG A 1 62  ? 5.915   8.548   0.317   1.00 16.16  ? 62  ARG A N   1 
ATOM   494 C CA  . ARG A 1 62  ? 6.946   9.473   0.725   1.00 16.18  ? 62  ARG A CA  1 
ATOM   495 C C   . ARG A 1 62  ? 6.356   10.590  1.533   1.00 18.84  ? 62  ARG A C   1 
ATOM   496 O O   . ARG A 1 62  ? 5.194   10.952  1.416   1.00 17.31  ? 62  ARG A O   1 
ATOM   497 C CB  . ARG A 1 62  ? 7.634   10.039  -0.469  1.00 19.95  ? 62  ARG A CB  1 
ATOM   498 C CG  . ARG A 1 62  ? 8.365   8.975   -1.297  1.00 21.32  ? 62  ARG A CG  1 
ATOM   499 C CD  . ARG A 1 62  ? 9.307   9.684   -2.298  1.00 32.79  ? 62  ARG A CD  1 
ATOM   500 N NE  . ARG A 1 62  ? 10.214  8.746   -3.001  1.00 32.98  ? 62  ARG A NE  1 
ATOM   501 C CZ  . ARG A 1 62  ? 9.774   8.123   -4.102  1.00 33.74  ? 62  ARG A CZ  1 
ATOM   502 N NH1 . ARG A 1 62  ? 8.538   8.346   -4.558  1.00 41.64  ? 62  ARG A NH1 1 
ATOM   503 N NH2 . ARG A 1 62  ? 10.547  7.279   -4.760  1.00 36.56  ? 62  ARG A NH2 1 
ATOM   504 N N   . LYS A 1 63  ? 7.187   11.090  2.427   1.00 20.52  ? 63  LYS A N   1 
ATOM   505 C CA  . LYS A 1 63  ? 6.831   12.224  3.278   1.00 31.29  ? 63  LYS A CA  1 
ATOM   506 C C   . LYS A 1 63  ? 7.434   13.536  2.752   1.00 26.35  ? 63  LYS A C   1 
ATOM   507 O O   . LYS A 1 63  ? 8.648   13.647  2.576   1.00 30.09  ? 63  LYS A O   1 
ATOM   508 C CB  . LYS A 1 63  ? 7.316   11.960  4.709   1.00 33.43  ? 63  LYS A CB  1 
ATOM   509 C CG  . LYS A 1 63  ? 6.685   12.979  5.641   1.00 53.03  ? 63  LYS A CG  1 
ATOM   510 C CD  . LYS A 1 63  ? 7.597   13.250  6.846   1.00 72.82  ? 63  LYS A CD  1 
ATOM   511 C CE  . LYS A 1 63  ? 9.072   13.657  6.537   1.00 81.05  ? 63  LYS A CE  1 
ATOM   512 N NZ  . LYS A 1 63  ? 9.257   14.877  5.759   1.00 75.30  ? 63  LYS A NZ  1 
ATOM   513 N N   . LEU A 1 64  ? 6.598   14.526  2.421   1.00 26.76  ? 64  LEU A N   1 
ATOM   514 C CA  . LEU A 1 64  ? 7.093   15.841  2.071   1.00 33.33  ? 64  LEU A CA  1 
ATOM   515 C C   . LEU A 1 64  ? 7.754   16.455  3.311   1.00 35.24  ? 64  LEU A C   1 
ATOM   516 O O   . LEU A 1 64  ? 7.383   16.149  4.440   1.00 30.88  ? 64  LEU A O   1 
ATOM   517 C CB  . LEU A 1 64  ? 5.984   16.800  1.635   1.00 41.35  ? 64  LEU A CB  1 
ATOM   518 C CG  . LEU A 1 64  ? 5.123   16.769  0.347   1.00 44.12  ? 64  LEU A CG  1 
ATOM   519 C CD1 . LEU A 1 64  ? 6.012   16.591  -0.865  1.00 39.27  ? 64  LEU A CD1 1 
ATOM   520 C CD2 . LEU A 1 64  ? 4.047   15.707  0.494   1.00 47.83  ? 64  LEU A CD2 1 
ATOM   521 N N   . ASP A 1 65  ? 8.774   17.300  3.140   1.00 40.80  ? 65  ASP A N   1 
ATOM   522 C CA  . ASP A 1 65  ? 9.463   17.952  4.250   1.00 47.74  ? 65  ASP A CA  1 
ATOM   523 C C   . ASP A 1 65  ? 8.549   18.978  4.904   1.00 48.51  ? 65  ASP A C   1 
ATOM   524 O O   . ASP A 1 65  ? 8.457   19.132  6.126   1.00 52.73  ? 65  ASP A O   1 
ATOM   525 C CB  . ASP A 1 65  ? 10.723  18.578  3.691   1.00 59.05  ? 65  ASP A CB  1 
ATOM   526 C CG  . ASP A 1 65  ? 11.652  17.497  3.152   1.00 70.04  ? 65  ASP A CG  1 
ATOM   527 O OD1 . ASP A 1 65  ? 12.108  16.652  3.935   1.00 71.49  ? 65  ASP A OD1 1 
ATOM   528 O OD2 . ASP A 1 65  ? 11.888  17.498  1.940   1.00 79.53  ? 65  ASP A OD2 1 
ATOM   529 N N   . SER A 1 66  ? 7.781   19.595  4.006   1.00 46.79  ? 66  SER A N   1 
ATOM   530 C CA  . SER A 1 66  ? 6.627   20.394  4.354   1.00 47.83  ? 66  SER A CA  1 
ATOM   531 C C   . SER A 1 66  ? 5.560   19.587  5.114   1.00 43.50  ? 66  SER A C   1 
ATOM   532 O O   . SER A 1 66  ? 4.506   20.128  5.440   1.00 42.83  ? 66  SER A O   1 
ATOM   533 C CB  . SER A 1 66  ? 6.063   20.982  3.062   1.00 49.43  ? 66  SER A CB  1 
ATOM   534 O OG  . SER A 1 66  ? 6.275   20.191  1.893   1.00 61.67  ? 66  SER A OG  1 
ATOM   535 N N   . GLY A 1 67  ? 5.799   18.284  5.355   1.00 40.94  ? 67  GLY A N   1 
ATOM   536 C CA  . GLY A 1 67  ? 4.996   17.414  6.215   1.00 41.96  ? 67  GLY A CA  1 
ATOM   537 C C   . GLY A 1 67  ? 4.127   16.314  5.591   1.00 40.30  ? 67  GLY A C   1 
ATOM   538 O O   . GLY A 1 67  ? 4.028   15.192  6.132   1.00 46.93  ? 67  GLY A O   1 
ATOM   539 N N   . GLY A 1 68  ? 3.465   16.595  4.466   1.00 31.09  ? 68  GLY A N   1 
ATOM   540 C CA  . GLY A 1 68  ? 2.512   15.622  3.913   1.00 32.31  ? 68  GLY A CA  1 
ATOM   541 C C   . GLY A 1 68  ? 3.033   14.247  3.453   1.00 27.75  ? 68  GLY A C   1 
ATOM   542 O O   . GLY A 1 68  ? 4.228   13.966  3.426   1.00 27.58  ? 68  GLY A O   1 
ATOM   543 N N   . PHE A 1 69  ? 2.081   13.372  3.121   1.00 18.37  ? 69  PHE A N   1 
ATOM   544 C CA  . PHE A 1 69  ? 2.342   12.047  2.573   1.00 16.65  ? 69  PHE A CA  1 
ATOM   545 C C   . PHE A 1 69  ? 1.846   11.934  1.144   1.00 16.32  ? 69  PHE A C   1 
ATOM   546 O O   . PHE A 1 69  ? 0.810   12.496  0.815   1.00 15.86  ? 69  PHE A O   1 
ATOM   547 C CB  . PHE A 1 69  ? 1.619   10.954  3.346   1.00 21.09  ? 69  PHE A CB  1 
ATOM   548 C CG  . PHE A 1 69  ? 2.111   10.867  4.779   1.00 18.72  ? 69  PHE A CG  1 
ATOM   549 C CD1 . PHE A 1 69  ? 3.237   10.121  5.077   1.00 21.91  ? 69  PHE A CD1 1 
ATOM   550 C CD2 . PHE A 1 69  ? 1.388   11.506  5.756   1.00 19.99  ? 69  PHE A CD2 1 
ATOM   551 C CE1 . PHE A 1 69  ? 3.632   9.999   6.393   1.00 26.06  ? 69  PHE A CE1 1 
ATOM   552 C CE2 . PHE A 1 69  ? 1.794   11.370  7.069   1.00 32.59  ? 69  PHE A CE2 1 
ATOM   553 C CZ  . PHE A 1 69  ? 2.914   10.623  7.383   1.00 26.71  ? 69  PHE A CZ  1 
ATOM   554 N N   . TYR A 1 70  ? 2.553   11.197  0.280   1.00 16.61  ? 70  TYR A N   1 
ATOM   555 C CA  . TYR A 1 70  ? 2.061   11.039  -1.077  1.00 16.00  ? 70  TYR A CA  1 
ATOM   556 C C   . TYR A 1 70  ? 2.684   9.805   -1.681  1.00 13.63  ? 70  TYR A C   1 
ATOM   557 O O   . TYR A 1 70  ? 3.787   9.380   -1.319  1.00 12.70  ? 70  TYR A O   1 
ATOM   558 C CB  . TYR A 1 70  ? 2.403   12.286  -1.938  1.00 11.31  ? 70  TYR A CB  1 
ATOM   559 C CG  . TYR A 1 70  ? 3.886   12.464  -2.206  1.00 14.79  ? 70  TYR A CG  1 
ATOM   560 C CD1 . TYR A 1 70  ? 4.701   13.054  -1.233  1.00 20.84  ? 70  TYR A CD1 1 
ATOM   561 C CD2 . TYR A 1 70  ? 4.430   12.058  -3.415  1.00 14.61  ? 70  TYR A CD2 1 
ATOM   562 C CE1 . TYR A 1 70  ? 6.050   13.239  -1.483  1.00 20.46  ? 70  TYR A CE1 1 
ATOM   563 C CE2 . TYR A 1 70  ? 5.783   12.236  -3.675  1.00 16.62  ? 70  TYR A CE2 1 
ATOM   564 C CZ  . TYR A 1 70  ? 6.578   12.827  -2.707  1.00 22.45  ? 70  TYR A CZ  1 
ATOM   565 O OH  . TYR A 1 70  ? 7.922   13.010  -2.974  1.00 25.61  ? 70  TYR A OH  1 
ATOM   566 N N   . ILE A 1 71  ? 1.893   9.274   -2.618  1.00 13.48  ? 71  ILE A N   1 
ATOM   567 C CA  . ILE A 1 71  ? 2.380   8.205   -3.507  1.00 15.12  ? 71  ILE A CA  1 
ATOM   568 C C   . ILE A 1 71  ? 2.690   8.819   -4.861  1.00 11.08  ? 71  ILE A C   1 
ATOM   569 O O   . ILE A 1 71  ? 3.748   8.588   -5.398  1.00 15.59  ? 71  ILE A O   1 
ATOM   570 C CB  . ILE A 1 71  ? 1.329   7.067   -3.624  1.00 12.50  ? 71  ILE A CB  1 
ATOM   571 C CG1 . ILE A 1 71  ? 1.232   6.377   -2.268  1.00 12.56  ? 71  ILE A CG1 1 
ATOM   572 C CG2 . ILE A 1 71  ? 1.735   6.073   -4.728  1.00 16.10  ? 71  ILE A CG2 1 
ATOM   573 C CD1 . ILE A 1 71  ? 0.128   5.328   -2.110  1.00 17.19  ? 71  ILE A CD1 1 
ATOM   574 N N   . THR A 1 72  ? 1.792   9.570   -5.461  1.00 13.49  ? 72  THR A N   1 
ATOM   575 C CA  . THR A 1 72  ? 2.097   10.360  -6.629  1.00 16.65  ? 72  THR A CA  1 
ATOM   576 C C   . THR A 1 72  ? 2.168   11.832  -6.218  1.00 20.63  ? 72  THR A C   1 
ATOM   577 O O   . THR A 1 72  ? 1.379   12.301  -5.375  1.00 16.18  ? 72  THR A O   1 
ATOM   578 C CB  . THR A 1 72  ? 1.028   10.192  -7.724  1.00 20.45  ? 72  THR A CB  1 
ATOM   579 O OG1 . THR A 1 72  ? -0.256  10.442  -7.179  1.00 23.92  ? 72  THR A OG1 1 
ATOM   580 C CG2 . THR A 1 72  ? 1.055   8.793   -8.258  1.00 40.18  ? 72  THR A CG2 1 
ATOM   581 N N   . SER A 1 73  ? 3.118   12.539  -6.857  1.00 18.41  ? 73  SER A N   1 
ATOM   582 C CA  . SER A 1 73  ? 3.385   13.918  -6.531  1.00 23.76  ? 73  SER A CA  1 
ATOM   583 C C   . SER A 1 73  ? 2.188   14.826  -6.429  1.00 21.59  ? 73  SER A C   1 
ATOM   584 O O   . SER A 1 73  ? 2.210   15.722  -5.587  1.00 26.12  ? 73  SER A O   1 
ATOM   585 C CB  . SER A 1 73  ? 4.303   14.579  -7.551  1.00 23.97  ? 73  SER A CB  1 
ATOM   586 O OG  . SER A 1 73  ? 5.583   14.064  -7.298  1.00 46.47  ? 73  SER A OG  1 
ATOM   587 N N   . ARG A 1 74  ? 1.190   14.598  -7.281  1.00 17.13  ? 74  ARG A N   1 
ATOM   588 C CA  . ARG A 1 74  ? 0.089   15.528  -7.316  1.00 24.32  ? 74  ARG A CA  1 
ATOM   589 C C   . ARG A 1 74  ? -1.055  15.353  -6.352  1.00 25.10  ? 74  ARG A C   1 
ATOM   590 O O   . ARG A 1 74  ? -1.980  16.183  -6.333  1.00 26.73  ? 74  ARG A O   1 
ATOM   591 C CB  . ARG A 1 74  ? -0.474  15.578  -8.699  1.00 17.97  ? 74  ARG A CB  1 
ATOM   592 C CG  . ARG A 1 74  ? 0.368   16.635  -9.337  1.00 21.87  ? 74  ARG A CG  1 
ATOM   593 C CD  . ARG A 1 74  ? 0.895   16.093  -10.622 1.00 35.19  ? 74  ARG A CD  1 
ATOM   594 N NE  . ARG A 1 74  ? 0.095   16.447  -11.766 1.00 35.99  ? 74  ARG A NE  1 
ATOM   595 C CZ  . ARG A 1 74  ? 0.636   17.183  -12.738 1.00 32.61  ? 74  ARG A CZ  1 
ATOM   596 N NH1 . ARG A 1 74  ? 1.887   17.608  -12.691 1.00 38.89  ? 74  ARG A NH1 1 
ATOM   597 N NH2 . ARG A 1 74  ? -0.104  17.487  -13.782 1.00 25.77  ? 74  ARG A NH2 1 
ATOM   598 N N   . THR A 1 75  ? -0.993  14.275  -5.563  1.00 16.93  ? 75  THR A N   1 
ATOM   599 C CA  . THR A 1 75  ? -2.058  14.098  -4.600  1.00 16.60  ? 75  THR A CA  1 
ATOM   600 C C   . THR A 1 75  ? -1.407  13.837  -3.264  1.00 19.31  ? 75  THR A C   1 
ATOM   601 O O   . THR A 1 75  ? -0.883  12.761  -3.049  1.00 19.41  ? 75  THR A O   1 
ATOM   602 C CB  . THR A 1 75  ? -2.962  12.939  -4.935  1.00 17.92  ? 75  THR A CB  1 
ATOM   603 O OG1 . THR A 1 75  ? -3.315  13.075  -6.299  1.00 22.03  ? 75  THR A OG1 1 
ATOM   604 C CG2 . THR A 1 75  ? -4.252  12.982  -4.118  1.00 23.78  ? 75  THR A CG2 1 
ATOM   605 N N   . GLN A 1 76  ? -1.433  14.837  -2.384  1.00 14.91  ? 76  GLN A N   1 
ATOM   606 C CA  . GLN A 1 76  ? -0.784  14.728  -1.109  1.00 18.43  ? 76  GLN A CA  1 
ATOM   607 C C   . GLN A 1 76  ? -1.810  14.619  0.018   1.00 18.71  ? 76  GLN A C   1 
ATOM   608 O O   . GLN A 1 76  ? -2.962  15.054  -0.093  1.00 18.33  ? 76  GLN A O   1 
ATOM   609 C CB  . GLN A 1 76  ? 0.097   15.956  -0.948  1.00 29.30  ? 76  GLN A CB  1 
ATOM   610 C CG  . GLN A 1 76  ? 1.099   16.114  -2.105  1.00 42.70  ? 76  GLN A CG  1 
ATOM   611 C CD  . GLN A 1 76  ? 1.811   17.473  -2.193  1.00 52.73  ? 76  GLN A CD  1 
ATOM   612 O OE1 . GLN A 1 76  ? 1.368   18.480  -1.632  1.00 53.55  ? 76  GLN A OE1 1 
ATOM   613 N NE2 . GLN A 1 76  ? 2.932   17.523  -2.921  1.00 50.49  ? 76  GLN A NE2 1 
ATOM   614 N N   . PHE A 1 77  ? -1.425  14.022  1.131   1.00 13.17  ? 77  PHE A N   1 
ATOM   615 C CA  . PHE A 1 77  ? -2.352  13.790  2.240   1.00 14.10  ? 77  PHE A CA  1 
ATOM   616 C C   . PHE A 1 77  ? -1.723  14.309  3.527   1.00 17.00  ? 77  PHE A C   1 
ATOM   617 O O   . PHE A 1 77  ? -0.491  14.320  3.659   1.00 16.73  ? 77  PHE A O   1 
ATOM   618 C CB  . PHE A 1 77  ? -2.666  12.286  2.455   1.00 12.78  ? 77  PHE A CB  1 
ATOM   619 C CG  . PHE A 1 77  ? -3.233  11.750  1.147   1.00 14.68  ? 77  PHE A CG  1 
ATOM   620 C CD1 . PHE A 1 77  ? -4.597  11.805  0.908   1.00 17.54  ? 77  PHE A CD1 1 
ATOM   621 C CD2 . PHE A 1 77  ? -2.372  11.228  0.185   1.00 16.64  ? 77  PHE A CD2 1 
ATOM   622 C CE1 . PHE A 1 77  ? -5.088  11.339  -0.299  1.00 15.40  ? 77  PHE A CE1 1 
ATOM   623 C CE2 . PHE A 1 77  ? -2.878  10.764  -1.022  1.00 18.19  ? 77  PHE A CE2 1 
ATOM   624 C CZ  . PHE A 1 77  ? -4.231  10.826  -1.248  1.00 15.32  ? 77  PHE A CZ  1 
ATOM   625 N N   . SER A 1 78  ? -2.565  14.701  4.477   1.00 15.19  ? 78  SER A N   1 
ATOM   626 C CA  . SER A 1 78  ? -1.994  15.231  5.697   1.00 20.67  ? 78  SER A CA  1 
ATOM   627 C C   . SER A 1 78  ? -1.741  14.144  6.757   1.00 20.59  ? 78  SER A C   1 
ATOM   628 O O   . SER A 1 78  ? -1.098  14.385  7.787   1.00 17.31  ? 78  SER A O   1 
ATOM   629 C CB  . SER A 1 78  ? -2.926  16.355  6.155   1.00 19.92  ? 78  SER A CB  1 
ATOM   630 O OG  . SER A 1 78  ? -4.269  15.923  6.280   1.00 29.85  ? 78  SER A OG  1 
ATOM   631 N N   . SER A 1 79  ? -2.177  12.899  6.459   1.00 17.29  ? 79  SER A N   1 
ATOM   632 C CA  . SER A 1 79  ? -1.863  11.730  7.276   1.00 16.22  ? 79  SER A CA  1 
ATOM   633 C C   . SER A 1 79  ? -1.969  10.420  6.497   1.00 15.82  ? 79  SER A C   1 
ATOM   634 O O   . SER A 1 79  ? -2.610  10.392  5.439   1.00 16.21  ? 79  SER A O   1 
ATOM   635 C CB  . SER A 1 79  ? -2.798  11.615  8.478   1.00 15.90  ? 79  SER A CB  1 
ATOM   636 O OG  . SER A 1 79  ? -4.155  11.574  8.102   1.00 18.13  ? 79  SER A OG  1 
ATOM   637 N N   . LEU A 1 80  ? -1.326  9.343   6.972   1.00 16.81  ? 80  LEU A N   1 
ATOM   638 C CA  . LEU A 1 80  ? -1.542  7.991   6.425   1.00 13.86  ? 80  LEU A CA  1 
ATOM   639 C C   . LEU A 1 80  ? -2.996  7.582   6.541   1.00 15.04  ? 80  LEU A C   1 
ATOM   640 O O   . LEU A 1 80  ? -3.487  6.914   5.648   1.00 17.13  ? 80  LEU A O   1 
ATOM   641 C CB  . LEU A 1 80  ? -0.775  6.945   7.174   1.00 16.61  ? 80  LEU A CB  1 
ATOM   642 C CG  . LEU A 1 80  ? 0.726   6.979   7.010   1.00 22.05  ? 80  LEU A CG  1 
ATOM   643 C CD1 . LEU A 1 80  ? 1.329   5.884   7.913   1.00 18.34  ? 80  LEU A CD1 1 
ATOM   644 C CD2 . LEU A 1 80  ? 1.063   6.896   5.512   1.00 18.42  ? 80  LEU A CD2 1 
ATOM   645 N N   . GLN A 1 81  ? -3.736  7.925   7.606   1.00 14.58  ? 81  GLN A N   1 
ATOM   646 C CA  . GLN A 1 81  ? -5.106  7.503   7.651   1.00 16.63  ? 81  GLN A CA  1 
ATOM   647 C C   . GLN A 1 81  ? -5.971  8.234   6.620   1.00 14.46  ? 81  GLN A C   1 
ATOM   648 O O   . GLN A 1 81  ? -6.940  7.637   6.131   1.00 17.36  ? 81  GLN A O   1 
ATOM   649 C CB  . GLN A 1 81  ? -5.709  7.690   9.048   1.00 24.73  ? 81  GLN A CB  1 
ATOM   650 C CG  . GLN A 1 81  ? -5.100  8.531   10.129  1.00 28.54  ? 81  GLN A CG  1 
ATOM   651 C CD  . GLN A 1 81  ? -3.732  8.083   10.588  1.00 20.52  ? 81  GLN A CD  1 
ATOM   652 O OE1 . GLN A 1 81  ? -3.475  7.065   11.219  1.00 30.12  ? 81  GLN A OE1 1 
ATOM   653 N NE2 . GLN A 1 81  ? -2.781  8.907   10.271  1.00 18.10  ? 81  GLN A NE2 1 
ATOM   654 N N   . GLN A 1 82  ? -5.650  9.482   6.230   1.00 11.59  ? 82  GLN A N   1 
ATOM   655 C CA  . GLN A 1 82  ? -6.421  10.135  5.203   1.00 13.10  ? 82  GLN A CA  1 
ATOM   656 C C   . GLN A 1 82  ? -6.116  9.525   3.820   1.00 13.88  ? 82  GLN A C   1 
ATOM   657 O O   . GLN A 1 82  ? -6.971  9.423   2.942   1.00 15.27  ? 82  GLN A O   1 
ATOM   658 C CB  . GLN A 1 82  ? -6.080  11.616  5.226   1.00 21.52  ? 82  GLN A CB  1 
ATOM   659 C CG  . GLN A 1 82  ? -6.935  12.361  4.200   1.00 26.97  ? 82  GLN A CG  1 
ATOM   660 C CD  . GLN A 1 82  ? -6.378  13.666  3.659   1.00 31.46  ? 82  GLN A CD  1 
ATOM   661 O OE1 . GLN A 1 82  ? -7.085  14.417  2.996   1.00 39.63  ? 82  GLN A OE1 1 
ATOM   662 N NE2 . GLN A 1 82  ? -5.117  13.995  3.851   1.00 26.23  ? 82  GLN A NE2 1 
ATOM   663 N N   . LEU A 1 83  ? -4.841  9.184   3.586   1.00 12.82  ? 83  LEU A N   1 
ATOM   664 C CA  . LEU A 1 83  ? -4.401  8.499   2.368   1.00 13.35  ? 83  LEU A CA  1 
ATOM   665 C C   . LEU A 1 83  ? -5.094  7.146   2.240   1.00 15.41  ? 83  LEU A C   1 
ATOM   666 O O   . LEU A 1 83  ? -5.543  6.844   1.130   1.00 16.59  ? 83  LEU A O   1 
ATOM   667 C CB  . LEU A 1 83  ? -2.862  8.286   2.380   1.00 14.69  ? 83  LEU A CB  1 
ATOM   668 C CG  . LEU A 1 83  ? -2.154  7.514   1.222   1.00 16.08  ? 83  LEU A CG  1 
ATOM   669 C CD1 . LEU A 1 83  ? -0.700  7.966   1.203   1.00 17.62  ? 83  LEU A CD1 1 
ATOM   670 C CD2 . LEU A 1 83  ? -2.211  5.966   1.398   1.00 15.45  ? 83  LEU A CD2 1 
ATOM   671 N N   . VAL A 1 84  ? -5.179  6.330   3.333   1.00 13.27  ? 84  VAL A N   1 
ATOM   672 C CA  . VAL A 1 84  ? -5.885  5.063   3.244   1.00 15.86  ? 84  VAL A CA  1 
ATOM   673 C C   . VAL A 1 84  ? -7.376  5.304   2.941   1.00 15.25  ? 84  VAL A C   1 
ATOM   674 O O   . VAL A 1 84  ? -7.930  4.628   2.068   1.00 17.15  ? 84  VAL A O   1 
ATOM   675 C CB  . VAL A 1 84  ? -5.684  4.222   4.568   1.00 17.75  ? 84  VAL A CB  1 
ATOM   676 C CG1 . VAL A 1 84  ? -6.606  2.985   4.582   1.00 14.99  ? 84  VAL A CG1 1 
ATOM   677 C CG2 . VAL A 1 84  ? -4.230  3.710   4.604   1.00 16.57  ? 84  VAL A CG2 1 
ATOM   678 N N   . ALA A 1 85  ? -8.053  6.262   3.581   1.00 17.01  ? 85  ALA A N   1 
ATOM   679 C CA  . ALA A 1 85  ? -9.470  6.526   3.320   1.00 17.27  ? 85  ALA A CA  1 
ATOM   680 C C   . ALA A 1 85  ? -9.707  6.907   1.870   1.00 14.67  ? 85  ALA A C   1 
ATOM   681 O O   . ALA A 1 85  ? -10.675 6.531   1.233   1.00 17.15  ? 85  ALA A O   1 
ATOM   682 C CB  . ALA A 1 85  ? -9.959  7.668   4.178   1.00 15.07  ? 85  ALA A CB  1 
ATOM   683 N N   . TYR A 1 86  ? -8.745  7.631   1.319   1.00 14.71  ? 86  TYR A N   1 
ATOM   684 C CA  . TYR A 1 86  ? -8.862  8.106   -0.035  1.00 15.01  ? 86  TYR A CA  1 
ATOM   685 C C   . TYR A 1 86  ? -8.753  6.966   -1.062  1.00 19.02  ? 86  TYR A C   1 
ATOM   686 O O   . TYR A 1 86  ? -9.581  6.880   -1.986  1.00 20.63  ? 86  TYR A O   1 
ATOM   687 C CB  . TYR A 1 86  ? -7.776  9.159   -0.306  1.00 12.79  ? 86  TYR A CB  1 
ATOM   688 C CG  . TYR A 1 86  ? -7.823  9.678   -1.741  1.00 12.81  ? 86  TYR A CG  1 
ATOM   689 C CD1 . TYR A 1 86  ? -8.763  10.634  -2.079  1.00 14.99  ? 86  TYR A CD1 1 
ATOM   690 C CD2 . TYR A 1 86  ? -6.953  9.192   -2.693  1.00 14.02  ? 86  TYR A CD2 1 
ATOM   691 C CE1 . TYR A 1 86  ? -8.835  11.117  -3.359  1.00 16.09  ? 86  TYR A CE1 1 
ATOM   692 C CE2 . TYR A 1 86  ? -7.019  9.663   -3.971  1.00 18.08  ? 86  TYR A CE2 1 
ATOM   693 C CZ  . TYR A 1 86  ? -7.963  10.626  -4.295  1.00 22.56  ? 86  TYR A CZ  1 
ATOM   694 O OH  . TYR A 1 86  ? -8.021  11.136  -5.578  1.00 26.49  ? 86  TYR A OH  1 
ATOM   695 N N   . TYR A 1 87  ? -7.694  6.146   -0.942  1.00 14.40  ? 87  TYR A N   1 
ATOM   696 C CA  . TYR A 1 87  ? -7.519  5.091   -1.933  1.00 16.81  ? 87  TYR A CA  1 
ATOM   697 C C   . TYR A 1 87  ? -8.452  3.906   -1.730  1.00 13.40  ? 87  TYR A C   1 
ATOM   698 O O   . TYR A 1 87  ? -8.502  3.072   -2.615  1.00 19.77  ? 87  TYR A O   1 
ATOM   699 C CB  . TYR A 1 87  ? -6.054  4.635   -1.944  1.00 16.62  ? 87  TYR A CB  1 
ATOM   700 C CG  . TYR A 1 87  ? -5.154  5.689   -2.594  1.00 18.05  ? 87  TYR A CG  1 
ATOM   701 C CD1 . TYR A 1 87  ? -5.253  5.944   -3.959  1.00 14.82  ? 87  TYR A CD1 1 
ATOM   702 C CD2 . TYR A 1 87  ? -4.239  6.376   -1.808  1.00 15.23  ? 87  TYR A CD2 1 
ATOM   703 C CE1 . TYR A 1 87  ? -4.445  6.883   -4.539  1.00 16.60  ? 87  TYR A CE1 1 
ATOM   704 C CE2 . TYR A 1 87  ? -3.427  7.327   -2.391  1.00 13.83  ? 87  TYR A CE2 1 
ATOM   705 C CZ  . TYR A 1 87  ? -3.535  7.570   -3.751  1.00 14.90  ? 87  TYR A CZ  1 
ATOM   706 O OH  . TYR A 1 87  ? -2.735  8.517   -4.352  1.00 14.83  ? 87  TYR A OH  1 
ATOM   707 N N   . SER A 1 88  ? -9.163  3.859   -0.606  1.00 12.18  ? 88  SER A N   1 
ATOM   708 C CA  . SER A 1 88  ? -10.220 2.904   -0.370  1.00 15.66  ? 88  SER A CA  1 
ATOM   709 C C   . SER A 1 88  ? -11.469 3.294   -1.161  1.00 21.83  ? 88  SER A C   1 
ATOM   710 O O   . SER A 1 88  ? -12.391 2.494   -1.341  1.00 23.45  ? 88  SER A O   1 
ATOM   711 C CB  . SER A 1 88  ? -10.608 2.866   1.088   1.00 18.02  ? 88  SER A CB  1 
ATOM   712 O OG  . SER A 1 88  ? -9.569  2.290   1.845   1.00 22.89  ? 88  SER A OG  1 
ATOM   713 N N   . LYS A 1 89  ? -11.520 4.548   -1.630  1.00 21.28  ? 89  LYS A N   1 
ATOM   714 C CA  . LYS A 1 89  ? -12.664 5.026   -2.367  1.00 22.07  ? 89  LYS A CA  1 
ATOM   715 C C   . LYS A 1 89  ? -12.352 5.124   -3.842  1.00 19.22  ? 89  LYS A C   1 
ATOM   716 O O   . LYS A 1 89  ? -13.186 4.780   -4.677  1.00 24.88  ? 89  LYS A O   1 
ATOM   717 C CB  . LYS A 1 89  ? -13.049 6.369   -1.755  1.00 20.91  ? 89  LYS A CB  1 
ATOM   718 C CG  . LYS A 1 89  ? -14.547 6.703   -1.805  1.00 43.08  ? 89  LYS A CG  1 
ATOM   719 C CD  . LYS A 1 89  ? -15.069 6.968   -3.219  1.00 48.40  ? 89  LYS A CD  1 
ATOM   720 C CE  . LYS A 1 89  ? -16.587 7.012   -3.345  1.00 57.83  ? 89  LYS A CE  1 
ATOM   721 N NZ  . LYS A 1 89  ? -16.918 7.175   -4.754  1.00 65.23  ? 89  LYS A NZ  1 
ATOM   722 N N   . HIS A 1 90  ? -11.154 5.564   -4.191  1.00 16.11  ? 90  HIS A N   1 
ATOM   723 C CA  . HIS A 1 90  ? -10.735 5.784   -5.568  1.00 20.18  ? 90  HIS A CA  1 
ATOM   724 C C   . HIS A 1 90  ? -9.373  5.139   -5.747  1.00 22.42  ? 90  HIS A C   1 
ATOM   725 O O   . HIS A 1 90  ? -8.472  5.423   -4.949  1.00 23.82  ? 90  HIS A O   1 
ATOM   726 C CB  . HIS A 1 90  ? -10.545 7.296   -5.942  1.00 25.77  ? 90  HIS A CB  1 
ATOM   727 C CG  . HIS A 1 90  ? -11.736 8.200   -5.642  1.00 37.97  ? 90  HIS A CG  1 
ATOM   728 N ND1 . HIS A 1 90  ? -12.895 8.261   -6.306  1.00 36.24  ? 90  HIS A ND1 1 
ATOM   729 C CD2 . HIS A 1 90  ? -11.789 9.058   -4.563  1.00 34.45  ? 90  HIS A CD2 1 
ATOM   730 C CE1 . HIS A 1 90  ? -13.635 9.118   -5.650  1.00 38.58  ? 90  HIS A CE1 1 
ATOM   731 N NE2 . HIS A 1 90  ? -12.976 9.592   -4.610  1.00 40.72  ? 90  HIS A NE2 1 
ATOM   732 N N   . ALA A 1 91  ? -9.196  4.345   -6.824  1.00 17.83  ? 91  ALA A N   1 
ATOM   733 C CA  . ALA A 1 91  ? -7.925  3.698   -7.122  1.00 16.74  ? 91  ALA A CA  1 
ATOM   734 C C   . ALA A 1 91  ? -6.952  4.756   -7.609  1.00 18.09  ? 91  ALA A C   1 
ATOM   735 O O   . ALA A 1 91  ? -5.782  4.748   -7.256  1.00 20.74  ? 91  ALA A O   1 
ATOM   736 C CB  . ALA A 1 91  ? -8.078  2.661   -8.227  1.00 18.12  ? 91  ALA A CB  1 
ATOM   737 N N   . ASP A 1 92  ? -7.418  5.645   -8.499  1.00 21.67  ? 92  ASP A N   1 
ATOM   738 C CA  . ASP A 1 92  ? -6.718  6.863   -8.906  1.00 23.06  ? 92  ASP A CA  1 
ATOM   739 C C   . ASP A 1 92  ? -5.234  6.734   -9.160  1.00 27.77  ? 92  ASP A C   1 
ATOM   740 O O   . ASP A 1 92  ? -4.399  7.441   -8.584  1.00 31.15  ? 92  ASP A O   1 
ATOM   741 C CB  . ASP A 1 92  ? -7.033  7.867   -7.801  1.00 23.08  ? 92  ASP A CB  1 
ATOM   742 C CG  . ASP A 1 92  ? -6.904  9.313   -8.169  1.00 25.49  ? 92  ASP A CG  1 
ATOM   743 O OD1 . ASP A 1 92  ? -7.304  9.712   -9.258  1.00 34.61  ? 92  ASP A OD1 1 
ATOM   744 O OD2 . ASP A 1 92  ? -6.402  10.038  -7.330  1.00 25.49  ? 92  ASP A OD2 1 
ATOM   745 N N   . GLY A 1 93  ? -4.908  5.738   -9.982  1.00 24.03  ? 93  GLY A N   1 
ATOM   746 C CA  . GLY A 1 93  ? -3.511  5.471   -10.277 1.00 23.63  ? 93  GLY A CA  1 
ATOM   747 C C   . GLY A 1 93  ? -3.002  4.142   -9.716  1.00 25.11  ? 93  GLY A C   1 
ATOM   748 O O   . GLY A 1 93  ? -2.017  3.634   -10.246 1.00 27.17  ? 93  GLY A O   1 
ATOM   749 N N   . LEU A 1 94  ? -3.585  3.597   -8.629  1.00 19.21  ? 94  LEU A N   1 
ATOM   750 C CA  . LEU A 1 94  ? -3.235  2.312   -8.026  1.00 18.02  ? 94  LEU A CA  1 
ATOM   751 C C   . LEU A 1 94  ? -3.814  1.160   -8.847  1.00 16.05  ? 94  LEU A C   1 
ATOM   752 O O   . LEU A 1 94  ? -4.741  1.330   -9.638  1.00 16.92  ? 94  LEU A O   1 
ATOM   753 C CB  . LEU A 1 94  ? -3.791  2.202   -6.613  1.00 17.82  ? 94  LEU A CB  1 
ATOM   754 C CG  . LEU A 1 94  ? -2.955  2.659   -5.392  1.00 31.43  ? 94  LEU A CG  1 
ATOM   755 C CD1 . LEU A 1 94  ? -2.189  3.959   -5.638  1.00 28.68  ? 94  LEU A CD1 1 
ATOM   756 C CD2 . LEU A 1 94  ? -3.917  2.717   -4.220  1.00 29.25  ? 94  LEU A CD2 1 
ATOM   757 N N   . CYS A 1 95  ? -3.277  -0.029  -8.662  1.00 14.11  ? 95  CYS A N   1 
ATOM   758 C CA  . CYS A 1 95  ? -3.745  -1.189  -9.419  1.00 16.88  ? 95  CYS A CA  1 
ATOM   759 C C   . CYS A 1 95  ? -5.225  -1.486  -9.189  1.00 24.51  ? 95  CYS A C   1 
ATOM   760 O O   . CYS A 1 95  ? -5.917  -2.026  -10.059 1.00 25.73  ? 95  CYS A O   1 
ATOM   761 C CB  . CYS A 1 95  ? -2.921  -2.402  -9.022  1.00 20.26  ? 95  CYS A CB  1 
ATOM   762 S SG  . CYS A 1 95  ? -2.910  -2.831  -7.245  1.00 21.66  ? 95  CYS A SG  1 
ATOM   763 N N   . HIS A 1 96  ? -5.746  -1.052  -8.027  1.00 18.82  ? 96  HIS A N   1 
ATOM   764 C CA  . HIS A 1 96  ? -7.094  -1.389  -7.579  1.00 21.57  ? 96  HIS A CA  1 
ATOM   765 C C   . HIS A 1 96  ? -7.311  -0.590  -6.316  1.00 20.34  ? 96  HIS A C   1 
ATOM   766 O O   . HIS A 1 96  ? -6.397  -0.246  -5.562  1.00 22.92  ? 96  HIS A O   1 
ATOM   767 C CB  . HIS A 1 96  ? -7.199  -2.900  -7.237  1.00 21.10  ? 96  HIS A CB  1 
ATOM   768 C CG  . HIS A 1 96  ? -8.576  -3.388  -6.877  1.00 20.54  ? 96  HIS A CG  1 
ATOM   769 N ND1 . HIS A 1 96  ? -9.181  -3.308  -5.710  1.00 18.91  ? 96  HIS A ND1 1 
ATOM   770 C CD2 . HIS A 1 96  ? -9.418  -4.028  -7.760  1.00 24.02  ? 96  HIS A CD2 1 
ATOM   771 C CE1 . HIS A 1 96  ? -10.355 -3.872  -5.834  1.00 25.06  ? 96  HIS A CE1 1 
ATOM   772 N NE2 . HIS A 1 96  ? -10.491 -4.306  -7.070  1.00 23.94  ? 96  HIS A NE2 1 
ATOM   773 N N   . ARG A 1 97  ? -8.572  -0.329  -6.056  1.00 18.69  ? 97  ARG A N   1 
ATOM   774 C CA  . ARG A 1 97  ? -8.978  0.364   -4.848  1.00 22.88  ? 97  ARG A CA  1 
ATOM   775 C C   . ARG A 1 97  ? -8.653  -0.548  -3.640  1.00 19.54  ? 97  ARG A C   1 
ATOM   776 O O   . ARG A 1 97  ? -8.641  -1.775  -3.742  1.00 16.65  ? 97  ARG A O   1 
ATOM   777 C CB  . ARG A 1 97  ? -10.459 0.631   -5.042  1.00 24.48  ? 97  ARG A CB  1 
ATOM   778 C CG  . ARG A 1 97  ? -11.310 1.224   -4.004  1.00 32.76  ? 97  ARG A CG  1 
ATOM   779 C CD  . ARG A 1 97  ? -12.686 0.855   -4.524  1.00 51.27  ? 97  ARG A CD  1 
ATOM   780 N NE  . ARG A 1 97  ? -13.680 1.019   -3.477  1.00 73.20  ? 97  ARG A NE  1 
ATOM   781 C CZ  . ARG A 1 97  ? -13.946 0.077   -2.552  1.00 78.72  ? 97  ARG A CZ  1 
ATOM   782 N NH1 . ARG A 1 97  ? -13.312 -1.096  -2.538  1.00 77.74  ? 97  ARG A NH1 1 
ATOM   783 N NH2 . ARG A 1 97  ? -14.825 0.349   -1.581  1.00 84.31  ? 97  ARG A NH2 1 
ATOM   784 N N   . LEU A 1 98  ? -8.401  0.046   -2.465  1.00 15.66  ? 98  LEU A N   1 
ATOM   785 C CA  . LEU A 1 98  ? -8.108  -0.695  -1.243  1.00 15.90  ? 98  LEU A CA  1 
ATOM   786 C C   . LEU A 1 98  ? -9.408  -1.261  -0.709  1.00 13.01  ? 98  LEU A C   1 
ATOM   787 O O   . LEU A 1 98  ? -10.415 -0.576  -0.584  1.00 16.38  ? 98  LEU A O   1 
ATOM   788 C CB  . LEU A 1 98  ? -7.433  0.259   -0.201  1.00 14.22  ? 98  LEU A CB  1 
ATOM   789 C CG  . LEU A 1 98  ? -6.209  1.065   -0.710  1.00 14.82  ? 98  LEU A CG  1 
ATOM   790 C CD1 . LEU A 1 98  ? -5.579  1.829   0.442   1.00 14.52  ? 98  LEU A CD1 1 
ATOM   791 C CD2 . LEU A 1 98  ? -5.156  0.145   -1.306  1.00 14.06  ? 98  LEU A CD2 1 
ATOM   792 N N   . THR A 1 99  ? -9.383  -2.549  -0.461  1.00 13.11  ? 99  THR A N   1 
ATOM   793 C CA  . THR A 1 99  ? -10.565 -3.207  0.050   1.00 18.80  ? 99  THR A CA  1 
ATOM   794 C C   . THR A 1 99  ? -10.273 -3.779  1.440   1.00 18.76  ? 99  THR A C   1 
ATOM   795 O O   . THR A 1 99  ? -10.237 -3.014  2.401   1.00 25.33  ? 99  THR A O   1 
ATOM   796 C CB  . THR A 1 99  ? -11.031 -4.308  -0.993  1.00 18.13  ? 99  THR A CB  1 
ATOM   797 O OG1 . THR A 1 99  ? -10.042 -5.342  -1.118  1.00 16.82  ? 99  THR A OG1 1 
ATOM   798 C CG2 . THR A 1 99  ? -11.354 -3.633  -2.311  1.00 13.95  ? 99  THR A CG2 1 
ATOM   799 N N   . ASN A 1 100 ? -10.006 -5.056  1.659   1.00 17.53  ? 100 ASN A N   1 
ATOM   800 C CA  . ASN A 1 100 ? -9.783  -5.557  2.992   1.00 17.66  ? 100 ASN A CA  1 
ATOM   801 C C   . ASN A 1 100 ? -8.412  -5.204  3.553   1.00 14.36  ? 100 ASN A C   1 
ATOM   802 O O   . ASN A 1 100 ? -7.400  -5.035  2.877   1.00 16.48  ? 100 ASN A O   1 
ATOM   803 C CB  . ASN A 1 100 ? -9.911  -7.071  3.027   1.00 25.14  ? 100 ASN A CB  1 
ATOM   804 C CG  . ASN A 1 100 ? -11.329 -7.555  2.811   1.00 32.59  ? 100 ASN A CG  1 
ATOM   805 O OD1 . ASN A 1 100 ? -11.722 -8.525  3.449   1.00 40.22  ? 100 ASN A OD1 1 
ATOM   806 N ND2 . ASN A 1 100 ? -12.129 -6.950  1.930   1.00 37.07  ? 100 ASN A ND2 1 
ATOM   807 N N   . VAL A 1 101 ? -8.450  -5.078  4.866   1.00 20.39  ? 101 VAL A N   1 
ATOM   808 C CA  . VAL A 1 101 ? -7.231  -4.962  5.620   1.00 16.74  ? 101 VAL A CA  1 
ATOM   809 C C   . VAL A 1 101 ? -6.681  -6.393  5.694   1.00 19.60  ? 101 VAL A C   1 
ATOM   810 O O   . VAL A 1 101 ? -7.426  -7.370  5.859   1.00 19.47  ? 101 VAL A O   1 
ATOM   811 C CB  . VAL A 1 101 ? -7.579  -4.428  6.955   1.00 16.73  ? 101 VAL A CB  1 
ATOM   812 C CG1 . VAL A 1 101 ? -6.369  -4.548  7.874   1.00 22.01  ? 101 VAL A CG1 1 
ATOM   813 C CG2 . VAL A 1 101 ? -7.979  -2.978  6.787   1.00 18.29  ? 101 VAL A CG2 1 
ATOM   814 N N   . CYS A 1 102 ? -5.371  -6.525  5.498   1.00 18.62  ? 102 CYS A N   1 
ATOM   815 C CA  . CYS A 1 102 ? -4.729  -7.823  5.527   1.00 21.45  ? 102 CYS A CA  1 
ATOM   816 C C   . CYS A 1 102 ? -4.941  -8.405  6.929   1.00 22.61  ? 102 CYS A C   1 
ATOM   817 O O   . CYS A 1 102 ? -4.743  -7.674  7.909   1.00 21.20  ? 102 CYS A O   1 
ATOM   818 C CB  . CYS A 1 102 ? -3.246  -7.646  5.224   1.00 17.17  ? 102 CYS A CB  1 
ATOM   819 S SG  . CYS A 1 102 ? -2.451  -9.256  5.033   1.00 21.36  ? 102 CYS A SG  1 
ATOM   820 N N   . PRO A 1 103 ? -5.420  -9.662  7.061   1.00 24.26  ? 103 PRO A N   1 
ATOM   821 C CA  . PRO A 1 103 ? -5.495  -10.384 8.340   1.00 26.86  ? 103 PRO A CA  1 
ATOM   822 C C   . PRO A 1 103 ? -4.157  -10.538 9.020   1.00 35.40  ? 103 PRO A C   1 
ATOM   823 O O   . PRO A 1 103 ? -3.107  -10.656 8.396   1.00 26.08  ? 103 PRO A O   1 
ATOM   824 C CB  . PRO A 1 103 ? -6.134  -11.678 7.972   1.00 22.18  ? 103 PRO A CB  1 
ATOM   825 C CG  . PRO A 1 103 ? -6.984  -11.349 6.777   1.00 27.11  ? 103 PRO A CG  1 
ATOM   826 C CD  . PRO A 1 103 ? -6.068  -10.443 5.993   1.00 23.00  ? 103 PRO A CD  1 
ATOM   827 N N   . THR A 1 104 ? -4.427  -10.362 10.359  1.00 46.76  ? 104 THR A N   1 
ATOM   828 C CA  . THR A 1 104 ? -3.644  -10.366 11.609  1.00 56.47  ? 104 THR A CA  1 
ATOM   829 C C   . THR A 1 104 ? -3.097  -8.998  12.014  1.00 66.56  ? 104 THR A C   1 
ATOM   830 O O   . THR A 1 104 ? -3.648  -8.123  12.746  1.00 72.57  ? 104 THR A O   1 
ATOM   831 C CB  . THR A 1 104 ? -2.421  -11.391 11.618  1.00 52.00  ? 104 THR A CB  1 
ATOM   832 O OG1 . THR A 1 104 ? -1.482  -11.183 10.551  1.00 49.62  ? 104 THR A OG1 1 
ATOM   833 C CG2 . THR A 1 104 ? -3.038  -12.768 11.552  1.00 47.77  ? 104 THR A CG2 1 
ATOM   834 O OXT . THR A 1 104 ? -1.996  -8.710  11.526  1.00 76.46  ? 104 THR A OXT 1 
HETATM 835 N N   . PTR B 2 1   ? 8.717   -1.844  -5.884  1.00 21.50  ? 201 PTR B N   1 
HETATM 836 C CA  . PTR B 2 1   ? 7.891   -0.658  -5.986  1.00 18.43  ? 201 PTR B CA  1 
HETATM 837 C C   . PTR B 2 1   ? 7.526   -0.249  -7.408  1.00 21.48  ? 201 PTR B C   1 
HETATM 838 O O   . PTR B 2 1   ? 8.377   -0.227  -8.306  1.00 19.68  ? 201 PTR B O   1 
HETATM 839 C CB  . PTR B 2 1   ? 8.552   0.554   -5.362  1.00 23.03  ? 201 PTR B CB  1 
HETATM 840 C CG  . PTR B 2 1   ? 9.010   0.301   -3.951  1.00 24.51  ? 201 PTR B CG  1 
HETATM 841 C CD1 . PTR B 2 1   ? 8.064   0.318   -2.950  1.00 20.41  ? 201 PTR B CD1 1 
HETATM 842 C CD2 . PTR B 2 1   ? 10.357  0.000   -3.724  1.00 28.41  ? 201 PTR B CD2 1 
HETATM 843 C CE1 . PTR B 2 1   ? 8.465   0.036   -1.661  1.00 21.79  ? 201 PTR B CE1 1 
HETATM 844 C CE2 . PTR B 2 1   ? 10.778  -0.280  -2.443  1.00 22.30  ? 201 PTR B CE2 1 
HETATM 845 C CZ  . PTR B 2 1   ? 9.798   -0.256  -1.458  1.00 23.75  ? 201 PTR B CZ  1 
HETATM 846 O OH  . PTR B 2 1   ? 10.194  -0.499  -0.118  1.00 23.76  ? 201 PTR B OH  1 
HETATM 847 P P   . PTR B 2 1   ? 10.565  -1.981  0.368   1.00 19.58  ? 201 PTR B P   1 
HETATM 848 O O1P . PTR B 2 1   ? 11.974  -2.313  0.079   1.00 21.93  ? 201 PTR B O1P 1 
HETATM 849 O O2P . PTR B 2 1   ? 9.707   -2.933  -0.329  1.00 18.43  ? 201 PTR B O2P 1 
HETATM 850 O O3P . PTR B 2 1   ? 10.296  -1.929  1.811   1.00 19.66  ? 201 PTR B O3P 1 
ATOM   851 N N   . VAL B 2 2   ? 6.231   0.113   -7.563  1.00 17.80  ? 202 VAL B N   1 
ATOM   852 C CA  . VAL B 2 2   ? 5.682   0.641   -8.803  1.00 14.90  ? 202 VAL B CA  1 
ATOM   853 C C   . VAL B 2 2   ? 6.307   2.025   -8.938  1.00 18.85  ? 202 VAL B C   1 
ATOM   854 O O   . VAL B 2 2   ? 6.079   2.832   -8.048  1.00 20.21  ? 202 VAL B O   1 
ATOM   855 C CB  . VAL B 2 2   ? 4.157   0.739   -8.718  1.00 16.94  ? 202 VAL B CB  1 
ATOM   856 C CG1 . VAL B 2 2   ? 3.613   1.399   -9.977  1.00 16.78  ? 202 VAL B CG1 1 
ATOM   857 C CG2 . VAL B 2 2   ? 3.546   -0.660  -8.610  1.00 18.51  ? 202 VAL B CG2 1 
ATOM   858 N N   . PRO B 2 3   ? 7.143   2.382   -9.948  1.00 19.94  ? 203 PRO B N   1 
ATOM   859 C CA  . PRO B 2 3   ? 7.739   3.722   -10.082 1.00 19.20  ? 203 PRO B CA  1 
ATOM   860 C C   . PRO B 2 3   ? 6.657   4.735   -10.431 1.00 21.86  ? 203 PRO B C   1 
ATOM   861 O O   . PRO B 2 3   ? 6.088   4.740   -11.509 1.00 30.66  ? 203 PRO B O   1 
ATOM   862 C CB  . PRO B 2 3   ? 8.800   3.554   -11.158 1.00 17.25  ? 203 PRO B CB  1 
ATOM   863 C CG  . PRO B 2 3   ? 8.220   2.504   -12.066 1.00 17.99  ? 203 PRO B CG  1 
ATOM   864 C CD  . PRO B 2 3   ? 7.564   1.523   -11.063 1.00 19.95  ? 203 PRO B CD  1 
ATOM   865 N N   . MET B 2 4   ? 6.262   5.495   -9.429  1.00 20.85  ? 204 MET B N   1 
ATOM   866 C CA  . MET B 2 4   ? 5.263   6.528   -9.548  1.00 25.19  ? 204 MET B CA  1 
ATOM   867 C C   . MET B 2 4   ? 5.979   7.862   -9.559  1.00 26.43  ? 204 MET B C   1 
ATOM   868 O O   . MET B 2 4   ? 6.851   8.081   -8.723  1.00 23.24  ? 204 MET B O   1 
ATOM   869 C CB  . MET B 2 4   ? 4.333   6.577   -8.343  1.00 26.43  ? 204 MET B CB  1 
ATOM   870 C CG  . MET B 2 4   ? 3.490   5.360   -8.149  1.00 35.05  ? 204 MET B CG  1 
ATOM   871 S SD  . MET B 2 4   ? 2.301   5.322   -9.494  1.00 48.56  ? 204 MET B SD  1 
ATOM   872 C CE  . MET B 2 4   ? 0.766   5.247   -8.621  1.00 41.87  ? 204 MET B CE  1 
ATOM   873 N N   . LEU B 2 5   ? 5.693   8.802   -10.459 1.00 28.17  ? 205 LEU B N   1 
ATOM   874 C CA  . LEU B 2 5   ? 6.116   10.183  -10.363 1.00 40.95  ? 205 LEU B CA  1 
ATOM   875 C C   . LEU B 2 5   ? 5.263   10.882  -9.317  1.00 45.23  ? 205 LEU B C   1 
ATOM   876 O O   . LEU B 2 5   ? 5.365   12.099  -9.193  1.00 43.80  ? 205 LEU B O   1 
ATOM   877 C CB  . LEU B 2 5   ? 6.033   10.711  -11.767 1.00 33.90  ? 205 LEU B CB  1 
ATOM   878 C CG  . LEU B 2 5   ? 7.256   10.573  -12.669 1.00 36.99  ? 205 LEU B CG  1 
ATOM   879 C CD1 . LEU B 2 5   ? 7.709   9.149   -12.710 1.00 35.83  ? 205 LEU B CD1 1 
ATOM   880 C CD2 . LEU B 2 5   ? 6.889   11.034  -14.076 1.00 37.27  ? 205 LEU B CD2 1 
ATOM   881 O OXT . LEU B 2 5   ? 4.473   10.249  -8.636  1.00 62.30  ? 205 LEU B OXT 1 
HETATM 882 O O   . HOH C 3 .   ? -0.620  10.238  -3.698  1.00 13.69  ? 301 HOH A O   1 
HETATM 883 O O   . HOH C 3 .   ? -6.044  -11.089 -3.453  1.00 19.82  ? 302 HOH A O   1 
HETATM 884 O O   . HOH C 3 .   ? -0.076  9.565   9.515   1.00 20.03  ? 303 HOH A O   1 
HETATM 885 O O   . HOH C 3 .   ? -4.091  -12.774 -2.483  1.00 20.33  ? 304 HOH A O   1 
HETATM 886 O O   . HOH C 3 .   ? -3.529  9.555   -6.821  1.00 21.15  ? 305 HOH A O   1 
HETATM 887 O O   . HOH C 3 .   ? 5.405   6.424   -5.008  1.00 22.22  ? 306 HOH A O   1 
HETATM 888 O O   . HOH C 3 .   ? 5.522   -3.555  -6.820  1.00 22.41  ? 307 HOH A O   1 
HETATM 889 O O   . HOH C 3 .   ? -12.042 -7.105  -4.286  1.00 22.73  ? 308 HOH A O   1 
HETATM 890 O O   . HOH C 3 .   ? -6.121  -10.660 -6.238  1.00 23.60  ? 310 HOH A O   1 
HETATM 891 O O   . HOH C 3 .   ? 12.119  -8.755  2.209   1.00 25.00  ? 312 HOH A O   1 
HETATM 892 O O   . HOH C 3 .   ? -8.347  13.961  -6.075  1.00 27.36  ? 313 HOH A O   1 
HETATM 893 O O   . HOH C 3 .   ? 9.012   -9.020  8.633   1.00 27.87  ? 314 HOH A O   1 
HETATM 894 O O   . HOH C 3 .   ? -4.679  -6.472  10.416  1.00 28.45  ? 315 HOH A O   1 
HETATM 895 O O   . HOH C 3 .   ? -5.131  14.064  8.237   1.00 28.95  ? 316 HOH A O   1 
HETATM 896 O O   . HOH C 3 .   ? -5.968  13.001  -7.102  1.00 28.99  ? 317 HOH A O   1 
HETATM 897 O O   . HOH C 3 .   ? -9.434  10.896  2.753   1.00 29.33  ? 318 HOH A O   1 
HETATM 898 O O   . HOH C 3 .   ? -14.421 12.206  -5.448  1.00 29.47  ? 319 HOH A O   1 
HETATM 899 O O   . HOH C 3 .   ? -12.367 -6.807  -7.095  1.00 30.51  ? 320 HOH A O   1 
HETATM 900 O O   . HOH C 3 .   ? -4.295  4.574   12.448  1.00 30.64  ? 321 HOH A O   1 
HETATM 901 O O   . HOH C 3 .   ? -0.731  18.958  -5.620  1.00 31.70  ? 323 HOH A O   1 
HETATM 902 O O   . HOH C 3 .   ? -10.704 -0.765  -8.435  1.00 33.15  ? 324 HOH A O   1 
HETATM 903 O O   . HOH C 3 .   ? 9.818   13.353  -1.069  1.00 34.46  ? 325 HOH A O   1 
HETATM 904 O O   . HOH C 3 .   ? -2.911  -13.462 5.105   1.00 35.36  ? 326 HOH A O   1 
HETATM 905 O O   . HOH C 3 .   ? -4.235  17.275  1.083   1.00 35.45  ? 327 HOH A O   1 
HETATM 906 O O   . HOH C 3 .   ? -13.096 5.724   2.234   1.00 35.62  ? 328 HOH A O   1 
HETATM 907 O O   . HOH C 3 .   ? -0.226  1.080   -10.327 1.00 35.67  ? 329 HOH A O   1 
HETATM 908 O O   . HOH C 3 .   ? -0.925  -15.989 4.267   1.00 36.06  ? 330 HOH A O   1 
HETATM 909 O O   . HOH C 3 .   ? 3.386   -13.407 -7.160  1.00 37.25  ? 331 HOH A O   1 
HETATM 910 O O   . HOH C 3 .   ? 0.359   17.909  4.769   1.00 37.37  ? 332 HOH A O   1 
HETATM 911 O O   . HOH C 3 .   ? -10.751 0.042   3.104   1.00 38.40  ? 333 HOH A O   1 
HETATM 912 O O   . HOH C 3 .   ? -2.763  -16.956 -8.982  1.00 38.45  ? 334 HOH A O   1 
HETATM 913 O O   . HOH C 3 .   ? 4.152   -10.215 -6.190  1.00 38.60  ? 335 HOH A O   1 
HETATM 914 O O   . HOH C 3 .   ? -2.341  9.189   -10.607 1.00 39.98  ? 336 HOH A O   1 
HETATM 915 O O   . HOH C 3 .   ? -8.100  5.469   7.360   1.00 40.38  ? 337 HOH A O   1 
HETATM 916 O O   . HOH C 3 .   ? 10.016  9.569   3.077   1.00 40.65  ? 338 HOH A O   1 
HETATM 917 O O   . HOH C 3 .   ? -8.974  -11.214 4.086   1.00 40.80  ? 339 HOH A O   1 
HETATM 918 O O   . HOH C 3 .   ? -13.357 6.374   -8.240  1.00 41.79  ? 340 HOH A O   1 
HETATM 919 O O   . HOH C 3 .   ? -1.628  17.981  2.203   1.00 42.66  ? 342 HOH A O   1 
HETATM 920 O O   . HOH C 3 .   ? -6.673  3.963   -11.423 1.00 44.23  ? 343 HOH A O   1 
HETATM 921 O O   . HOH C 3 .   ? -13.906 -5.034  -5.393  1.00 44.31  ? 344 HOH A O   1 
HETATM 922 O O   . HOH C 3 .   ? -11.268 -4.899  6.150   1.00 45.42  ? 345 HOH A O   1 
HETATM 923 O O   . HOH C 3 .   ? 10.083  -2.553  7.299   1.00 46.19  ? 346 HOH A O   1 
HETATM 924 O O   . HOH C 3 .   ? 9.447   5.080   7.964   1.00 46.91  ? 347 HOH A O   1 
HETATM 925 O O   . HOH C 3 .   ? 7.291   -13.955 0.322   1.00 47.36  ? 348 HOH A O   1 
HETATM 926 O O   . HOH C 3 .   ? -3.815  11.930  -10.951 1.00 48.14  ? 349 HOH A O   1 
HETATM 927 O O   . HOH C 3 .   ? 7.153   -0.123  14.220  1.00 49.75  ? 350 HOH A O   1 
HETATM 928 O O   . HOH C 3 .   ? -1.772  12.452  -8.775  1.00 50.73  ? 351 HOH A O   1 
HETATM 929 O O   . HOH C 3 .   ? -3.987  -4.334  -12.007 1.00 51.87  ? 352 HOH A O   1 
HETATM 930 O O   . HOH C 3 .   ? -0.912  -1.541  14.319  1.00 52.62  ? 353 HOH A O   1 
HETATM 931 O O   . HOH C 3 .   ? 2.261   -1.884  13.981  1.00 53.32  ? 354 HOH A O   1 
HETATM 932 O O   . HOH C 3 .   ? 0.995   12.639  -9.960  1.00 60.52  ? 355 HOH A O   1 
HETATM 933 O O   . HOH C 3 .   ? 6.124   -7.975  -6.236  1.00 61.07  ? 356 HOH A O   1 
HETATM 934 O O   . HOH C 3 .   ? -4.668  2.177   -12.524 1.00 70.90  ? 358 HOH A O   1 
HETATM 935 O O   . HOH D 3 .   ? 5.715   3.687   -5.577  1.00 23.10  ? 309 HOH B O   1 
HETATM 936 O O   . HOH D 3 .   ? 9.423   -2.231  -9.901  1.00 23.90  ? 311 HOH B O   1 
HETATM 937 O O   . HOH D 3 .   ? 7.583   6.524   -6.642  1.00 30.98  ? 322 HOH B O   1 
HETATM 938 O O   . HOH D 3 .   ? 3.590   8.104   -12.370 1.00 41.91  ? 341 HOH B O   1 
HETATM 939 O O   . HOH D 3 .   ? 7.373   5.811   -13.686 1.00 67.05  ? 357 HOH B O   1 
# 
